data_2FAE
# 
_entry.id   2FAE 
# 
_audit_conform.dict_name       mmcif_pdbx.dic 
_audit_conform.dict_version    5.402 
_audit_conform.dict_location   http://mmcif.pdb.org/dictionaries/ascii/mmcif_pdbx.dic 
# 
loop_
_database_2.database_id 
_database_2.database_code 
_database_2.pdbx_database_accession 
_database_2.pdbx_DOI 
PDB   2FAE         pdb_00002fae 10.2210/pdb2fae/pdb 
RCSB  RCSB035650   ?            ?                   
WWPDB D_1000035650 ?            ?                   
# 
loop_
_pdbx_audit_revision_history.ordinal 
_pdbx_audit_revision_history.data_content_type 
_pdbx_audit_revision_history.major_revision 
_pdbx_audit_revision_history.minor_revision 
_pdbx_audit_revision_history.revision_date 
1 'Structure model' 1 0 2006-09-26 
2 'Structure model' 1 1 2008-05-01 
3 'Structure model' 1 2 2011-07-13 
4 'Structure model' 1 3 2023-08-30 
5 'Structure model' 1 4 2024-11-06 
6 'Structure model' 2 0 2025-02-12 
# 
_pdbx_audit_revision_details.ordinal             1 
_pdbx_audit_revision_details.revision_ordinal    1 
_pdbx_audit_revision_details.data_content_type   'Structure model' 
_pdbx_audit_revision_details.provider            repository 
_pdbx_audit_revision_details.type                'Initial release' 
_pdbx_audit_revision_details.description         ? 
_pdbx_audit_revision_details.details             ? 
# 
loop_
_pdbx_audit_revision_group.ordinal 
_pdbx_audit_revision_group.revision_ordinal 
_pdbx_audit_revision_group.data_content_type 
_pdbx_audit_revision_group.group 
1  2 'Structure model' 'Version format compliance' 
2  3 'Structure model' 'Version format compliance' 
3  4 'Structure model' 'Data collection'           
4  4 'Structure model' 'Database references'       
5  4 'Structure model' 'Derived calculations'      
6  4 'Structure model' 'Refinement description'    
7  5 'Structure model' 'Structure summary'         
8  6 'Structure model' Advisory                    
9  6 'Structure model' 'Atomic model'              
10 6 'Structure model' 'Data collection'           
11 6 'Structure model' 'Derived calculations'      
12 6 'Structure model' 'Non-polymer description'   
13 6 'Structure model' 'Structure summary'         
# 
loop_
_pdbx_audit_revision_category.ordinal 
_pdbx_audit_revision_category.revision_ordinal 
_pdbx_audit_revision_category.data_content_type 
_pdbx_audit_revision_category.category 
1  4 'Structure model' chem_comp_atom                
2  4 'Structure model' chem_comp_bond                
3  4 'Structure model' database_2                    
4  4 'Structure model' pdbx_initial_refinement_model 
5  4 'Structure model' pdbx_struct_conn_angle        
6  4 'Structure model' struct_conn                   
7  4 'Structure model' struct_site                   
8  5 'Structure model' pdbx_entry_details            
9  5 'Structure model' pdbx_modification_feature     
10 6 'Structure model' atom_site                     
11 6 'Structure model' chem_comp                     
12 6 'Structure model' chem_comp_atom                
13 6 'Structure model' chem_comp_bond                
14 6 'Structure model' entity                        
15 6 'Structure model' pdbx_distant_solvent_atoms    
16 6 'Structure model' pdbx_entity_nonpoly           
17 6 'Structure model' pdbx_modification_feature     
18 6 'Structure model' pdbx_nonpoly_scheme           
19 6 'Structure model' pdbx_unobs_or_zero_occ_atoms  
20 6 'Structure model' struct_asym                   
21 6 'Structure model' struct_conn                   
22 6 'Structure model' struct_site                   
# 
loop_
_pdbx_audit_revision_item.ordinal 
_pdbx_audit_revision_item.revision_ordinal 
_pdbx_audit_revision_item.data_content_type 
_pdbx_audit_revision_item.item 
1  4 'Structure model' '_database_2.pdbx_DOI'                            
2  4 'Structure model' '_database_2.pdbx_database_accession'             
3  4 'Structure model' '_pdbx_struct_conn_angle.ptnr1_auth_asym_id'      
4  4 'Structure model' '_pdbx_struct_conn_angle.ptnr1_auth_comp_id'      
5  4 'Structure model' '_pdbx_struct_conn_angle.ptnr1_auth_seq_id'       
6  4 'Structure model' '_pdbx_struct_conn_angle.ptnr1_label_asym_id'     
7  4 'Structure model' '_pdbx_struct_conn_angle.ptnr1_label_atom_id'     
8  4 'Structure model' '_pdbx_struct_conn_angle.ptnr1_label_comp_id'     
9  4 'Structure model' '_pdbx_struct_conn_angle.ptnr1_label_seq_id'      
10 4 'Structure model' '_pdbx_struct_conn_angle.ptnr3_auth_asym_id'      
11 4 'Structure model' '_pdbx_struct_conn_angle.ptnr3_auth_comp_id'      
12 4 'Structure model' '_pdbx_struct_conn_angle.ptnr3_auth_seq_id'       
13 4 'Structure model' '_pdbx_struct_conn_angle.ptnr3_label_asym_id'     
14 4 'Structure model' '_pdbx_struct_conn_angle.ptnr3_label_atom_id'     
15 4 'Structure model' '_pdbx_struct_conn_angle.ptnr3_label_comp_id'     
16 4 'Structure model' '_pdbx_struct_conn_angle.ptnr3_label_seq_id'      
17 4 'Structure model' '_pdbx_struct_conn_angle.value'                   
18 4 'Structure model' '_struct_conn.pdbx_dist_value'                    
19 4 'Structure model' '_struct_conn.pdbx_leaving_atom_flag'             
20 4 'Structure model' '_struct_conn.ptnr1_auth_asym_id'                 
21 4 'Structure model' '_struct_conn.ptnr1_auth_comp_id'                 
22 4 'Structure model' '_struct_conn.ptnr1_auth_seq_id'                  
23 4 'Structure model' '_struct_conn.ptnr1_label_asym_id'                
24 4 'Structure model' '_struct_conn.ptnr1_label_atom_id'                
25 4 'Structure model' '_struct_conn.ptnr1_label_comp_id'                
26 4 'Structure model' '_struct_conn.ptnr1_label_seq_id'                 
27 4 'Structure model' '_struct_conn.ptnr2_auth_asym_id'                 
28 4 'Structure model' '_struct_conn.ptnr2_auth_comp_id'                 
29 4 'Structure model' '_struct_conn.ptnr2_auth_seq_id'                  
30 4 'Structure model' '_struct_conn.ptnr2_label_asym_id'                
31 4 'Structure model' '_struct_conn.ptnr2_label_atom_id'                
32 4 'Structure model' '_struct_conn.ptnr2_label_comp_id'                
33 4 'Structure model' '_struct_conn.ptnr2_label_seq_id'                 
34 4 'Structure model' '_struct_site.pdbx_auth_asym_id'                  
35 4 'Structure model' '_struct_site.pdbx_auth_comp_id'                  
36 4 'Structure model' '_struct_site.pdbx_auth_seq_id'                   
37 6 'Structure model' '_atom_site.B_iso_or_equiv'                       
38 6 'Structure model' '_atom_site.Cartn_x'                              
39 6 'Structure model' '_atom_site.Cartn_y'                              
40 6 'Structure model' '_atom_site.Cartn_z'                              
41 6 'Structure model' '_atom_site.auth_atom_id'                         
42 6 'Structure model' '_atom_site.auth_comp_id'                         
43 6 'Structure model' '_atom_site.label_atom_id'                        
44 6 'Structure model' '_atom_site.label_comp_id'                        
45 6 'Structure model' '_atom_site.label_entity_id'                      
46 6 'Structure model' '_atom_site.type_symbol'                          
47 6 'Structure model' '_chem_comp.formula'                              
48 6 'Structure model' '_chem_comp.formula_weight'                       
49 6 'Structure model' '_chem_comp.id'                                   
50 6 'Structure model' '_chem_comp.mon_nstd_flag'                        
51 6 'Structure model' '_chem_comp.name'                                 
52 6 'Structure model' '_chem_comp.type'                                 
53 6 'Structure model' '_pdbx_modification_feature.auth_comp_id'         
54 6 'Structure model' '_pdbx_modification_feature.category'             
55 6 'Structure model' '_pdbx_modification_feature.comp_id_linking_atom' 
56 6 'Structure model' '_pdbx_modification_feature.label_comp_id'        
57 6 'Structure model' '_pdbx_modification_feature.ref_comp_id'          
58 6 'Structure model' '_pdbx_nonpoly_scheme.entity_id'                  
59 6 'Structure model' '_pdbx_nonpoly_scheme.mon_id'                     
60 6 'Structure model' '_pdbx_nonpoly_scheme.pdb_mon_id'                 
61 6 'Structure model' '_struct_asym.entity_id'                          
62 6 'Structure model' '_struct_conn.ptnr2_auth_comp_id'                 
63 6 'Structure model' '_struct_conn.ptnr2_label_atom_id'                
64 6 'Structure model' '_struct_conn.ptnr2_label_comp_id'                
65 6 'Structure model' '_struct_site.details'                            
66 6 'Structure model' '_struct_site.pdbx_auth_comp_id'                  
# 
_pdbx_database_status.entry_id                        2FAE 
_pdbx_database_status.deposit_site                    RCSB 
_pdbx_database_status.process_site                    RCSB 
_pdbx_database_status.recvd_initial_deposition_date   2005-12-07 
_pdbx_database_status.status_code                     REL 
_pdbx_database_status.status_code_sf                  REL 
_pdbx_database_status.status_code_mr                  ? 
_pdbx_database_status.SG_entry                        ? 
_pdbx_database_status.pdb_format_compatible           Y 
_pdbx_database_status.status_code_cs                  ? 
_pdbx_database_status.status_code_nmr_data            ? 
_pdbx_database_status.methods_development_category    ? 
# 
loop_
_pdbx_database_related.db_name 
_pdbx_database_related.db_id 
_pdbx_database_related.details 
_pdbx_database_related.content_type 
PDB 1L0H 'Crystal structure of buturyl-ACP from E. coli' unspecified 
PDB 1L0I 'Crystal structure of butyryl-ACP I62M mutant'  unspecified 
# 
_audit_author.name           'Roujeinikova, A.' 
_audit_author.pdbx_ordinal   1 
# 
_citation.id                        primary 
_citation.title                     
;Structural Studies of Fatty Acyl-(Acyl Carrier Protein) Thioesters Reveal a Hydrophobic Binding Cavity that Can Expand to Fit Longer Substrates.
;
_citation.journal_abbrev            J.Mol.Biol. 
_citation.journal_volume            365 
_citation.page_first                135 
_citation.page_last                 145 
_citation.year                      2007 
_citation.journal_id_ASTM           JMOBAK 
_citation.country                   UK 
_citation.journal_id_ISSN           0022-2836 
_citation.journal_id_CSD            0070 
_citation.book_publisher            ? 
_citation.pdbx_database_id_PubMed   17059829 
_citation.pdbx_database_id_DOI      10.1016/j.jmb.2006.09.049 
# 
loop_
_citation_author.citation_id 
_citation_author.name 
_citation_author.ordinal 
_citation_author.identifier_ORCID 
primary 'Roujeinikova, A.' 1 ? 
primary 'Simon, W.J.'      2 ? 
primary 'Gilroy, J.'       3 ? 
primary 'Rice, D.W.'       4 ? 
primary 'Rafferty, J.B.'   5 ? 
primary 'Slabas, A.R.'     6 ? 
# 
loop_
_entity.id 
_entity.type 
_entity.src_method 
_entity.pdbx_description 
_entity.formula_weight 
_entity.pdbx_number_of_molecules 
_entity.pdbx_ec 
_entity.pdbx_mutation 
_entity.pdbx_fragment 
_entity.details 
1 polymer     man 'Acyl carrier protein' 8514.264 2   ? ? ? ? 
2 non-polymer syn 'ZINC ION' 65.409   8   ? ? ? ? 
3 non-polymer syn 
'S-(2-{[N-(2-HYDROXY-4-{[HYDROXY(OXIDO)PHOSPHINO]OXY}-3,3-DIMETHYLBUTANOYL)-BETA-ALANYL]AMINO}ETHYL) DECANETHIOATE' 496.598  2   ? 
? ? ? 
4 water       nat water 18.015   237 ? ? ? ? 
# 
_entity_name_com.entity_id   1 
_entity_name_com.name        'ACP, Cytosolic-activating factor, CAF, Fatty acid synthase acyl carrier protein' 
# 
_entity_poly.entity_id                      1 
_entity_poly.type                           'polypeptide(L)' 
_entity_poly.nstd_linkage                   no 
_entity_poly.nstd_monomer                   no 
_entity_poly.pdbx_seq_one_letter_code       STIEERVKKIIGEQLGVKQEEVTNNASFVEDLGADSLDTVELVMALEEEFDTEIPDEEAEKITTVQAAIDYINGHQA 
_entity_poly.pdbx_seq_one_letter_code_can   STIEERVKKIIGEQLGVKQEEVTNNASFVEDLGADSLDTVELVMALEEEFDTEIPDEEAEKITTVQAAIDYINGHQA 
_entity_poly.pdbx_strand_id                 A,B 
_entity_poly.pdbx_target_identifier         ? 
# 
loop_
_pdbx_entity_nonpoly.entity_id 
_pdbx_entity_nonpoly.name 
_pdbx_entity_nonpoly.comp_id 
2 'ZINC ION'                                                                                                          ZN  
3 'S-(2-{[N-(2-HYDROXY-4-{[HYDROXY(OXIDO)PHOSPHINO]OXY}-3,3-DIMETHYLBUTANOYL)-BETA-ALANYL]AMINO}ETHYL) DECANETHIOATE' PM8 
4 water                                                                                                               HOH 
# 
loop_
_entity_poly_seq.entity_id 
_entity_poly_seq.num 
_entity_poly_seq.mon_id 
_entity_poly_seq.hetero 
1 1  SER n 
1 2  THR n 
1 3  ILE n 
1 4  GLU n 
1 5  GLU n 
1 6  ARG n 
1 7  VAL n 
1 8  LYS n 
1 9  LYS n 
1 10 ILE n 
1 11 ILE n 
1 12 GLY n 
1 13 GLU n 
1 14 GLN n 
1 15 LEU n 
1 16 GLY n 
1 17 VAL n 
1 18 LYS n 
1 19 GLN n 
1 20 GLU n 
1 21 GLU n 
1 22 VAL n 
1 23 THR n 
1 24 ASN n 
1 25 ASN n 
1 26 ALA n 
1 27 SER n 
1 28 PHE n 
1 29 VAL n 
1 30 GLU n 
1 31 ASP n 
1 32 LEU n 
1 33 GLY n 
1 34 ALA n 
1 35 ASP n 
1 36 SER n 
1 37 LEU n 
1 38 ASP n 
1 39 THR n 
1 40 VAL n 
1 41 GLU n 
1 42 LEU n 
1 43 VAL n 
1 44 MET n 
1 45 ALA n 
1 46 LEU n 
1 47 GLU n 
1 48 GLU n 
1 49 GLU n 
1 50 PHE n 
1 51 ASP n 
1 52 THR n 
1 53 GLU n 
1 54 ILE n 
1 55 PRO n 
1 56 ASP n 
1 57 GLU n 
1 58 GLU n 
1 59 ALA n 
1 60 GLU n 
1 61 LYS n 
1 62 ILE n 
1 63 THR n 
1 64 THR n 
1 65 VAL n 
1 66 GLN n 
1 67 ALA n 
1 68 ALA n 
1 69 ILE n 
1 70 ASP n 
1 71 TYR n 
1 72 ILE n 
1 73 ASN n 
1 74 GLY n 
1 75 HIS n 
1 76 GLN n 
1 77 ALA n 
# 
_entity_src_gen.entity_id                          1 
_entity_src_gen.pdbx_src_id                        1 
_entity_src_gen.pdbx_alt_source_flag               sample 
_entity_src_gen.pdbx_seq_type                      ? 
_entity_src_gen.pdbx_beg_seq_num                   ? 
_entity_src_gen.pdbx_end_seq_num                   ? 
_entity_src_gen.gene_src_common_name               ? 
_entity_src_gen.gene_src_genus                     Escherichia 
_entity_src_gen.pdbx_gene_src_gene                 ? 
_entity_src_gen.gene_src_species                   ? 
_entity_src_gen.gene_src_strain                    ? 
_entity_src_gen.gene_src_tissue                    ? 
_entity_src_gen.gene_src_tissue_fraction           ? 
_entity_src_gen.gene_src_details                   ? 
_entity_src_gen.pdbx_gene_src_fragment             ? 
_entity_src_gen.pdbx_gene_src_scientific_name      'Escherichia coli' 
_entity_src_gen.pdbx_gene_src_ncbi_taxonomy_id     562 
_entity_src_gen.pdbx_gene_src_variant              ? 
_entity_src_gen.pdbx_gene_src_cell_line            ? 
_entity_src_gen.pdbx_gene_src_atcc                 ? 
_entity_src_gen.pdbx_gene_src_organ                ? 
_entity_src_gen.pdbx_gene_src_organelle            ? 
_entity_src_gen.pdbx_gene_src_cell                 ? 
_entity_src_gen.pdbx_gene_src_cellular_location    ? 
_entity_src_gen.host_org_common_name               ? 
_entity_src_gen.pdbx_host_org_scientific_name      'Escherichia coli BL21(DE3)' 
_entity_src_gen.pdbx_host_org_ncbi_taxonomy_id     469008 
_entity_src_gen.host_org_genus                     Escherichia 
_entity_src_gen.pdbx_host_org_gene                 ? 
_entity_src_gen.pdbx_host_org_organ                ? 
_entity_src_gen.host_org_species                   'Escherichia coli' 
_entity_src_gen.pdbx_host_org_tissue               ? 
_entity_src_gen.pdbx_host_org_tissue_fraction      ? 
_entity_src_gen.pdbx_host_org_strain               'BL21(DE3)' 
_entity_src_gen.pdbx_host_org_variant              ? 
_entity_src_gen.pdbx_host_org_cell_line            ? 
_entity_src_gen.pdbx_host_org_atcc                 ? 
_entity_src_gen.pdbx_host_org_culture_collection   ? 
_entity_src_gen.pdbx_host_org_cell                 ? 
_entity_src_gen.pdbx_host_org_organelle            ? 
_entity_src_gen.pdbx_host_org_cellular_location    ? 
_entity_src_gen.pdbx_host_org_vector_type          ? 
_entity_src_gen.pdbx_host_org_vector               ? 
_entity_src_gen.host_org_details                   ? 
_entity_src_gen.expression_system_id               ? 
_entity_src_gen.plasmid_name                       ? 
_entity_src_gen.plasmid_details                    ? 
_entity_src_gen.pdbx_description                   ? 
# 
loop_
_chem_comp.id 
_chem_comp.type 
_chem_comp.mon_nstd_flag 
_chem_comp.name 
_chem_comp.pdbx_synonyms 
_chem_comp.formula 
_chem_comp.formula_weight 
ALA 'L-peptide linking' y ALANINE ? 'C3 H7 N O2'        89.093  
ARG 'L-peptide linking' y ARGININE ? 'C6 H15 N4 O2 1'    175.209 
ASN 'L-peptide linking' y ASPARAGINE ? 'C4 H8 N2 O3'       132.118 
ASP 'L-peptide linking' y 'ASPARTIC ACID' ? 'C4 H7 N O4'        133.103 
GLN 'L-peptide linking' y GLUTAMINE ? 'C5 H10 N2 O3'      146.144 
GLU 'L-peptide linking' y 'GLUTAMIC ACID' ? 'C5 H9 N O4'        147.129 
GLY 'peptide linking'   y GLYCINE ? 'C2 H5 N O2'        75.067  
HIS 'L-peptide linking' y HISTIDINE ? 'C6 H10 N3 O2 1'    156.162 
HOH non-polymer         . WATER ? 'H2 O'              18.015  
ILE 'L-peptide linking' y ISOLEUCINE ? 'C6 H13 N O2'       131.173 
LEU 'L-peptide linking' y LEUCINE ? 'C6 H13 N O2'       131.173 
LYS 'L-peptide linking' y LYSINE ? 'C6 H15 N2 O2 1'    147.195 
MET 'L-peptide linking' y METHIONINE ? 'C5 H11 N O2 S'     149.211 
PHE 'L-peptide linking' y PHENYLALANINE ? 'C9 H11 N O2'       165.189 
PM8 non-polymer         . 
'S-(2-{[N-(2-HYDROXY-4-{[HYDROXY(OXIDO)PHOSPHINO]OXY}-3,3-DIMETHYLBUTANOYL)-BETA-ALANYL]AMINO}ETHYL) DECANETHIOATE' ? 
'C21 H41 N2 O7 P S' 496.598 
PRO 'L-peptide linking' y PROLINE ? 'C5 H9 N O2'        115.130 
SER 'L-peptide linking' y SERINE ? 'C3 H7 N O3'        105.093 
THR 'L-peptide linking' y THREONINE ? 'C4 H9 N O3'        119.119 
TYR 'L-peptide linking' y TYROSINE ? 'C9 H11 N O3'       181.189 
VAL 'L-peptide linking' y VALINE ? 'C5 H11 N O2'       117.146 
ZN  non-polymer         . 'ZINC ION' ? 'Zn 2'              65.409  
# 
loop_
_pdbx_poly_seq_scheme.asym_id 
_pdbx_poly_seq_scheme.entity_id 
_pdbx_poly_seq_scheme.seq_id 
_pdbx_poly_seq_scheme.mon_id 
_pdbx_poly_seq_scheme.ndb_seq_num 
_pdbx_poly_seq_scheme.pdb_seq_num 
_pdbx_poly_seq_scheme.auth_seq_num 
_pdbx_poly_seq_scheme.pdb_mon_id 
_pdbx_poly_seq_scheme.auth_mon_id 
_pdbx_poly_seq_scheme.pdb_strand_id 
_pdbx_poly_seq_scheme.pdb_ins_code 
_pdbx_poly_seq_scheme.hetero 
A 1 1  SER 1  1  1  SER SER A . n 
A 1 2  THR 2  2  2  THR THR A . n 
A 1 3  ILE 3  3  3  ILE ILE A . n 
A 1 4  GLU 4  4  4  GLU GLU A . n 
A 1 5  GLU 5  5  5  GLU GLU A . n 
A 1 6  ARG 6  6  6  ARG ARG A . n 
A 1 7  VAL 7  7  7  VAL VAL A . n 
A 1 8  LYS 8  8  8  LYS LYS A . n 
A 1 9  LYS 9  9  9  LYS LYS A . n 
A 1 10 ILE 10 10 10 ILE ILE A . n 
A 1 11 ILE 11 11 11 ILE ILE A . n 
A 1 12 GLY 12 12 12 GLY GLY A . n 
A 1 13 GLU 13 13 13 GLU GLU A . n 
A 1 14 GLN 14 14 14 GLN GLN A . n 
A 1 15 LEU 15 15 15 LEU LEU A . n 
A 1 16 GLY 16 16 16 GLY GLY A . n 
A 1 17 VAL 17 17 17 VAL VAL A . n 
A 1 18 LYS 18 18 18 LYS LYS A . n 
A 1 19 GLN 19 19 19 GLN GLN A . n 
A 1 20 GLU 20 20 20 GLU GLU A . n 
A 1 21 GLU 21 21 21 GLU GLU A . n 
A 1 22 VAL 22 22 22 VAL VAL A . n 
A 1 23 THR 23 23 23 THR THR A . n 
A 1 24 ASN 24 24 24 ASN ASN A . n 
A 1 25 ASN 25 25 25 ASN ASN A . n 
A 1 26 ALA 26 26 26 ALA ALA A . n 
A 1 27 SER 27 27 27 SER SER A . n 
A 1 28 PHE 28 28 28 PHE PHE A . n 
A 1 29 VAL 29 29 29 VAL VAL A . n 
A 1 30 GLU 30 30 30 GLU GLU A . n 
A 1 31 ASP 31 31 31 ASP ASP A . n 
A 1 32 LEU 32 32 32 LEU LEU A . n 
A 1 33 GLY 33 33 33 GLY GLY A . n 
A 1 34 ALA 34 34 34 ALA ALA A . n 
A 1 35 ASP 35 35 35 ASP ASP A . n 
A 1 36 SER 36 36 36 SER SER A . n 
A 1 37 LEU 37 37 37 LEU LEU A . n 
A 1 38 ASP 38 38 38 ASP ASP A . n 
A 1 39 THR 39 39 39 THR THR A . n 
A 1 40 VAL 40 40 40 VAL VAL A . n 
A 1 41 GLU 41 41 41 GLU GLU A . n 
A 1 42 LEU 42 42 42 LEU LEU A . n 
A 1 43 VAL 43 43 43 VAL VAL A . n 
A 1 44 MET 44 44 44 MET MET A . n 
A 1 45 ALA 45 45 45 ALA ALA A . n 
A 1 46 LEU 46 46 46 LEU LEU A . n 
A 1 47 GLU 47 47 47 GLU GLU A . n 
A 1 48 GLU 48 48 48 GLU GLU A . n 
A 1 49 GLU 49 49 49 GLU GLU A . n 
A 1 50 PHE 50 50 50 PHE PHE A . n 
A 1 51 ASP 51 51 51 ASP ASP A . n 
A 1 52 THR 52 52 52 THR THR A . n 
A 1 53 GLU 53 53 53 GLU GLU A . n 
A 1 54 ILE 54 54 54 ILE ILE A . n 
A 1 55 PRO 55 55 55 PRO PRO A . n 
A 1 56 ASP 56 56 56 ASP ASP A . n 
A 1 57 GLU 57 57 57 GLU GLU A . n 
A 1 58 GLU 58 58 58 GLU GLU A . n 
A 1 59 ALA 59 59 59 ALA ALA A . n 
A 1 60 GLU 60 60 60 GLU GLU A . n 
A 1 61 LYS 61 61 61 LYS LYS A . n 
A 1 62 ILE 62 62 62 ILE ILE A . n 
A 1 63 THR 63 63 63 THR THR A . n 
A 1 64 THR 64 64 64 THR THR A . n 
A 1 65 VAL 65 65 65 VAL VAL A . n 
A 1 66 GLN 66 66 66 GLN GLN A . n 
A 1 67 ALA 67 67 67 ALA ALA A . n 
A 1 68 ALA 68 68 68 ALA ALA A . n 
A 1 69 ILE 69 69 69 ILE ILE A . n 
A 1 70 ASP 70 70 70 ASP ASP A . n 
A 1 71 TYR 71 71 71 TYR TYR A . n 
A 1 72 ILE 72 72 72 ILE ILE A . n 
A 1 73 ASN 73 73 73 ASN ASN A . n 
A 1 74 GLY 74 74 74 GLY GLY A . n 
A 1 75 HIS 75 75 75 HIS HIS A . n 
A 1 76 GLN 76 76 76 GLN GLN A . n 
A 1 77 ALA 77 77 77 ALA ALA A . n 
B 1 1  SER 1  1  1  SER SER B . n 
B 1 2  THR 2  2  2  THR THR B . n 
B 1 3  ILE 3  3  3  ILE ILE B . n 
B 1 4  GLU 4  4  4  GLU GLU B . n 
B 1 5  GLU 5  5  5  GLU GLU B . n 
B 1 6  ARG 6  6  6  ARG ARG B . n 
B 1 7  VAL 7  7  7  VAL VAL B . n 
B 1 8  LYS 8  8  8  LYS LYS B . n 
B 1 9  LYS 9  9  9  LYS LYS B . n 
B 1 10 ILE 10 10 10 ILE ILE B . n 
B 1 11 ILE 11 11 11 ILE ILE B . n 
B 1 12 GLY 12 12 12 GLY GLY B . n 
B 1 13 GLU 13 13 13 GLU GLU B . n 
B 1 14 GLN 14 14 14 GLN GLN B . n 
B 1 15 LEU 15 15 15 LEU LEU B . n 
B 1 16 GLY 16 16 16 GLY GLY B . n 
B 1 17 VAL 17 17 17 VAL VAL B . n 
B 1 18 LYS 18 18 18 LYS LYS B . n 
B 1 19 GLN 19 19 19 GLN GLN B . n 
B 1 20 GLU 20 20 20 GLU GLU B . n 
B 1 21 GLU 21 21 21 GLU GLU B . n 
B 1 22 VAL 22 22 22 VAL VAL B . n 
B 1 23 THR 23 23 23 THR THR B . n 
B 1 24 ASN 24 24 24 ASN ASN B . n 
B 1 25 ASN 25 25 25 ASN ASN B . n 
B 1 26 ALA 26 26 26 ALA ALA B . n 
B 1 27 SER 27 27 27 SER SER B . n 
B 1 28 PHE 28 28 28 PHE PHE B . n 
B 1 29 VAL 29 29 29 VAL VAL B . n 
B 1 30 GLU 30 30 30 GLU GLU B . n 
B 1 31 ASP 31 31 31 ASP ASP B . n 
B 1 32 LEU 32 32 32 LEU LEU B . n 
B 1 33 GLY 33 33 33 GLY GLY B . n 
B 1 34 ALA 34 34 34 ALA ALA B . n 
B 1 35 ASP 35 35 35 ASP ASP B . n 
B 1 36 SER 36 36 36 SER SER B . n 
B 1 37 LEU 37 37 37 LEU LEU B . n 
B 1 38 ASP 38 38 38 ASP ASP B . n 
B 1 39 THR 39 39 39 THR THR B . n 
B 1 40 VAL 40 40 40 VAL VAL B . n 
B 1 41 GLU 41 41 41 GLU GLU B . n 
B 1 42 LEU 42 42 42 LEU LEU B . n 
B 1 43 VAL 43 43 43 VAL VAL B . n 
B 1 44 MET 44 44 44 MET MET B . n 
B 1 45 ALA 45 45 45 ALA ALA B . n 
B 1 46 LEU 46 46 46 LEU LEU B . n 
B 1 47 GLU 47 47 47 GLU GLU B . n 
B 1 48 GLU 48 48 48 GLU GLU B . n 
B 1 49 GLU 49 49 49 GLU GLU B . n 
B 1 50 PHE 50 50 50 PHE PHE B . n 
B 1 51 ASP 51 51 51 ASP ASP B . n 
B 1 52 THR 52 52 52 THR THR B . n 
B 1 53 GLU 53 53 53 GLU GLU B . n 
B 1 54 ILE 54 54 54 ILE ILE B . n 
B 1 55 PRO 55 55 55 PRO PRO B . n 
B 1 56 ASP 56 56 56 ASP ASP B . n 
B 1 57 GLU 57 57 57 GLU GLU B . n 
B 1 58 GLU 58 58 58 GLU GLU B . n 
B 1 59 ALA 59 59 59 ALA ALA B . n 
B 1 60 GLU 60 60 60 GLU GLU B . n 
B 1 61 LYS 61 61 61 LYS LYS B . n 
B 1 62 ILE 62 62 62 ILE ILE B . n 
B 1 63 THR 63 63 63 THR THR B . n 
B 1 64 THR 64 64 64 THR THR B . n 
B 1 65 VAL 65 65 65 VAL VAL B . n 
B 1 66 GLN 66 66 66 GLN GLN B . n 
B 1 67 ALA 67 67 67 ALA ALA B . n 
B 1 68 ALA 68 68 68 ALA ALA B . n 
B 1 69 ILE 69 69 69 ILE ILE B . n 
B 1 70 ASP 70 70 70 ASP ASP B . n 
B 1 71 TYR 71 71 71 TYR TYR B . n 
B 1 72 ILE 72 72 72 ILE ILE B . n 
B 1 73 ASN 73 73 73 ASN ASN B . n 
B 1 74 GLY 74 74 74 GLY GLY B . n 
B 1 75 HIS 75 75 75 HIS HIS B . n 
B 1 76 GLN 76 76 76 GLN GLN B . n 
B 1 77 ALA 77 77 77 ALA ALA B . n 
# 
loop_
_pdbx_nonpoly_scheme.asym_id 
_pdbx_nonpoly_scheme.entity_id 
_pdbx_nonpoly_scheme.mon_id 
_pdbx_nonpoly_scheme.ndb_seq_num 
_pdbx_nonpoly_scheme.pdb_seq_num 
_pdbx_nonpoly_scheme.auth_seq_num 
_pdbx_nonpoly_scheme.pdb_mon_id 
_pdbx_nonpoly_scheme.auth_mon_id 
_pdbx_nonpoly_scheme.pdb_strand_id 
_pdbx_nonpoly_scheme.pdb_ins_code 
C 2 ZN  1   401 401  ZN  ZN  A . 
D 2 ZN  1   402 402  ZN  ZN  A . 
E 2 ZN  1   403 403  ZN  ZN  A . 
F 2 ZN  1   404 404  ZN  ZN  A . 
G 2 ZN  1   405 405  ZN  ZN  A . 
H 2 ZN  1   406 406  ZN  ZN  A . 
I 2 ZN  1   408 408  ZN  ZN  A . 
J 3 PM8 1   301 301  PM8 PM8 A . 
K 2 ZN  1   407 407  ZN  ZN  B . 
L 3 PM8 1   301 301  PM8 PSE B . 
M 4 HOH 1   409 6    HOH WAT A . 
M 4 HOH 2   410 7    HOH WAT A . 
M 4 HOH 3   411 8    HOH WAT A . 
M 4 HOH 4   412 9    HOH WAT A . 
M 4 HOH 5   413 11   HOH WAT A . 
M 4 HOH 6   414 13   HOH WAT A . 
M 4 HOH 7   415 14   HOH WAT A . 
M 4 HOH 8   416 15   HOH WAT A . 
M 4 HOH 9   417 16   HOH WAT A . 
M 4 HOH 10  418 17   HOH WAT A . 
M 4 HOH 11  419 18   HOH WAT A . 
M 4 HOH 12  420 19   HOH WAT A . 
M 4 HOH 13  421 20   HOH WAT A . 
M 4 HOH 14  422 23   HOH WAT A . 
M 4 HOH 15  423 24   HOH WAT A . 
M 4 HOH 16  424 28   HOH WAT A . 
M 4 HOH 17  425 29   HOH WAT A . 
M 4 HOH 18  426 30   HOH WAT A . 
M 4 HOH 19  427 31   HOH WAT A . 
M 4 HOH 20  428 32   HOH WAT A . 
M 4 HOH 21  429 34   HOH WAT A . 
M 4 HOH 22  430 35   HOH WAT A . 
M 4 HOH 23  431 36   HOH WAT A . 
M 4 HOH 24  432 37   HOH WAT A . 
M 4 HOH 25  433 38   HOH WAT A . 
M 4 HOH 26  434 39   HOH WAT A . 
M 4 HOH 27  435 41   HOH WAT A . 
M 4 HOH 28  436 42   HOH WAT A . 
M 4 HOH 29  437 43   HOH WAT A . 
M 4 HOH 30  438 46   HOH WAT A . 
M 4 HOH 31  439 47   HOH WAT A . 
M 4 HOH 32  440 48   HOH WAT A . 
M 4 HOH 33  441 49   HOH WAT A . 
M 4 HOH 34  442 51   HOH WAT A . 
M 4 HOH 35  443 52   HOH WAT A . 
M 4 HOH 36  444 53   HOH WAT A . 
M 4 HOH 37  445 54   HOH WAT A . 
M 4 HOH 38  446 55   HOH WAT A . 
M 4 HOH 39  447 56   HOH WAT A . 
M 4 HOH 40  448 57   HOH WAT A . 
M 4 HOH 41  449 58   HOH WAT A . 
M 4 HOH 42  450 59   HOH WAT A . 
M 4 HOH 43  451 60   HOH WAT A . 
M 4 HOH 44  452 61   HOH WAT A . 
M 4 HOH 45  453 82   HOH WAT A . 
M 4 HOH 46  454 84   HOH WAT A . 
M 4 HOH 47  455 85   HOH WAT A . 
M 4 HOH 48  456 86   HOH WAT A . 
M 4 HOH 49  457 87   HOH WAT A . 
M 4 HOH 50  458 88   HOH WAT A . 
M 4 HOH 51  459 89   HOH WAT A . 
M 4 HOH 52  460 90   HOH WAT A . 
M 4 HOH 53  461 91   HOH WAT A . 
M 4 HOH 54  462 92   HOH WAT A . 
M 4 HOH 55  463 93   HOH WAT A . 
M 4 HOH 56  464 94   HOH WAT A . 
M 4 HOH 57  465 95   HOH WAT A . 
M 4 HOH 58  466 96   HOH WAT A . 
M 4 HOH 59  467 97   HOH WAT A . 
M 4 HOH 60  468 99   HOH WAT A . 
M 4 HOH 61  469 101  HOH WAT A . 
M 4 HOH 62  470 102  HOH WAT A . 
M 4 HOH 63  471 103  HOH WAT A . 
M 4 HOH 64  472 104  HOH WAT A . 
M 4 HOH 65  473 106  HOH WAT A . 
M 4 HOH 66  474 107  HOH WAT A . 
M 4 HOH 67  475 109  HOH WAT A . 
M 4 HOH 68  476 110  HOH WAT A . 
M 4 HOH 69  477 111  HOH WAT A . 
M 4 HOH 70  478 112  HOH WAT A . 
M 4 HOH 71  479 114  HOH WAT A . 
M 4 HOH 72  480 115  HOH WAT A . 
M 4 HOH 73  481 116  HOH WAT A . 
M 4 HOH 74  482 117  HOH WAT A . 
M 4 HOH 75  483 118  HOH WAT A . 
M 4 HOH 76  484 119  HOH WAT A . 
M 4 HOH 77  485 120  HOH WAT A . 
M 4 HOH 78  486 121  HOH WAT A . 
M 4 HOH 79  487 122  HOH WAT A . 
M 4 HOH 80  488 123  HOH WAT A . 
M 4 HOH 81  489 124  HOH WAT A . 
M 4 HOH 82  490 125  HOH WAT A . 
M 4 HOH 83  491 126  HOH WAT A . 
M 4 HOH 84  492 127  HOH WAT A . 
M 4 HOH 85  493 128  HOH WAT A . 
M 4 HOH 86  494 129  HOH WAT A . 
M 4 HOH 87  495 130  HOH WAT A . 
M 4 HOH 88  496 131  HOH WAT A . 
M 4 HOH 89  497 132  HOH WAT A . 
M 4 HOH 90  498 133  HOH WAT A . 
M 4 HOH 91  499 134  HOH WAT A . 
M 4 HOH 92  500 135  HOH WAT A . 
M 4 HOH 93  501 136  HOH WAT A . 
M 4 HOH 94  502 137  HOH WAT A . 
M 4 HOH 95  503 138  HOH WAT A . 
M 4 HOH 96  504 157  HOH WAT A . 
M 4 HOH 97  505 158  HOH WAT A . 
M 4 HOH 98  506 159  HOH WAT A . 
M 4 HOH 99  507 160  HOH WAT A . 
M 4 HOH 100 508 161  HOH WAT A . 
M 4 HOH 101 509 162  HOH WAT A . 
M 4 HOH 102 510 163  HOH WAT A . 
M 4 HOH 103 511 164  HOH WAT A . 
M 4 HOH 104 512 165  HOH WAT A . 
M 4 HOH 105 513 166  HOH WAT A . 
M 4 HOH 106 514 167  HOH WAT A . 
M 4 HOH 107 515 169  HOH WAT A . 
M 4 HOH 108 516 170  HOH WAT A . 
M 4 HOH 109 517 171  HOH WAT A . 
M 4 HOH 110 518 172  HOH WAT A . 
M 4 HOH 111 519 173  HOH WAT A . 
M 4 HOH 112 520 174  HOH WAT A . 
M 4 HOH 113 521 176  HOH WAT A . 
M 4 HOH 114 522 178  HOH WAT A . 
M 4 HOH 115 523 179  HOH WAT A . 
M 4 HOH 116 524 180  HOH WAT A . 
M 4 HOH 117 525 183  HOH WAT A . 
M 4 HOH 118 526 187  HOH WAT A . 
M 4 HOH 119 527 191  HOH WAT A . 
M 4 HOH 120 528 192  HOH WAT A . 
M 4 HOH 121 529 193  HOH WAT A . 
M 4 HOH 122 530 194  HOH WAT A . 
M 4 HOH 123 531 195  HOH WAT A . 
M 4 HOH 124 532 196  HOH WAT A . 
M 4 HOH 125 533 197  HOH WAT A . 
M 4 HOH 126 534 198  HOH WAT A . 
M 4 HOH 127 535 199  HOH WAT A . 
M 4 HOH 128 536 200  HOH WAT A . 
M 4 HOH 129 537 201  HOH WAT A . 
M 4 HOH 130 538 202  HOH WAT A . 
M 4 HOH 131 539 210  HOH WAT A . 
M 4 HOH 132 540 211  HOH WAT A . 
M 4 HOH 133 541 212  HOH WAT A . 
M 4 HOH 134 542 213  HOH WAT A . 
M 4 HOH 135 543 214  HOH WAT A . 
M 4 HOH 136 544 215  HOH WAT A . 
M 4 HOH 137 545 216  HOH WAT A . 
M 4 HOH 138 546 217  HOH WAT A . 
M 4 HOH 139 547 218  HOH WAT A . 
M 4 HOH 140 548 219  HOH WAT A . 
M 4 HOH 141 549 220  HOH WAT A . 
M 4 HOH 142 550 221  HOH WAT A . 
M 4 HOH 143 551 270  HOH WAT A . 
M 4 HOH 144 552 271  HOH WAT A . 
M 4 HOH 145 553 272  HOH WAT A . 
M 4 HOH 146 554 273  HOH WAT A . 
M 4 HOH 147 555 274  HOH WAT A . 
M 4 HOH 148 556 275  HOH WAT A . 
M 4 HOH 149 557 276  HOH WAT A . 
M 4 HOH 150 558 1000 HOH WAT A . 
M 4 HOH 151 559 1003 HOH WAT A . 
M 4 HOH 152 560 1004 HOH WAT A . 
M 4 HOH 153 561 1005 HOH WAT A . 
M 4 HOH 154 562 1006 HOH WAT A . 
M 4 HOH 155 563 1007 HOH WAT A . 
M 4 HOH 156 564 1009 HOH WAT A . 
M 4 HOH 157 565 1012 HOH WAT A . 
M 4 HOH 158 566 1013 HOH WAT A . 
M 4 HOH 159 567 1016 HOH WAT A . 
M 4 HOH 160 568 1017 HOH WAT A . 
M 4 HOH 161 569 1019 HOH WAT A . 
N 4 HOH 1   408 3    HOH WAT B . 
N 4 HOH 2   409 4    HOH WAT B . 
N 4 HOH 3   410 5    HOH WAT B . 
N 4 HOH 4   411 21   HOH WAT B . 
N 4 HOH 5   412 22   HOH WAT B . 
N 4 HOH 6   413 25   HOH WAT B . 
N 4 HOH 7   414 26   HOH WAT B . 
N 4 HOH 8   415 27   HOH WAT B . 
N 4 HOH 9   416 45   HOH WAT B . 
N 4 HOH 10  417 62   HOH WAT B . 
N 4 HOH 11  418 63   HOH WAT B . 
N 4 HOH 12  419 64   HOH WAT B . 
N 4 HOH 13  420 65   HOH WAT B . 
N 4 HOH 14  421 66   HOH WAT B . 
N 4 HOH 15  422 67   HOH WAT B . 
N 4 HOH 16  423 69   HOH WAT B . 
N 4 HOH 17  424 70   HOH WAT B . 
N 4 HOH 18  425 71   HOH WAT B . 
N 4 HOH 19  426 72   HOH WAT B . 
N 4 HOH 20  427 73   HOH WAT B . 
N 4 HOH 21  428 74   HOH WAT B . 
N 4 HOH 22  429 75   HOH WAT B . 
N 4 HOH 23  430 76   HOH WAT B . 
N 4 HOH 24  431 77   HOH WAT B . 
N 4 HOH 25  432 78   HOH WAT B . 
N 4 HOH 26  433 81   HOH WAT B . 
N 4 HOH 27  434 83   HOH WAT B . 
N 4 HOH 28  435 100  HOH WAT B . 
N 4 HOH 29  436 113  HOH WAT B . 
N 4 HOH 30  437 139  HOH WAT B . 
N 4 HOH 31  438 140  HOH WAT B . 
N 4 HOH 32  439 141  HOH WAT B . 
N 4 HOH 33  440 142  HOH WAT B . 
N 4 HOH 34  441 143  HOH WAT B . 
N 4 HOH 35  442 144  HOH WAT B . 
N 4 HOH 36  443 145  HOH WAT B . 
N 4 HOH 37  444 146  HOH WAT B . 
N 4 HOH 38  445 147  HOH WAT B . 
N 4 HOH 39  446 148  HOH WAT B . 
N 4 HOH 40  447 149  HOH WAT B . 
N 4 HOH 41  448 150  HOH WAT B . 
N 4 HOH 42  449 151  HOH WAT B . 
N 4 HOH 43  450 152  HOH WAT B . 
N 4 HOH 44  451 153  HOH WAT B . 
N 4 HOH 45  452 154  HOH WAT B . 
N 4 HOH 46  453 155  HOH WAT B . 
N 4 HOH 47  454 156  HOH WAT B . 
N 4 HOH 48  455 184  HOH WAT B . 
N 4 HOH 49  456 185  HOH WAT B . 
N 4 HOH 50  457 186  HOH WAT B . 
N 4 HOH 51  458 188  HOH WAT B . 
N 4 HOH 52  459 189  HOH WAT B . 
N 4 HOH 53  460 190  HOH WAT B . 
N 4 HOH 54  461 203  HOH WAT B . 
N 4 HOH 55  462 204  HOH WAT B . 
N 4 HOH 56  463 205  HOH WAT B . 
N 4 HOH 57  464 206  HOH WAT B . 
N 4 HOH 58  465 207  HOH WAT B . 
N 4 HOH 59  466 208  HOH WAT B . 
N 4 HOH 60  467 209  HOH WAT B . 
N 4 HOH 61  468 222  HOH WAT B . 
N 4 HOH 62  469 223  HOH WAT B . 
N 4 HOH 63  470 224  HOH WAT B . 
N 4 HOH 64  471 225  HOH WAT B . 
N 4 HOH 65  472 226  HOH WAT B . 
N 4 HOH 66  473 227  HOH WAT B . 
N 4 HOH 67  474 228  HOH WAT B . 
N 4 HOH 68  475 229  HOH WAT B . 
N 4 HOH 69  476 230  HOH WAT B . 
N 4 HOH 70  477 1001 HOH WAT B . 
N 4 HOH 71  478 1002 HOH WAT B . 
N 4 HOH 72  479 1010 HOH WAT B . 
N 4 HOH 73  480 1011 HOH WAT B . 
N 4 HOH 74  481 1014 HOH WAT B . 
N 4 HOH 75  482 1015 HOH WAT B . 
N 4 HOH 76  483 1018 HOH WAT B . 
# 
loop_
_pdbx_unobs_or_zero_occ_atoms.id 
_pdbx_unobs_or_zero_occ_atoms.PDB_model_num 
_pdbx_unobs_or_zero_occ_atoms.polymer_flag 
_pdbx_unobs_or_zero_occ_atoms.occupancy_flag 
_pdbx_unobs_or_zero_occ_atoms.auth_asym_id 
_pdbx_unobs_or_zero_occ_atoms.auth_comp_id 
_pdbx_unobs_or_zero_occ_atoms.auth_seq_id 
_pdbx_unobs_or_zero_occ_atoms.PDB_ins_code 
_pdbx_unobs_or_zero_occ_atoms.auth_atom_id 
_pdbx_unobs_or_zero_occ_atoms.label_alt_id 
_pdbx_unobs_or_zero_occ_atoms.label_asym_id 
_pdbx_unobs_or_zero_occ_atoms.label_comp_id 
_pdbx_unobs_or_zero_occ_atoms.label_seq_id 
_pdbx_unobs_or_zero_occ_atoms.label_atom_id 
1  1 N 1 B PM8 301 ? C28 ? L PM8 1 C28 
2  1 N 1 B PM8 301 ? C29 ? L PM8 1 C29 
3  1 N 1 B PM8 301 ? C30 ? L PM8 1 C30 
4  1 N 1 B PM8 301 ? C31 ? L PM8 1 C31 
5  1 N 1 B PM8 301 ? C32 ? L PM8 1 C32 
6  1 N 1 B PM8 301 ? O33 ? L PM8 1 O33 
7  1 N 1 B PM8 301 ? C34 ? L PM8 1 C34 
8  1 N 1 B PM8 301 ? O35 ? L PM8 1 O35 
9  1 N 1 B PM8 301 ? N36 ? L PM8 1 N36 
10 1 N 1 B PM8 301 ? C37 ? L PM8 1 C37 
11 1 N 1 B PM8 301 ? C38 ? L PM8 1 C38 
12 1 N 1 B PM8 301 ? C39 ? L PM8 1 C39 
13 1 N 1 B PM8 301 ? O40 ? L PM8 1 O40 
14 1 N 1 B PM8 301 ? N41 ? L PM8 1 N41 
15 1 N 1 B PM8 301 ? C42 ? L PM8 1 C42 
16 1 N 1 B PM8 301 ? C43 ? L PM8 1 C43 
17 1 N 1 B PM8 301 ? S1  ? L PM8 1 S1  
18 1 N 1 B PM8 301 ? C1  ? L PM8 1 C1  
19 1 N 1 B PM8 301 ? O1  ? L PM8 1 O1  
20 1 N 1 B PM8 301 ? C2  ? L PM8 1 C2  
21 1 N 1 B PM8 301 ? C3  ? L PM8 1 C3  
22 1 N 1 B PM8 301 ? C4  ? L PM8 1 C4  
23 1 N 1 B PM8 301 ? C5  ? L PM8 1 C5  
24 1 N 1 B PM8 301 ? C6  ? L PM8 1 C6  
25 1 N 1 B PM8 301 ? C7  ? L PM8 1 C7  
26 1 N 1 B PM8 301 ? C8  ? L PM8 1 C8  
27 1 N 1 B PM8 301 ? C9  ? L PM8 1 C9  
28 1 N 1 B PM8 301 ? C10 ? L PM8 1 C10 
# 
loop_
_software.name 
_software.version 
_software.date 
_software.type 
_software.contact_author 
_software.contact_author_email 
_software.classification 
_software.location 
_software.language 
_software.citation_id 
_software.pdbx_ordinal 
CNS         .     ?               package 'Axel T. Brunger' axel.brunger@yale.edu    refinement        
http://cns.csb.yale.edu/v1.1/    Fortran_77 ? 1 
PDB_EXTRACT 1.701 'OCT. 28, 2005' package PDB               sw-help@rcsb.rutgers.edu 'data extraction' 
http://pdb.rutgers.edu/software/ C++        ? 2 
DENZO       .     ?               ?       ?                 ?                        'data reduction'  ? ?          ? 3 
SCALEPACK   .     ?               ?       ?                 ?                        'data scaling'    ? ?          ? 4 
CNS         .     ?               ?       ?                 ?                        phasing           ? ?          ? 5 
# 
_cell.length_a           47.248 
_cell.length_b           107.497 
_cell.length_c           28.041 
_cell.angle_alpha        90.00 
_cell.angle_beta         90.00 
_cell.angle_gamma        90.00 
_cell.entry_id           2FAE 
_cell.pdbx_unique_axis   ? 
_cell.Z_PDB              8 
_cell.length_a_esd       ? 
_cell.length_b_esd       ? 
_cell.length_c_esd       ? 
_cell.angle_alpha_esd    ? 
_cell.angle_beta_esd     ? 
_cell.angle_gamma_esd    ? 
# 
_symmetry.space_group_name_H-M             'P 21 21 2' 
_symmetry.entry_id                         2FAE 
_symmetry.pdbx_full_space_group_name_H-M   ? 
_symmetry.Int_Tables_number                18 
_symmetry.cell_setting                     ? 
_symmetry.space_group_name_Hall            ? 
# 
_exptl.entry_id          2FAE 
_exptl.crystals_number   1 
_exptl.method            'X-RAY DIFFRACTION' 
# 
_exptl_crystal.id                    1 
_exptl_crystal.density_Matthews      2.09 
_exptl_crystal.density_meas          ? 
_exptl_crystal.density_percent_sol   41.17 
_exptl_crystal.description           ? 
_exptl_crystal.F_000                 ? 
_exptl_crystal.preparation           ? 
# 
_exptl_crystal_grow.crystal_id      1 
_exptl_crystal_grow.method          'VAPOR DIFFUSION, HANGING DROP' 
_exptl_crystal_grow.pH              6.0 
_exptl_crystal_grow.temp            290 
_exptl_crystal_grow.temp_details    ? 
_exptl_crystal_grow.pdbx_details    
'8-12% PEG 4000, 30 mM zinc acetate, 50 mM sodium cocadylate, pH 6.0, VAPOR DIFFUSION, HANGING DROP, temperature 290K' 
_exptl_crystal_grow.pdbx_pH_range   . 
# 
_diffrn.id                     1 
_diffrn.ambient_temp           100 
_diffrn.ambient_temp_details   ? 
_diffrn.crystal_id             1 
# 
_diffrn_radiation.diffrn_id                        1 
_diffrn_radiation.wavelength_id                    1 
_diffrn_radiation.pdbx_diffrn_protocol             'SINGLE WAVELENGTH' 
_diffrn_radiation.monochromator                    ? 
_diffrn_radiation.pdbx_monochromatic_or_laue_m_l   M 
_diffrn_radiation.pdbx_scattering_type             x-ray 
# 
_diffrn_radiation_wavelength.id           1 
_diffrn_radiation_wavelength.wavelength   0.933 
_diffrn_radiation_wavelength.wt           1.0 
# 
_diffrn_source.diffrn_id                   1 
_diffrn_source.source                      SYNCHROTRON 
_diffrn_source.type                        'ESRF BEAMLINE ID14-2' 
_diffrn_source.pdbx_wavelength             ? 
_diffrn_source.pdbx_wavelength_list        0.933 
_diffrn_source.pdbx_synchrotron_site       ESRF 
_diffrn_source.pdbx_synchrotron_beamline   ID14-2 
# 
_reflns.entry_id                     2FAE 
_reflns.observed_criterion_sigma_F   0 
_reflns.observed_criterion_sigma_I   0 
_reflns.d_resolution_high            1.55 
_reflns.d_resolution_low             15 
_reflns.number_all                   ? 
_reflns.number_obs                   18488 
_reflns.percent_possible_obs         86 
_reflns.pdbx_Rmerge_I_obs            0.065 
_reflns.pdbx_Rsym_value              ? 
_reflns.pdbx_netI_over_sigmaI        17 
_reflns.B_iso_Wilson_estimate        12.6 
_reflns.pdbx_redundancy              3.1 
_reflns.R_free_details               ? 
_reflns.limit_h_max                  ? 
_reflns.limit_h_min                  ? 
_reflns.limit_k_max                  ? 
_reflns.limit_k_min                  ? 
_reflns.limit_l_max                  ? 
_reflns.limit_l_min                  ? 
_reflns.observed_criterion_F_max     ? 
_reflns.observed_criterion_F_min     ? 
_reflns.pdbx_chi_squared             ? 
_reflns.pdbx_scaling_rejects         ? 
_reflns.pdbx_diffrn_id               1 
_reflns.pdbx_ordinal                 1 
# 
_reflns_shell.d_res_high             1.55 
_reflns_shell.d_res_low              1.61 
_reflns_shell.percent_possible_obs   ? 
_reflns_shell.percent_possible_all   67 
_reflns_shell.Rmerge_I_obs           0.311 
_reflns_shell.meanI_over_sigI_obs    2.7 
_reflns_shell.pdbx_Rsym_value        ? 
_reflns_shell.pdbx_redundancy        ? 
_reflns_shell.number_unique_all      1396 
_reflns_shell.number_measured_all    ? 
_reflns_shell.number_measured_obs    ? 
_reflns_shell.number_unique_obs      ? 
_reflns_shell.pdbx_chi_squared       ? 
_reflns_shell.pdbx_diffrn_id         ? 
_reflns_shell.pdbx_ordinal           1 
# 
_refine.ls_d_res_high                            1.550 
_refine.ls_d_res_low                             10.000 
_refine.pdbx_ls_sigma_F                          0.00 
_refine.ls_percent_reflns_obs                    84.400 
_refine.ls_number_reflns_obs                     18093 
_refine.ls_R_factor_R_work                       0.214 
_refine.ls_R_factor_R_free                       0.269 
_refine.ls_percent_reflns_R_free                 4.100 
_refine.ls_number_reflns_R_free                  881 
_refine.B_iso_mean                               17.862 
_refine.solvent_model_param_bsol                 76.755 
_refine.aniso_B[1][1]                            -3.668 
_refine.aniso_B[2][2]                            -0.317 
_refine.aniso_B[3][3]                            3.985 
_refine.aniso_B[1][2]                            0.000 
_refine.aniso_B[1][3]                            0.000 
_refine.aniso_B[2][3]                            0.000 
_refine.entry_id                                 2FAE 
_refine.pdbx_ls_sigma_I                          ? 
_refine.ls_number_reflns_all                     ? 
_refine.ls_R_factor_all                          ? 
_refine.ls_R_factor_obs                          ? 
_refine.ls_redundancy_reflns_obs                 ? 
_refine.pdbx_data_cutoff_high_absF               ? 
_refine.pdbx_data_cutoff_low_absF                ? 
_refine.ls_number_parameters                     ? 
_refine.ls_number_restraints                     ? 
_refine.ls_R_factor_R_free_error                 ? 
_refine.ls_R_factor_R_free_error_details         ? 
_refine.pdbx_method_to_determine_struct          'MOLECULAR REPLACEMENT' 
_refine.pdbx_starting_model                      'PDB 1L0I' 
_refine.pdbx_ls_cross_valid_method               ? 
_refine.pdbx_R_Free_selection_details            '5% omitted at random' 
_refine.pdbx_stereochem_target_val_spec_case     ? 
_refine.pdbx_stereochemistry_target_values       'Engh & Huber' 
_refine.solvent_model_details                    ? 
_refine.solvent_model_param_ksol                 ? 
_refine.occupancy_max                            ? 
_refine.occupancy_min                            ? 
_refine.pdbx_isotropic_thermal_model             ? 
_refine.details                                  ? 
_refine.B_iso_min                                ? 
_refine.B_iso_max                                ? 
_refine.correlation_coeff_Fo_to_Fc               ? 
_refine.correlation_coeff_Fo_to_Fc_free          ? 
_refine.pdbx_solvent_vdw_probe_radii             ? 
_refine.pdbx_solvent_ion_probe_radii             ? 
_refine.pdbx_solvent_shrinkage_radii             ? 
_refine.overall_SU_R_Cruickshank_DPI             ? 
_refine.overall_SU_R_free                        ? 
_refine.overall_SU_ML                            ? 
_refine.overall_SU_B                             ? 
_refine.pdbx_overall_ESU_R_Free                  ? 
_refine.pdbx_data_cutoff_high_rms_absF           ? 
_refine.pdbx_overall_ESU_R                       ? 
_refine.ls_wR_factor_R_free                      ? 
_refine.ls_wR_factor_R_work                      ? 
_refine.overall_FOM_free_R_set                   ? 
_refine.overall_FOM_work_R_set                   ? 
_refine.pdbx_refine_id                           'X-RAY DIFFRACTION' 
_refine.pdbx_diffrn_id                           1 
_refine.pdbx_TLS_residual_ADP_flag               ? 
_refine.pdbx_overall_phase_error                 ? 
_refine.pdbx_overall_SU_R_free_Cruickshank_DPI   ? 
_refine.pdbx_overall_SU_R_Blow_DPI               ? 
_refine.pdbx_overall_SU_R_free_Blow_DPI          ? 
# 
_refine_hist.pdbx_refine_id                   'X-RAY DIFFRACTION' 
_refine_hist.cycle_id                         LAST 
_refine_hist.pdbx_number_atoms_protein        1194 
_refine_hist.pdbx_number_atoms_nucleic_acid   0 
_refine_hist.pdbx_number_atoms_ligand         44 
_refine_hist.number_atoms_solvent             237 
_refine_hist.number_atoms_total               1475 
_refine_hist.d_res_high                       1.550 
_refine_hist.d_res_low                        10.000 
# 
loop_
_refine_ls_restr.type 
_refine_ls_restr.dev_ideal 
_refine_ls_restr.dev_ideal_target 
_refine_ls_restr.number 
_refine_ls_restr.weight 
_refine_ls_restr.pdbx_refine_id 
_refine_ls_restr.pdbx_restraint_function 
c_angle_deg 2.3  ? ? ? 'X-RAY DIFFRACTION' ? 
c_bond_d    0.01 ? ? ? 'X-RAY DIFFRACTION' ? 
# 
loop_
_pdbx_xplor_file.serial_no 
_pdbx_xplor_file.param_file 
_pdbx_xplor_file.topol_file 
_pdbx_xplor_file.pdbx_refine_id 
1 protein_rep.param          ? 'X-RAY DIFFRACTION' 
2 CNS_TOPPAR:water_rep.param ? 'X-RAY DIFFRACTION' 
3 CNS_TOPPAR:ion.param       ? 'X-RAY DIFFRACTION' 
# 
_struct.entry_id                  2FAE 
_struct.title                     'Crystal structure of E. coli decanoyl-ACP' 
_struct.pdbx_model_details        ? 
_struct.pdbx_CASP_flag            ? 
_struct.pdbx_model_type_details   ? 
# 
_struct_keywords.entry_id        2FAE 
_struct_keywords.pdbx_keywords   'BIOSYNTHETIC PROTEIN' 
_struct_keywords.text            'acyl carrier protein, acyl chain binding, fatty acid biosynthesis, BIOSYNTHETIC PROTEIN' 
# 
loop_
_struct_asym.id 
_struct_asym.pdbx_blank_PDB_chainid_flag 
_struct_asym.pdbx_modified 
_struct_asym.entity_id 
_struct_asym.details 
A N N 1 ? 
B N N 1 ? 
C N N 2 ? 
D N N 2 ? 
E N N 2 ? 
F N N 2 ? 
G N N 2 ? 
H N N 2 ? 
I N N 2 ? 
J N N 3 ? 
K N N 2 ? 
L N N 3 ? 
M N N 4 ? 
N N N 4 ? 
# 
_struct_ref.id                         1 
_struct_ref.db_name                    UNP 
_struct_ref.db_code                    ACP_ECOLI 
_struct_ref.pdbx_db_accession          P0A6A8 
_struct_ref.entity_id                  1 
_struct_ref.pdbx_seq_one_letter_code   STIEERVKKIIGEQLGVKQEEVTNNASFVEDLGADSLDTVELVMALEEEFDTEIPDEEAEKITTVQAAIDYINGHQA 
_struct_ref.pdbx_align_begin           1 
_struct_ref.pdbx_db_isoform            ? 
# 
loop_
_struct_ref_seq.align_id 
_struct_ref_seq.ref_id 
_struct_ref_seq.pdbx_PDB_id_code 
_struct_ref_seq.pdbx_strand_id 
_struct_ref_seq.seq_align_beg 
_struct_ref_seq.pdbx_seq_align_beg_ins_code 
_struct_ref_seq.seq_align_end 
_struct_ref_seq.pdbx_seq_align_end_ins_code 
_struct_ref_seq.pdbx_db_accession 
_struct_ref_seq.db_align_beg 
_struct_ref_seq.pdbx_db_align_beg_ins_code 
_struct_ref_seq.db_align_end 
_struct_ref_seq.pdbx_db_align_end_ins_code 
_struct_ref_seq.pdbx_auth_seq_align_beg 
_struct_ref_seq.pdbx_auth_seq_align_end 
1 1 2FAE A 1 ? 77 ? P0A6A8 1 ? 77 ? 1 77 
2 1 2FAE B 1 ? 77 ? P0A6A8 1 ? 77 ? 1 77 
# 
loop_
_pdbx_struct_assembly.id 
_pdbx_struct_assembly.details 
_pdbx_struct_assembly.method_details 
_pdbx_struct_assembly.oligomeric_details 
_pdbx_struct_assembly.oligomeric_count 
1  author_defined_assembly              ?    monomeric  1 
2  author_and_software_defined_assembly PISA monomeric  1 
3  software_defined_assembly            PISA tetrameric 4 
4  software_defined_assembly            PISA tetrameric 4 
5  software_defined_assembly            PISA tetrameric 4 
6  software_defined_assembly            PISA tetrameric 4 
7  software_defined_assembly            PISA tetrameric 4 
8  software_defined_assembly            PISA dimeric    2 
9  software_defined_assembly            PISA dimeric    2 
10 software_defined_assembly            PISA dimeric    2 
11 software_defined_assembly            PISA dimeric    2 
# 
loop_
_pdbx_struct_assembly_prop.biol_id 
_pdbx_struct_assembly_prop.type 
_pdbx_struct_assembly_prop.value 
_pdbx_struct_assembly_prop.details 
3  'ABSA (A^2)' 4910  ? 
3  MORE         -301  ? 
3  'SSA (A^2)'  18090 ? 
4  'ABSA (A^2)' 4460  ? 
4  MORE         -352  ? 
4  'SSA (A^2)'  18740 ? 
5  'ABSA (A^2)' 5720  ? 
5  MORE         -315  ? 
5  'SSA (A^2)'  17280 ? 
6  'ABSA (A^2)' 3860  ? 
6  MORE         -279  ? 
6  'SSA (A^2)'  19140 ? 
7  'ABSA (A^2)' 5010  ? 
7  MORE         -328  ? 
7  'SSA (A^2)'  18090 ? 
8  'ABSA (A^2)' 2010  ? 
8  MORE         -153  ? 
8  'SSA (A^2)'  9540  ? 
9  'ABSA (A^2)' 2090  ? 
9  MORE         -123  ? 
9  'SSA (A^2)'  9360  ? 
10 'ABSA (A^2)' 2000  ? 
10 MORE         -126  ? 
10 'SSA (A^2)'  9450  ? 
11 'ABSA (A^2)' 2920  ? 
11 MORE         -196  ? 
11 'SSA (A^2)'  9790  ? 
# 
loop_
_pdbx_struct_assembly_gen.assembly_id 
_pdbx_struct_assembly_gen.oper_expression 
_pdbx_struct_assembly_gen.asym_id_list 
1  1   A,C,D,E,F,G,H,I,J,M         
2  1   B,K,L,N                     
3  1,2 A,C,D,E,F,G,H,I,J,M         
3  3,4 B,K,L,N                     
4  1,2 A,C,D,E,F,G,H,I,J,M         
4  5,6 B,K,L,N                     
5  1,2 A,B,C,D,E,F,G,H,I,J,K,L,M,N 
6  1,2 A,C,D,E,F,G,H,I,J,M         
6  7,8 B,K,L,N                     
7  1,9 A,C,D,E,F,G,H,I,J,M         
7  5,2 B,K,L,N                     
8  1   A,C,D,E,F,G,H,I,J,M         
8  5   B,K,L,N                     
9  1   A,B,C,D,E,F,G,H,I,J,K,L,M,N 
10 1   A,C,D,E,F,G,H,I,J,M         
10 2   B,K,L,N                     
11 1,2 A,C,D,E,F,G,H,I,J,M         
# 
loop_
_pdbx_struct_oper_list.id 
_pdbx_struct_oper_list.type 
_pdbx_struct_oper_list.name 
_pdbx_struct_oper_list.symmetry_operation 
_pdbx_struct_oper_list.matrix[1][1] 
_pdbx_struct_oper_list.matrix[1][2] 
_pdbx_struct_oper_list.matrix[1][3] 
_pdbx_struct_oper_list.vector[1] 
_pdbx_struct_oper_list.matrix[2][1] 
_pdbx_struct_oper_list.matrix[2][2] 
_pdbx_struct_oper_list.matrix[2][3] 
_pdbx_struct_oper_list.vector[2] 
_pdbx_struct_oper_list.matrix[3][1] 
_pdbx_struct_oper_list.matrix[3][2] 
_pdbx_struct_oper_list.matrix[3][3] 
_pdbx_struct_oper_list.vector[3] 
1 'identity operation'         1_555 x,y,z         1.0000000000 0.0000000000 0.0000000000  0.0000000000   0.0000000000 1.0000000000  0.0000000000  0.0000000000   0.0000000000  0.0000000000  1.0000000000  0.0000000000   
2 'crystal symmetry operation' 2_665 -x+1,-y+1,z   0.3852787049 0.7931562246 -0.4716603894 13.9401816418  0.7931562246 -0.5458698712 -0.2700542298 -21.2933144387 -0.4716603894 -0.2700542298 -0.8394088337 5.1352878790   
3 'crystal symmetry operation' 1_556 x,y,z+1       1.0000000000 0.0000000000 0.0000000000  -23.3371102880 0.0000000000 1.0000000000  0.0000000000  -13.3619135446 0.0000000000  0.0000000000  1.0000000000  7.9458310349   
4 'crystal symmetry operation' 2_666 -x+1,-y+1,z+1 0.3852787049 0.7931562246 -0.4716603894 -9.3969286461  0.7931562246 -0.5458698712 -0.2700542298 -34.6552279832 -0.4716603894 -0.2700542298 -0.8394088337 13.0811189139  
5 'crystal symmetry operation' 1_455 x-1,y,z       1.0000000000 0.0000000000 0.0000000000  8.4112232852   0.0000000000 1.0000000000  0.0000000000  12.0176970467  0.0000000000  0.0000000000  1.0000000000  44.9132473168  
6 'crystal symmetry operation' 2_765 -x+2,-y+1,z   0.3852787049 0.7931562246 -0.4716603894 5.5289583566   0.7931562246 -0.5458698712 -0.2700542298 -33.3110114854 -0.4716603894 -0.2700542298 -0.8394088337 -39.7779594378 
7 'crystal symmetry operation' 1_456 x-1,y,z+1     1.0000000000 0.0000000000 0.0000000000  -14.9258870028 0.0000000000 1.0000000000  0.0000000000  -1.3442164979  0.0000000000  0.0000000000  1.0000000000  52.8590783517  
8 'crystal symmetry operation' 2_766 -x+2,-y+1,z+1 0.3852787049 0.7931562246 -0.4716603894 -17.8081519313 0.7931562246 -0.5458698712 -0.2700542298 -46.6729250300 -0.4716603894 -0.2700542298 -0.8394088337 -31.8321284029 
9 'crystal symmetry operation' 2_565 -x,-y+1,z     0.3852787049 0.7931562246 -0.4716603894 22.3514049270  0.7931562246 -0.5458698712 -0.2700542298 -9.2756173919  -0.4716603894 -0.2700542298 -0.8394088337 50.0485351958  
# 
loop_
_struct_conf.conf_type_id 
_struct_conf.id 
_struct_conf.pdbx_PDB_helix_id 
_struct_conf.beg_label_comp_id 
_struct_conf.beg_label_asym_id 
_struct_conf.beg_label_seq_id 
_struct_conf.pdbx_beg_PDB_ins_code 
_struct_conf.end_label_comp_id 
_struct_conf.end_label_asym_id 
_struct_conf.end_label_seq_id 
_struct_conf.pdbx_end_PDB_ins_code 
_struct_conf.beg_auth_comp_id 
_struct_conf.beg_auth_asym_id 
_struct_conf.beg_auth_seq_id 
_struct_conf.end_auth_comp_id 
_struct_conf.end_auth_asym_id 
_struct_conf.end_auth_seq_id 
_struct_conf.pdbx_PDB_helix_class 
_struct_conf.details 
_struct_conf.pdbx_PDB_helix_length 
HELX_P HELX_P1  1  THR A 2  ? GLY A 16 ? THR A 2  GLY A 16 1 ? 15 
HELX_P HELX_P2  2  LYS A 18 ? VAL A 22 ? LYS A 18 VAL A 22 5 ? 5  
HELX_P HELX_P3  3  ASP A 35 ? PHE A 50 ? ASP A 35 PHE A 50 1 ? 16 
HELX_P HELX_P4  4  PRO A 55 ? GLU A 60 ? PRO A 55 GLU A 60 1 ? 6  
HELX_P HELX_P5  5  THR A 64 ? GLN A 76 ? THR A 64 GLN A 76 1 ? 13 
HELX_P HELX_P6  6  THR B 2  ? GLY B 16 ? THR B 2  GLY B 16 1 ? 15 
HELX_P HELX_P7  7  LYS B 18 ? VAL B 22 ? LYS B 18 VAL B 22 5 ? 5  
HELX_P HELX_P8  8  ASP B 35 ? ASP B 51 ? ASP B 35 ASP B 51 1 ? 17 
HELX_P HELX_P9  9  PRO B 55 ? GLU B 60 ? PRO B 55 GLU B 60 1 ? 6  
HELX_P HELX_P10 10 THR B 64 ? GLN B 76 ? THR B 64 GLN B 76 1 ? 13 
# 
_struct_conf_type.id          HELX_P 
_struct_conf_type.criteria    ? 
_struct_conf_type.reference   ? 
# 
loop_
_struct_conn.id 
_struct_conn.conn_type_id 
_struct_conn.pdbx_leaving_atom_flag 
_struct_conn.pdbx_PDB_id 
_struct_conn.ptnr1_label_asym_id 
_struct_conn.ptnr1_label_comp_id 
_struct_conn.ptnr1_label_seq_id 
_struct_conn.ptnr1_label_atom_id 
_struct_conn.pdbx_ptnr1_label_alt_id 
_struct_conn.pdbx_ptnr1_PDB_ins_code 
_struct_conn.pdbx_ptnr1_standard_comp_id 
_struct_conn.ptnr1_symmetry 
_struct_conn.ptnr2_label_asym_id 
_struct_conn.ptnr2_label_comp_id 
_struct_conn.ptnr2_label_seq_id 
_struct_conn.ptnr2_label_atom_id 
_struct_conn.pdbx_ptnr2_label_alt_id 
_struct_conn.pdbx_ptnr2_PDB_ins_code 
_struct_conn.ptnr1_auth_asym_id 
_struct_conn.ptnr1_auth_comp_id 
_struct_conn.ptnr1_auth_seq_id 
_struct_conn.ptnr2_auth_asym_id 
_struct_conn.ptnr2_auth_comp_id 
_struct_conn.ptnr2_auth_seq_id 
_struct_conn.ptnr2_symmetry 
_struct_conn.pdbx_ptnr3_label_atom_id 
_struct_conn.pdbx_ptnr3_label_seq_id 
_struct_conn.pdbx_ptnr3_label_comp_id 
_struct_conn.pdbx_ptnr3_label_asym_id 
_struct_conn.pdbx_ptnr3_label_alt_id 
_struct_conn.pdbx_ptnr3_PDB_ins_code 
_struct_conn.details 
_struct_conn.pdbx_dist_value 
_struct_conn.pdbx_value_order 
_struct_conn.pdbx_role 
covale1  covale none ? A SER 36 OG  ? ? ? 1_555 J PM8 .  P24 ? ? A SER 36  A PM8 301 1_555 ? ? ? ? ? ? ? 1.563 ? ? 
covale2  covale none ? B SER 36 OG  ? ? ? 1_555 L PM8 .  P24 ? ? B SER 36  B PM8 301 1_555 ? ? ? ? ? ? ? 1.547 ? ? 
metalc1  metalc ?    ? A SER 1  N   ? ? ? 1_555 I ZN  .  ZN  ? ? A SER 1   A ZN  408 1_555 ? ? ? ? ? ? ? 2.197 ? ? 
metalc2  metalc ?    ? A SER 1  O   ? ? ? 1_555 I ZN  .  ZN  ? ? A SER 1   A ZN  408 1_555 ? ? ? ? ? ? ? 2.368 ? ? 
metalc3  metalc ?    ? A GLU 5  OE2 ? ? ? 1_555 C ZN  .  ZN  ? ? A GLU 5   A ZN  401 1_555 ? ? ? ? ? ? ? 2.035 ? ? 
metalc4  metalc ?    ? A GLU 21 OE1 ? ? ? 1_555 E ZN  .  ZN  ? ? A GLU 21  A ZN  403 1_555 ? ? ? ? ? ? ? 2.004 ? ? 
metalc5  metalc ?    ? A ASP 31 OD2 ? ? ? 1_555 F ZN  .  ZN  ? ? A ASP 31  A ZN  404 1_555 ? ? ? ? ? ? ? 1.950 ? ? 
metalc6  metalc ?    ? A ASP 35 OD2 ? ? ? 1_555 G ZN  .  ZN  ? ? A ASP 35  A ZN  405 1_555 ? ? ? ? ? ? ? 1.972 ? ? 
metalc7  metalc ?    ? A ASP 56 OD1 ? ? ? 1_555 D ZN  .  ZN  ? ? A ASP 56  A ZN  402 1_555 ? ? ? ? ? ? ? 2.166 ? ? 
metalc8  metalc ?    ? A ALA 77 OXT ? ? ? 1_555 H ZN  .  ZN  ? ? A ALA 77  A ZN  406 1_555 ? ? ? ? ? ? ? 2.006 ? ? 
metalc9  metalc ?    ? C ZN  .  ZN  ? ? ? 1_555 B GLU 48 OE2 ? ? A ZN  401 B GLU 48  1_555 ? ? ? ? ? ? ? 2.048 ? ? 
metalc10 metalc ?    ? C ZN  .  ZN  ? ? ? 1_555 N HOH .  O   ? ? A ZN  401 B HOH 408 1_555 ? ? ? ? ? ? ? 1.990 ? ? 
metalc11 metalc ?    ? D ZN  .  ZN  ? ? ? 1_555 M HOH .  O   ? ? A ZN  402 A HOH 414 1_555 ? ? ? ? ? ? ? 2.108 ? ? 
metalc12 metalc ?    ? D ZN  .  ZN  ? ? ? 1_555 M HOH .  O   ? ? A ZN  402 A HOH 415 1_555 ? ? ? ? ? ? ? 2.241 ? ? 
metalc13 metalc ?    ? D ZN  .  ZN  ? ? ? 1_555 M HOH .  O   ? ? A ZN  402 A HOH 416 1_555 ? ? ? ? ? ? ? 2.051 ? ? 
metalc14 metalc ?    ? D ZN  .  ZN  ? ? ? 1_555 M HOH .  O   ? ? A ZN  402 A HOH 417 1_555 ? ? ? ? ? ? ? 2.077 ? ? 
metalc15 metalc ?    ? E ZN  .  ZN  ? ? ? 1_555 M HOH .  O   ? ? A ZN  403 A HOH 429 1_555 ? ? ? ? ? ? ? 2.014 ? ? 
metalc16 metalc ?    ? E ZN  .  ZN  ? ? ? 1_555 M HOH .  O   ? ? A ZN  403 A HOH 430 1_555 ? ? ? ? ? ? ? 2.021 ? ? 
metalc17 metalc ?    ? F ZN  .  ZN  ? ? ? 1_555 M HOH .  O   ? ? A ZN  404 A HOH 435 1_555 ? ? ? ? ? ? ? 2.051 ? ? 
metalc18 metalc ?    ? G ZN  .  ZN  ? ? ? 1_555 M HOH .  O   ? ? A ZN  405 A HOH 518 1_555 ? ? ? ? ? ? ? 2.332 ? ? 
metalc19 metalc ?    ? G ZN  .  ZN  ? ? ? 1_555 M HOH .  O   ? ? A ZN  405 A HOH 520 1_555 ? ? ? ? ? ? ? 2.050 ? ? 
metalc20 metalc ?    ? H ZN  .  ZN  ? ? ? 1_555 M HOH .  O   ? ? A ZN  406 A HOH 442 1_555 ? ? ? ? ? ? ? 2.120 ? ? 
metalc21 metalc ?    ? H ZN  .  ZN  ? ? ? 1_555 M HOH .  O   ? ? A ZN  406 A HOH 443 1_555 ? ? ? ? ? ? ? 2.097 ? ? 
metalc22 metalc ?    ? H ZN  .  ZN  ? ? ? 1_555 M HOH .  O   ? ? A ZN  406 A HOH 486 1_555 ? ? ? ? ? ? ? 2.379 ? ? 
metalc23 metalc ?    ? I ZN  .  ZN  ? ? ? 1_555 M HOH .  O   ? ? A ZN  408 A HOH 558 1_555 ? ? ? ? ? ? ? 2.270 ? ? 
metalc24 metalc ?    ? I ZN  .  ZN  ? ? ? 1_555 B ASP 51 OD1 ? ? A ZN  408 B ASP 51  1_555 ? ? ? ? ? ? ? 2.098 ? ? 
metalc25 metalc ?    ? B GLU 5  OE2 ? ? ? 1_555 K ZN  .  ZN  ? ? B GLU 5   B ZN  407 1_555 ? ? ? ? ? ? ? 2.002 ? ? 
# 
loop_
_struct_conn_type.id 
_struct_conn_type.criteria 
_struct_conn_type.reference 
covale ? ? 
metalc ? ? 
# 
loop_
_pdbx_struct_conn_angle.id 
_pdbx_struct_conn_angle.ptnr1_label_atom_id 
_pdbx_struct_conn_angle.ptnr1_label_alt_id 
_pdbx_struct_conn_angle.ptnr1_label_asym_id 
_pdbx_struct_conn_angle.ptnr1_label_comp_id 
_pdbx_struct_conn_angle.ptnr1_label_seq_id 
_pdbx_struct_conn_angle.ptnr1_auth_atom_id 
_pdbx_struct_conn_angle.ptnr1_auth_asym_id 
_pdbx_struct_conn_angle.ptnr1_auth_comp_id 
_pdbx_struct_conn_angle.ptnr1_auth_seq_id 
_pdbx_struct_conn_angle.ptnr1_PDB_ins_code 
_pdbx_struct_conn_angle.ptnr1_symmetry 
_pdbx_struct_conn_angle.ptnr2_label_atom_id 
_pdbx_struct_conn_angle.ptnr2_label_alt_id 
_pdbx_struct_conn_angle.ptnr2_label_asym_id 
_pdbx_struct_conn_angle.ptnr2_label_comp_id 
_pdbx_struct_conn_angle.ptnr2_label_seq_id 
_pdbx_struct_conn_angle.ptnr2_auth_atom_id 
_pdbx_struct_conn_angle.ptnr2_auth_asym_id 
_pdbx_struct_conn_angle.ptnr2_auth_comp_id 
_pdbx_struct_conn_angle.ptnr2_auth_seq_id 
_pdbx_struct_conn_angle.ptnr2_PDB_ins_code 
_pdbx_struct_conn_angle.ptnr2_symmetry 
_pdbx_struct_conn_angle.ptnr3_label_atom_id 
_pdbx_struct_conn_angle.ptnr3_label_alt_id 
_pdbx_struct_conn_angle.ptnr3_label_asym_id 
_pdbx_struct_conn_angle.ptnr3_label_comp_id 
_pdbx_struct_conn_angle.ptnr3_label_seq_id 
_pdbx_struct_conn_angle.ptnr3_auth_atom_id 
_pdbx_struct_conn_angle.ptnr3_auth_asym_id 
_pdbx_struct_conn_angle.ptnr3_auth_comp_id 
_pdbx_struct_conn_angle.ptnr3_auth_seq_id 
_pdbx_struct_conn_angle.ptnr3_PDB_ins_code 
_pdbx_struct_conn_angle.ptnr3_symmetry 
_pdbx_struct_conn_angle.value 
_pdbx_struct_conn_angle.value_esd 
1  N   ? A SER 1  ? A SER 1   ? 1_555 ZN ? I ZN . ? A ZN 408 ? 1_555 O   ? A SER 1  ? A SER 1   ? 1_555 70.6  ? 
2  N   ? A SER 1  ? A SER 1   ? 1_555 ZN ? I ZN . ? A ZN 408 ? 1_555 O   ? M HOH .  ? A HOH 558 ? 1_555 114.2 ? 
3  O   ? A SER 1  ? A SER 1   ? 1_555 ZN ? I ZN . ? A ZN 408 ? 1_555 O   ? M HOH .  ? A HOH 558 ? 1_555 76.6  ? 
4  N   ? A SER 1  ? A SER 1   ? 1_555 ZN ? I ZN . ? A ZN 408 ? 1_555 OD1 ? B ASP 51 ? B ASP 51  ? 1_555 103.3 ? 
5  O   ? A SER 1  ? A SER 1   ? 1_555 ZN ? I ZN . ? A ZN 408 ? 1_555 OD1 ? B ASP 51 ? B ASP 51  ? 1_555 160.6 ? 
6  O   ? M HOH .  ? A HOH 558 ? 1_555 ZN ? I ZN . ? A ZN 408 ? 1_555 OD1 ? B ASP 51 ? B ASP 51  ? 1_555 90.0  ? 
7  OE2 ? A GLU 5  ? A GLU 5   ? 1_555 ZN ? C ZN . ? A ZN 401 ? 1_555 OE2 ? B GLU 48 ? B GLU 48  ? 1_555 102.8 ? 
8  OE2 ? A GLU 5  ? A GLU 5   ? 1_555 ZN ? C ZN . ? A ZN 401 ? 1_555 O   ? N HOH .  ? B HOH 408 ? 1_555 101.8 ? 
9  OE2 ? B GLU 48 ? B GLU 48  ? 1_555 ZN ? C ZN . ? A ZN 401 ? 1_555 O   ? N HOH .  ? B HOH 408 ? 1_555 101.2 ? 
10 OE1 ? A GLU 21 ? A GLU 21  ? 1_555 ZN ? E ZN . ? A ZN 403 ? 1_555 O   ? M HOH .  ? A HOH 429 ? 1_555 106.0 ? 
11 OE1 ? A GLU 21 ? A GLU 21  ? 1_555 ZN ? E ZN . ? A ZN 403 ? 1_555 O   ? M HOH .  ? A HOH 430 ? 1_555 119.6 ? 
12 O   ? M HOH .  ? A HOH 429 ? 1_555 ZN ? E ZN . ? A ZN 403 ? 1_555 O   ? M HOH .  ? A HOH 430 ? 1_555 112.1 ? 
13 OD2 ? A ASP 31 ? A ASP 31  ? 1_555 ZN ? F ZN . ? A ZN 404 ? 1_555 O   ? M HOH .  ? A HOH 435 ? 1_555 89.6  ? 
14 OD2 ? A ASP 35 ? A ASP 35  ? 1_555 ZN ? G ZN . ? A ZN 405 ? 1_555 O   ? M HOH .  ? A HOH 518 ? 1_555 104.8 ? 
15 OD2 ? A ASP 35 ? A ASP 35  ? 1_555 ZN ? G ZN . ? A ZN 405 ? 1_555 O   ? M HOH .  ? A HOH 520 ? 1_555 120.2 ? 
16 O   ? M HOH .  ? A HOH 518 ? 1_555 ZN ? G ZN . ? A ZN 405 ? 1_555 O   ? M HOH .  ? A HOH 520 ? 1_555 108.9 ? 
17 OD1 ? A ASP 56 ? A ASP 56  ? 1_555 ZN ? D ZN . ? A ZN 402 ? 1_555 O   ? M HOH .  ? A HOH 414 ? 1_555 82.6  ? 
18 OD1 ? A ASP 56 ? A ASP 56  ? 1_555 ZN ? D ZN . ? A ZN 402 ? 1_555 O   ? M HOH .  ? A HOH 415 ? 1_555 92.6  ? 
19 O   ? M HOH .  ? A HOH 414 ? 1_555 ZN ? D ZN . ? A ZN 402 ? 1_555 O   ? M HOH .  ? A HOH 415 ? 1_555 166.1 ? 
20 OD1 ? A ASP 56 ? A ASP 56  ? 1_555 ZN ? D ZN . ? A ZN 402 ? 1_555 O   ? M HOH .  ? A HOH 416 ? 1_555 95.6  ? 
21 O   ? M HOH .  ? A HOH 414 ? 1_555 ZN ? D ZN . ? A ZN 402 ? 1_555 O   ? M HOH .  ? A HOH 416 ? 1_555 102.3 ? 
22 O   ? M HOH .  ? A HOH 415 ? 1_555 ZN ? D ZN . ? A ZN 402 ? 1_555 O   ? M HOH .  ? A HOH 416 ? 1_555 91.1  ? 
23 OD1 ? A ASP 56 ? A ASP 56  ? 1_555 ZN ? D ZN . ? A ZN 402 ? 1_555 O   ? M HOH .  ? A HOH 417 ? 1_555 168.9 ? 
24 O   ? M HOH .  ? A HOH 414 ? 1_555 ZN ? D ZN . ? A ZN 402 ? 1_555 O   ? M HOH .  ? A HOH 417 ? 1_555 91.4  ? 
25 O   ? M HOH .  ? A HOH 415 ? 1_555 ZN ? D ZN . ? A ZN 402 ? 1_555 O   ? M HOH .  ? A HOH 417 ? 1_555 91.1  ? 
26 O   ? M HOH .  ? A HOH 416 ? 1_555 ZN ? D ZN . ? A ZN 402 ? 1_555 O   ? M HOH .  ? A HOH 417 ? 1_555 94.8  ? 
27 OXT ? A ALA 77 ? A ALA 77  ? 1_555 ZN ? H ZN . ? A ZN 406 ? 1_555 O   ? M HOH .  ? A HOH 442 ? 1_555 95.9  ? 
28 OXT ? A ALA 77 ? A ALA 77  ? 1_555 ZN ? H ZN . ? A ZN 406 ? 1_555 O   ? M HOH .  ? A HOH 443 ? 1_555 91.8  ? 
29 O   ? M HOH .  ? A HOH 442 ? 1_555 ZN ? H ZN . ? A ZN 406 ? 1_555 O   ? M HOH .  ? A HOH 443 ? 1_555 88.4  ? 
30 OXT ? A ALA 77 ? A ALA 77  ? 1_555 ZN ? H ZN . ? A ZN 406 ? 1_555 O   ? M HOH .  ? A HOH 486 ? 1_555 88.8  ? 
31 O   ? M HOH .  ? A HOH 442 ? 1_555 ZN ? H ZN . ? A ZN 406 ? 1_555 O   ? M HOH .  ? A HOH 486 ? 1_555 92.3  ? 
32 O   ? M HOH .  ? A HOH 443 ? 1_555 ZN ? H ZN . ? A ZN 406 ? 1_555 O   ? M HOH .  ? A HOH 486 ? 1_555 179.1 ? 
# 
loop_
_pdbx_modification_feature.ordinal 
_pdbx_modification_feature.label_comp_id 
_pdbx_modification_feature.label_asym_id 
_pdbx_modification_feature.label_seq_id 
_pdbx_modification_feature.label_alt_id 
_pdbx_modification_feature.modified_residue_label_comp_id 
_pdbx_modification_feature.modified_residue_label_asym_id 
_pdbx_modification_feature.modified_residue_label_seq_id 
_pdbx_modification_feature.modified_residue_label_alt_id 
_pdbx_modification_feature.auth_comp_id 
_pdbx_modification_feature.auth_asym_id 
_pdbx_modification_feature.auth_seq_id 
_pdbx_modification_feature.PDB_ins_code 
_pdbx_modification_feature.symmetry 
_pdbx_modification_feature.modified_residue_auth_comp_id 
_pdbx_modification_feature.modified_residue_auth_asym_id 
_pdbx_modification_feature.modified_residue_auth_seq_id 
_pdbx_modification_feature.modified_residue_PDB_ins_code 
_pdbx_modification_feature.modified_residue_symmetry 
_pdbx_modification_feature.comp_id_linking_atom 
_pdbx_modification_feature.modified_residue_id_linking_atom 
_pdbx_modification_feature.modified_residue_id 
_pdbx_modification_feature.ref_pcm_id 
_pdbx_modification_feature.ref_comp_id 
_pdbx_modification_feature.type 
_pdbx_modification_feature.category 
1 PM8 J . ? SER A 36 ? PM8 A 301 ? 1_555 SER A 36 ? 1_555 P24 OG SER 1 PM8 None Lipid/lipid-like 
2 PM8 L . ? SER B 36 ? PM8 B 301 ? 1_555 SER B 36 ? 1_555 P24 OG SER 1 PM8 None Lipid/lipid-like 
# 
loop_
_struct_site.id 
_struct_site.pdbx_evidence_code 
_struct_site.pdbx_auth_asym_id 
_struct_site.pdbx_auth_comp_id 
_struct_site.pdbx_auth_seq_id 
_struct_site.pdbx_auth_ins_code 
_struct_site.pdbx_num_residues 
_struct_site.details 
AC1 Software A ZN  401 ? 4  'BINDING SITE FOR RESIDUE ZN A 401'  
AC2 Software A ZN  402 ? 6  'BINDING SITE FOR RESIDUE ZN A 402'  
AC3 Software A ZN  403 ? 4  'BINDING SITE FOR RESIDUE ZN A 403'  
AC4 Software A ZN  404 ? 5  'BINDING SITE FOR RESIDUE ZN A 404'  
AC5 Software A ZN  405 ? 4  'BINDING SITE FOR RESIDUE ZN A 405'  
AC6 Software A ZN  406 ? 8  'BINDING SITE FOR RESIDUE ZN A 406'  
AC7 Software B ZN  407 ? 4  'BINDING SITE FOR RESIDUE ZN B 407'  
AC8 Software A ZN  408 ? 4  'BINDING SITE FOR RESIDUE ZN A 408'  
AC9 Software A PM8 301 ? 14 'BINDING SITE FOR RESIDUE PM8 A 301' 
BC1 Software B PM8 301 ? 3  'BINDING SITE FOR RESIDUE PM8 B 301' 
# 
loop_
_struct_site_gen.id 
_struct_site_gen.site_id 
_struct_site_gen.pdbx_num_res 
_struct_site_gen.label_comp_id 
_struct_site_gen.label_asym_id 
_struct_site_gen.label_seq_id 
_struct_site_gen.pdbx_auth_ins_code 
_struct_site_gen.auth_comp_id 
_struct_site_gen.auth_asym_id 
_struct_site_gen.auth_seq_id 
_struct_site_gen.label_atom_id 
_struct_site_gen.label_alt_id 
_struct_site_gen.symmetry 
_struct_site_gen.details 
1  AC1 4  GLU A 5  ? GLU A 5   . ? 1_555 ? 
2  AC1 4  GLU A 53 ? GLU A 53  . ? 1_554 ? 
3  AC1 4  GLU B 48 ? GLU B 48  . ? 1_555 ? 
4  AC1 4  HOH N .  ? HOH B 408 . ? 1_555 ? 
5  AC2 6  ASP A 56 ? ASP A 56  . ? 1_555 ? 
6  AC2 6  HOH M .  ? HOH A 413 . ? 1_556 ? 
7  AC2 6  HOH M .  ? HOH A 414 . ? 1_555 ? 
8  AC2 6  HOH M .  ? HOH A 415 . ? 1_555 ? 
9  AC2 6  HOH M .  ? HOH A 416 . ? 1_555 ? 
10 AC2 6  HOH M .  ? HOH A 417 . ? 1_555 ? 
11 AC3 4  GLU A 21 ? GLU A 21  . ? 1_555 ? 
12 AC3 4  HOH M .  ? HOH A 429 . ? 1_555 ? 
13 AC3 4  HOH M .  ? HOH A 430 . ? 1_555 ? 
14 AC3 4  ASP B 35 ? ASP B 35  . ? 4_455 ? 
15 AC4 5  ASP A 31 ? ASP A 31  . ? 1_555 ? 
16 AC4 5  HOH M .  ? HOH A 434 . ? 1_555 ? 
17 AC4 5  HOH M .  ? HOH A 435 . ? 1_555 ? 
18 AC4 5  HOH M .  ? HOH A 436 . ? 1_555 ? 
19 AC4 5  ASP B 31 ? ASP B 31  . ? 1_455 ? 
20 AC5 4  ASP A 35 ? ASP A 35  . ? 1_555 ? 
21 AC5 4  HOH M .  ? HOH A 518 . ? 1_555 ? 
22 AC5 4  HOH M .  ? HOH A 520 . ? 1_555 ? 
23 AC5 4  GLU B 21 ? GLU B 21  . ? 4_456 ? 
24 AC6 8  ALA A 77 ? ALA A 77  . ? 1_555 ? 
25 AC6 8  ALA A 77 ? ALA A 77  . ? 2_665 ? 
26 AC6 8  HOH M .  ? HOH A 442 . ? 1_555 ? 
27 AC6 8  HOH M .  ? HOH A 442 . ? 2_665 ? 
28 AC6 8  HOH M .  ? HOH A 443 . ? 2_665 ? 
29 AC6 8  HOH M .  ? HOH A 443 . ? 1_555 ? 
30 AC6 8  HOH M .  ? HOH A 486 . ? 2_665 ? 
31 AC6 8  HOH M .  ? HOH A 486 . ? 1_555 ? 
32 AC7 4  GLU B 5  ? GLU B 5   . ? 1_555 ? 
33 AC7 4  GLU B 47 ? GLU B 47  . ? 1_556 ? 
34 AC7 4  GLU B 53 ? GLU B 53  . ? 1_556 ? 
35 AC7 4  HOH N .  ? HOH B 428 . ? 1_556 ? 
36 AC8 4  SER A 1  ? SER A 1   . ? 1_555 ? 
37 AC8 4  HOH M .  ? HOH A 558 . ? 1_555 ? 
38 AC8 4  ASP B 51 ? ASP B 51  . ? 1_555 ? 
39 AC8 4  ALA B 77 ? ALA B 77  . ? 2_665 ? 
40 AC9 14 PHE A 28 ? PHE A 28  . ? 1_555 ? 
41 AC9 14 VAL A 29 ? VAL A 29  . ? 1_555 ? 
42 AC9 14 SER A 36 ? SER A 36  . ? 1_555 ? 
43 AC9 14 THR A 39 ? THR A 39  . ? 1_555 ? 
44 AC9 14 LEU A 46 ? LEU A 46  . ? 1_555 ? 
45 AC9 14 THR A 52 ? THR A 52  . ? 1_555 ? 
46 AC9 14 ALA A 59 ? ALA A 59  . ? 1_555 ? 
47 AC9 14 GLU A 60 ? GLU A 60  . ? 1_555 ? 
48 AC9 14 HOH M .  ? HOH A 438 . ? 1_555 ? 
49 AC9 14 HOH M .  ? HOH A 467 . ? 1_556 ? 
50 AC9 14 HOH M .  ? HOH A 519 . ? 1_555 ? 
51 AC9 14 HOH M .  ? HOH A 536 . ? 1_555 ? 
52 AC9 14 HOH M .  ? HOH A 545 . ? 1_555 ? 
53 AC9 14 HOH M .  ? HOH A 560 . ? 1_556 ? 
54 BC1 3  HOH M .  ? HOH A 544 . ? 1_654 ? 
55 BC1 3  SER B 36 ? SER B 36  . ? 1_555 ? 
56 BC1 3  HOH N .  ? HOH B 472 . ? 1_555 ? 
# 
_pdbx_entry_details.entry_id                   2FAE 
_pdbx_entry_details.compound_details           ? 
_pdbx_entry_details.source_details             ? 
_pdbx_entry_details.nonpolymer_details         ? 
_pdbx_entry_details.sequence_details           ? 
_pdbx_entry_details.has_ligand_of_interest     ? 
_pdbx_entry_details.has_protein_modification   Y 
# 
loop_
_pdbx_validate_close_contact.id 
_pdbx_validate_close_contact.PDB_model_num 
_pdbx_validate_close_contact.auth_atom_id_1 
_pdbx_validate_close_contact.auth_asym_id_1 
_pdbx_validate_close_contact.auth_comp_id_1 
_pdbx_validate_close_contact.auth_seq_id_1 
_pdbx_validate_close_contact.PDB_ins_code_1 
_pdbx_validate_close_contact.label_alt_id_1 
_pdbx_validate_close_contact.auth_atom_id_2 
_pdbx_validate_close_contact.auth_asym_id_2 
_pdbx_validate_close_contact.auth_comp_id_2 
_pdbx_validate_close_contact.auth_seq_id_2 
_pdbx_validate_close_contact.PDB_ins_code_2 
_pdbx_validate_close_contact.label_alt_id_2 
_pdbx_validate_close_contact.dist 
1 1 O   B HOH 429 ? ? O B HOH 475 ? ? 2.04 
2 1 O   B HOH 409 ? ? O B HOH 410 ? ? 2.09 
3 1 OD2 B ASP 51  ? ? O B HOH 410 ? ? 2.11 
# 
loop_
_pdbx_validate_symm_contact.id 
_pdbx_validate_symm_contact.PDB_model_num 
_pdbx_validate_symm_contact.auth_atom_id_1 
_pdbx_validate_symm_contact.auth_asym_id_1 
_pdbx_validate_symm_contact.auth_comp_id_1 
_pdbx_validate_symm_contact.auth_seq_id_1 
_pdbx_validate_symm_contact.PDB_ins_code_1 
_pdbx_validate_symm_contact.label_alt_id_1 
_pdbx_validate_symm_contact.site_symmetry_1 
_pdbx_validate_symm_contact.auth_atom_id_2 
_pdbx_validate_symm_contact.auth_asym_id_2 
_pdbx_validate_symm_contact.auth_comp_id_2 
_pdbx_validate_symm_contact.auth_seq_id_2 
_pdbx_validate_symm_contact.PDB_ins_code_2 
_pdbx_validate_symm_contact.label_alt_id_2 
_pdbx_validate_symm_contact.site_symmetry_2 
_pdbx_validate_symm_contact.dist 
1 1 O   B HOH 429 ? ? 1_555 O B HOH 456 ? ? 1_554 2.10 
2 1 OE2 A GLU 57  ? ? 1_555 O A HOH 459 ? ? 1_556 2.13 
# 
_pdbx_validate_torsion.id              1 
_pdbx_validate_torsion.PDB_model_num   1 
_pdbx_validate_torsion.auth_comp_id    VAL 
_pdbx_validate_torsion.auth_asym_id    A 
_pdbx_validate_torsion.auth_seq_id     29 
_pdbx_validate_torsion.PDB_ins_code    ? 
_pdbx_validate_torsion.label_alt_id    ? 
_pdbx_validate_torsion.phi             -78.14 
_pdbx_validate_torsion.psi             -70.83 
# 
loop_
_pdbx_struct_special_symmetry.id 
_pdbx_struct_special_symmetry.PDB_model_num 
_pdbx_struct_special_symmetry.auth_asym_id 
_pdbx_struct_special_symmetry.auth_comp_id 
_pdbx_struct_special_symmetry.auth_seq_id 
_pdbx_struct_special_symmetry.PDB_ins_code 
_pdbx_struct_special_symmetry.label_asym_id 
_pdbx_struct_special_symmetry.label_comp_id 
_pdbx_struct_special_symmetry.label_seq_id 
1 1 A ZN  406 ? H ZN  . 
2 1 A HOH 443 ? M HOH . 
3 1 A HOH 486 ? M HOH . 
4 1 A HOH 523 ? M HOH . 
5 1 B HOH 447 ? N HOH . 
# 
loop_
_pdbx_distant_solvent_atoms.id 
_pdbx_distant_solvent_atoms.PDB_model_num 
_pdbx_distant_solvent_atoms.auth_atom_id 
_pdbx_distant_solvent_atoms.label_alt_id 
_pdbx_distant_solvent_atoms.auth_asym_id 
_pdbx_distant_solvent_atoms.auth_comp_id 
_pdbx_distant_solvent_atoms.auth_seq_id 
_pdbx_distant_solvent_atoms.PDB_ins_code 
_pdbx_distant_solvent_atoms.neighbor_macromolecule_distance 
_pdbx_distant_solvent_atoms.neighbor_ligand_distance 
1 1 O ? A HOH 466 ? 6.13 . 
2 1 O ? A HOH 484 ? 6.16 . 
3 1 O ? A HOH 543 ? 6.44 . 
4 1 O ? A HOH 544 ? 7.66 . 
# 
loop_
_chem_comp_atom.comp_id 
_chem_comp_atom.atom_id 
_chem_comp_atom.type_symbol 
_chem_comp_atom.pdbx_aromatic_flag 
_chem_comp_atom.pdbx_stereo_config 
_chem_comp_atom.pdbx_ordinal 
ALA N    N  N N 1   
ALA CA   C  N S 2   
ALA C    C  N N 3   
ALA O    O  N N 4   
ALA CB   C  N N 5   
ALA OXT  O  N N 6   
ALA H    H  N N 7   
ALA H2   H  N N 8   
ALA HA   H  N N 9   
ALA HB1  H  N N 10  
ALA HB2  H  N N 11  
ALA HB3  H  N N 12  
ALA HXT  H  N N 13  
ARG N    N  N N 14  
ARG CA   C  N S 15  
ARG C    C  N N 16  
ARG O    O  N N 17  
ARG CB   C  N N 18  
ARG CG   C  N N 19  
ARG CD   C  N N 20  
ARG NE   N  N N 21  
ARG CZ   C  N N 22  
ARG NH1  N  N N 23  
ARG NH2  N  N N 24  
ARG OXT  O  N N 25  
ARG H    H  N N 26  
ARG H2   H  N N 27  
ARG HA   H  N N 28  
ARG HB2  H  N N 29  
ARG HB3  H  N N 30  
ARG HG2  H  N N 31  
ARG HG3  H  N N 32  
ARG HD2  H  N N 33  
ARG HD3  H  N N 34  
ARG HE   H  N N 35  
ARG HH11 H  N N 36  
ARG HH12 H  N N 37  
ARG HH21 H  N N 38  
ARG HH22 H  N N 39  
ARG HXT  H  N N 40  
ASN N    N  N N 41  
ASN CA   C  N S 42  
ASN C    C  N N 43  
ASN O    O  N N 44  
ASN CB   C  N N 45  
ASN CG   C  N N 46  
ASN OD1  O  N N 47  
ASN ND2  N  N N 48  
ASN OXT  O  N N 49  
ASN H    H  N N 50  
ASN H2   H  N N 51  
ASN HA   H  N N 52  
ASN HB2  H  N N 53  
ASN HB3  H  N N 54  
ASN HD21 H  N N 55  
ASN HD22 H  N N 56  
ASN HXT  H  N N 57  
ASP N    N  N N 58  
ASP CA   C  N S 59  
ASP C    C  N N 60  
ASP O    O  N N 61  
ASP CB   C  N N 62  
ASP CG   C  N N 63  
ASP OD1  O  N N 64  
ASP OD2  O  N N 65  
ASP OXT  O  N N 66  
ASP H    H  N N 67  
ASP H2   H  N N 68  
ASP HA   H  N N 69  
ASP HB2  H  N N 70  
ASP HB3  H  N N 71  
ASP HD2  H  N N 72  
ASP HXT  H  N N 73  
GLN N    N  N N 74  
GLN CA   C  N S 75  
GLN C    C  N N 76  
GLN O    O  N N 77  
GLN CB   C  N N 78  
GLN CG   C  N N 79  
GLN CD   C  N N 80  
GLN OE1  O  N N 81  
GLN NE2  N  N N 82  
GLN OXT  O  N N 83  
GLN H    H  N N 84  
GLN H2   H  N N 85  
GLN HA   H  N N 86  
GLN HB2  H  N N 87  
GLN HB3  H  N N 88  
GLN HG2  H  N N 89  
GLN HG3  H  N N 90  
GLN HE21 H  N N 91  
GLN HE22 H  N N 92  
GLN HXT  H  N N 93  
GLU N    N  N N 94  
GLU CA   C  N S 95  
GLU C    C  N N 96  
GLU O    O  N N 97  
GLU CB   C  N N 98  
GLU CG   C  N N 99  
GLU CD   C  N N 100 
GLU OE1  O  N N 101 
GLU OE2  O  N N 102 
GLU OXT  O  N N 103 
GLU H    H  N N 104 
GLU H2   H  N N 105 
GLU HA   H  N N 106 
GLU HB2  H  N N 107 
GLU HB3  H  N N 108 
GLU HG2  H  N N 109 
GLU HG3  H  N N 110 
GLU HE2  H  N N 111 
GLU HXT  H  N N 112 
GLY N    N  N N 113 
GLY CA   C  N N 114 
GLY C    C  N N 115 
GLY O    O  N N 116 
GLY OXT  O  N N 117 
GLY H    H  N N 118 
GLY H2   H  N N 119 
GLY HA2  H  N N 120 
GLY HA3  H  N N 121 
GLY HXT  H  N N 122 
HIS N    N  N N 123 
HIS CA   C  N S 124 
HIS C    C  N N 125 
HIS O    O  N N 126 
HIS CB   C  N N 127 
HIS CG   C  Y N 128 
HIS ND1  N  Y N 129 
HIS CD2  C  Y N 130 
HIS CE1  C  Y N 131 
HIS NE2  N  Y N 132 
HIS OXT  O  N N 133 
HIS H    H  N N 134 
HIS H2   H  N N 135 
HIS HA   H  N N 136 
HIS HB2  H  N N 137 
HIS HB3  H  N N 138 
HIS HD1  H  N N 139 
HIS HD2  H  N N 140 
HIS HE1  H  N N 141 
HIS HE2  H  N N 142 
HIS HXT  H  N N 143 
HOH O    O  N N 144 
HOH H1   H  N N 145 
HOH H2   H  N N 146 
ILE N    N  N N 147 
ILE CA   C  N S 148 
ILE C    C  N N 149 
ILE O    O  N N 150 
ILE CB   C  N S 151 
ILE CG1  C  N N 152 
ILE CG2  C  N N 153 
ILE CD1  C  N N 154 
ILE OXT  O  N N 155 
ILE H    H  N N 156 
ILE H2   H  N N 157 
ILE HA   H  N N 158 
ILE HB   H  N N 159 
ILE HG12 H  N N 160 
ILE HG13 H  N N 161 
ILE HG21 H  N N 162 
ILE HG22 H  N N 163 
ILE HG23 H  N N 164 
ILE HD11 H  N N 165 
ILE HD12 H  N N 166 
ILE HD13 H  N N 167 
ILE HXT  H  N N 168 
LEU N    N  N N 169 
LEU CA   C  N S 170 
LEU C    C  N N 171 
LEU O    O  N N 172 
LEU CB   C  N N 173 
LEU CG   C  N N 174 
LEU CD1  C  N N 175 
LEU CD2  C  N N 176 
LEU OXT  O  N N 177 
LEU H    H  N N 178 
LEU H2   H  N N 179 
LEU HA   H  N N 180 
LEU HB2  H  N N 181 
LEU HB3  H  N N 182 
LEU HG   H  N N 183 
LEU HD11 H  N N 184 
LEU HD12 H  N N 185 
LEU HD13 H  N N 186 
LEU HD21 H  N N 187 
LEU HD22 H  N N 188 
LEU HD23 H  N N 189 
LEU HXT  H  N N 190 
LYS N    N  N N 191 
LYS CA   C  N S 192 
LYS C    C  N N 193 
LYS O    O  N N 194 
LYS CB   C  N N 195 
LYS CG   C  N N 196 
LYS CD   C  N N 197 
LYS CE   C  N N 198 
LYS NZ   N  N N 199 
LYS OXT  O  N N 200 
LYS H    H  N N 201 
LYS H2   H  N N 202 
LYS HA   H  N N 203 
LYS HB2  H  N N 204 
LYS HB3  H  N N 205 
LYS HG2  H  N N 206 
LYS HG3  H  N N 207 
LYS HD2  H  N N 208 
LYS HD3  H  N N 209 
LYS HE2  H  N N 210 
LYS HE3  H  N N 211 
LYS HZ1  H  N N 212 
LYS HZ2  H  N N 213 
LYS HZ3  H  N N 214 
LYS HXT  H  N N 215 
MET N    N  N N 216 
MET CA   C  N S 217 
MET C    C  N N 218 
MET O    O  N N 219 
MET CB   C  N N 220 
MET CG   C  N N 221 
MET SD   S  N N 222 
MET CE   C  N N 223 
MET OXT  O  N N 224 
MET H    H  N N 225 
MET H2   H  N N 226 
MET HA   H  N N 227 
MET HB2  H  N N 228 
MET HB3  H  N N 229 
MET HG2  H  N N 230 
MET HG3  H  N N 231 
MET HE1  H  N N 232 
MET HE2  H  N N 233 
MET HE3  H  N N 234 
MET HXT  H  N N 235 
PHE N    N  N N 236 
PHE CA   C  N S 237 
PHE C    C  N N 238 
PHE O    O  N N 239 
PHE CB   C  N N 240 
PHE CG   C  Y N 241 
PHE CD1  C  Y N 242 
PHE CD2  C  Y N 243 
PHE CE1  C  Y N 244 
PHE CE2  C  Y N 245 
PHE CZ   C  Y N 246 
PHE OXT  O  N N 247 
PHE H    H  N N 248 
PHE H2   H  N N 249 
PHE HA   H  N N 250 
PHE HB2  H  N N 251 
PHE HB3  H  N N 252 
PHE HD1  H  N N 253 
PHE HD2  H  N N 254 
PHE HE1  H  N N 255 
PHE HE2  H  N N 256 
PHE HZ   H  N N 257 
PHE HXT  H  N N 258 
PM8 O23  O  N N 259 
PM8 P24  P  N S 260 
PM8 O26  O  N N 261 
PM8 O27  O  N N 262 
PM8 C28  C  N N 263 
PM8 C29  C  N N 264 
PM8 C30  C  N N 265 
PM8 C31  C  N N 266 
PM8 C32  C  N R 267 
PM8 O33  O  N N 268 
PM8 C34  C  N N 269 
PM8 O35  O  N N 270 
PM8 N36  N  N N 271 
PM8 C37  C  N N 272 
PM8 C38  C  N N 273 
PM8 C39  C  N N 274 
PM8 O40  O  N N 275 
PM8 N41  N  N N 276 
PM8 C42  C  N N 277 
PM8 C43  C  N N 278 
PM8 S1   S  N N 279 
PM8 C1   C  N N 280 
PM8 O1   O  N N 281 
PM8 C2   C  N N 282 
PM8 C3   C  N N 283 
PM8 C4   C  N N 284 
PM8 C5   C  N N 285 
PM8 C6   C  N N 286 
PM8 C7   C  N N 287 
PM8 C8   C  N N 288 
PM8 C9   C  N N 289 
PM8 C10  C  N N 290 
PM8 H23  H  N N 291 
PM8 H24  H  N N 292 
PM8 H281 H  N N 293 
PM8 H282 H  N N 294 
PM8 H301 H  N N 295 
PM8 H302 H  N N 296 
PM8 H303 H  N N 297 
PM8 H311 H  N N 298 
PM8 H312 H  N N 299 
PM8 H313 H  N N 300 
PM8 H32  H  N N 301 
PM8 H33  H  N N 302 
PM8 H36  H  N N 303 
PM8 H371 H  N N 304 
PM8 H372 H  N N 305 
PM8 H381 H  N N 306 
PM8 H382 H  N N 307 
PM8 H41  H  N N 308 
PM8 H421 H  N N 309 
PM8 H422 H  N N 310 
PM8 H431 H  N N 311 
PM8 H432 H  N N 312 
PM8 H21  H  N N 313 
PM8 H22  H  N N 314 
PM8 H31  H  N N 315 
PM8 H32A H  N N 316 
PM8 H41A H  N N 317 
PM8 H42  H  N N 318 
PM8 H51  H  N N 319 
PM8 H52  H  N N 320 
PM8 H61  H  N N 321 
PM8 H62  H  N N 322 
PM8 H71  H  N N 323 
PM8 H72  H  N N 324 
PM8 H81  H  N N 325 
PM8 H82  H  N N 326 
PM8 H91  H  N N 327 
PM8 H92  H  N N 328 
PM8 H101 H  N N 329 
PM8 H102 H  N N 330 
PM8 H103 H  N N 331 
PRO N    N  N N 332 
PRO CA   C  N S 333 
PRO C    C  N N 334 
PRO O    O  N N 335 
PRO CB   C  N N 336 
PRO CG   C  N N 337 
PRO CD   C  N N 338 
PRO OXT  O  N N 339 
PRO H    H  N N 340 
PRO HA   H  N N 341 
PRO HB2  H  N N 342 
PRO HB3  H  N N 343 
PRO HG2  H  N N 344 
PRO HG3  H  N N 345 
PRO HD2  H  N N 346 
PRO HD3  H  N N 347 
PRO HXT  H  N N 348 
SER N    N  N N 349 
SER CA   C  N S 350 
SER C    C  N N 351 
SER O    O  N N 352 
SER CB   C  N N 353 
SER OG   O  N N 354 
SER OXT  O  N N 355 
SER H    H  N N 356 
SER H2   H  N N 357 
SER HA   H  N N 358 
SER HB2  H  N N 359 
SER HB3  H  N N 360 
SER HG   H  N N 361 
SER HXT  H  N N 362 
THR N    N  N N 363 
THR CA   C  N S 364 
THR C    C  N N 365 
THR O    O  N N 366 
THR CB   C  N R 367 
THR OG1  O  N N 368 
THR CG2  C  N N 369 
THR OXT  O  N N 370 
THR H    H  N N 371 
THR H2   H  N N 372 
THR HA   H  N N 373 
THR HB   H  N N 374 
THR HG1  H  N N 375 
THR HG21 H  N N 376 
THR HG22 H  N N 377 
THR HG23 H  N N 378 
THR HXT  H  N N 379 
TYR N    N  N N 380 
TYR CA   C  N S 381 
TYR C    C  N N 382 
TYR O    O  N N 383 
TYR CB   C  N N 384 
TYR CG   C  Y N 385 
TYR CD1  C  Y N 386 
TYR CD2  C  Y N 387 
TYR CE1  C  Y N 388 
TYR CE2  C  Y N 389 
TYR CZ   C  Y N 390 
TYR OH   O  N N 391 
TYR OXT  O  N N 392 
TYR H    H  N N 393 
TYR H2   H  N N 394 
TYR HA   H  N N 395 
TYR HB2  H  N N 396 
TYR HB3  H  N N 397 
TYR HD1  H  N N 398 
TYR HD2  H  N N 399 
TYR HE1  H  N N 400 
TYR HE2  H  N N 401 
TYR HH   H  N N 402 
TYR HXT  H  N N 403 
VAL N    N  N N 404 
VAL CA   C  N S 405 
VAL C    C  N N 406 
VAL O    O  N N 407 
VAL CB   C  N N 408 
VAL CG1  C  N N 409 
VAL CG2  C  N N 410 
VAL OXT  O  N N 411 
VAL H    H  N N 412 
VAL H2   H  N N 413 
VAL HA   H  N N 414 
VAL HB   H  N N 415 
VAL HG11 H  N N 416 
VAL HG12 H  N N 417 
VAL HG13 H  N N 418 
VAL HG21 H  N N 419 
VAL HG22 H  N N 420 
VAL HG23 H  N N 421 
VAL HXT  H  N N 422 
ZN  ZN   ZN N N 423 
# 
loop_
_chem_comp_bond.comp_id 
_chem_comp_bond.atom_id_1 
_chem_comp_bond.atom_id_2 
_chem_comp_bond.value_order 
_chem_comp_bond.pdbx_aromatic_flag 
_chem_comp_bond.pdbx_stereo_config 
_chem_comp_bond.pdbx_ordinal 
ALA N   CA   sing N N 1   
ALA N   H    sing N N 2   
ALA N   H2   sing N N 3   
ALA CA  C    sing N N 4   
ALA CA  CB   sing N N 5   
ALA CA  HA   sing N N 6   
ALA C   O    doub N N 7   
ALA C   OXT  sing N N 8   
ALA CB  HB1  sing N N 9   
ALA CB  HB2  sing N N 10  
ALA CB  HB3  sing N N 11  
ALA OXT HXT  sing N N 12  
ARG N   CA   sing N N 13  
ARG N   H    sing N N 14  
ARG N   H2   sing N N 15  
ARG CA  C    sing N N 16  
ARG CA  CB   sing N N 17  
ARG CA  HA   sing N N 18  
ARG C   O    doub N N 19  
ARG C   OXT  sing N N 20  
ARG CB  CG   sing N N 21  
ARG CB  HB2  sing N N 22  
ARG CB  HB3  sing N N 23  
ARG CG  CD   sing N N 24  
ARG CG  HG2  sing N N 25  
ARG CG  HG3  sing N N 26  
ARG CD  NE   sing N N 27  
ARG CD  HD2  sing N N 28  
ARG CD  HD3  sing N N 29  
ARG NE  CZ   sing N N 30  
ARG NE  HE   sing N N 31  
ARG CZ  NH1  sing N N 32  
ARG CZ  NH2  doub N N 33  
ARG NH1 HH11 sing N N 34  
ARG NH1 HH12 sing N N 35  
ARG NH2 HH21 sing N N 36  
ARG NH2 HH22 sing N N 37  
ARG OXT HXT  sing N N 38  
ASN N   CA   sing N N 39  
ASN N   H    sing N N 40  
ASN N   H2   sing N N 41  
ASN CA  C    sing N N 42  
ASN CA  CB   sing N N 43  
ASN CA  HA   sing N N 44  
ASN C   O    doub N N 45  
ASN C   OXT  sing N N 46  
ASN CB  CG   sing N N 47  
ASN CB  HB2  sing N N 48  
ASN CB  HB3  sing N N 49  
ASN CG  OD1  doub N N 50  
ASN CG  ND2  sing N N 51  
ASN ND2 HD21 sing N N 52  
ASN ND2 HD22 sing N N 53  
ASN OXT HXT  sing N N 54  
ASP N   CA   sing N N 55  
ASP N   H    sing N N 56  
ASP N   H2   sing N N 57  
ASP CA  C    sing N N 58  
ASP CA  CB   sing N N 59  
ASP CA  HA   sing N N 60  
ASP C   O    doub N N 61  
ASP C   OXT  sing N N 62  
ASP CB  CG   sing N N 63  
ASP CB  HB2  sing N N 64  
ASP CB  HB3  sing N N 65  
ASP CG  OD1  doub N N 66  
ASP CG  OD2  sing N N 67  
ASP OD2 HD2  sing N N 68  
ASP OXT HXT  sing N N 69  
GLN N   CA   sing N N 70  
GLN N   H    sing N N 71  
GLN N   H2   sing N N 72  
GLN CA  C    sing N N 73  
GLN CA  CB   sing N N 74  
GLN CA  HA   sing N N 75  
GLN C   O    doub N N 76  
GLN C   OXT  sing N N 77  
GLN CB  CG   sing N N 78  
GLN CB  HB2  sing N N 79  
GLN CB  HB3  sing N N 80  
GLN CG  CD   sing N N 81  
GLN CG  HG2  sing N N 82  
GLN CG  HG3  sing N N 83  
GLN CD  OE1  doub N N 84  
GLN CD  NE2  sing N N 85  
GLN NE2 HE21 sing N N 86  
GLN NE2 HE22 sing N N 87  
GLN OXT HXT  sing N N 88  
GLU N   CA   sing N N 89  
GLU N   H    sing N N 90  
GLU N   H2   sing N N 91  
GLU CA  C    sing N N 92  
GLU CA  CB   sing N N 93  
GLU CA  HA   sing N N 94  
GLU C   O    doub N N 95  
GLU C   OXT  sing N N 96  
GLU CB  CG   sing N N 97  
GLU CB  HB2  sing N N 98  
GLU CB  HB3  sing N N 99  
GLU CG  CD   sing N N 100 
GLU CG  HG2  sing N N 101 
GLU CG  HG3  sing N N 102 
GLU CD  OE1  doub N N 103 
GLU CD  OE2  sing N N 104 
GLU OE2 HE2  sing N N 105 
GLU OXT HXT  sing N N 106 
GLY N   CA   sing N N 107 
GLY N   H    sing N N 108 
GLY N   H2   sing N N 109 
GLY CA  C    sing N N 110 
GLY CA  HA2  sing N N 111 
GLY CA  HA3  sing N N 112 
GLY C   O    doub N N 113 
GLY C   OXT  sing N N 114 
GLY OXT HXT  sing N N 115 
HIS N   CA   sing N N 116 
HIS N   H    sing N N 117 
HIS N   H2   sing N N 118 
HIS CA  C    sing N N 119 
HIS CA  CB   sing N N 120 
HIS CA  HA   sing N N 121 
HIS C   O    doub N N 122 
HIS C   OXT  sing N N 123 
HIS CB  CG   sing N N 124 
HIS CB  HB2  sing N N 125 
HIS CB  HB3  sing N N 126 
HIS CG  ND1  sing Y N 127 
HIS CG  CD2  doub Y N 128 
HIS ND1 CE1  doub Y N 129 
HIS ND1 HD1  sing N N 130 
HIS CD2 NE2  sing Y N 131 
HIS CD2 HD2  sing N N 132 
HIS CE1 NE2  sing Y N 133 
HIS CE1 HE1  sing N N 134 
HIS NE2 HE2  sing N N 135 
HIS OXT HXT  sing N N 136 
HOH O   H1   sing N N 137 
HOH O   H2   sing N N 138 
ILE N   CA   sing N N 139 
ILE N   H    sing N N 140 
ILE N   H2   sing N N 141 
ILE CA  C    sing N N 142 
ILE CA  CB   sing N N 143 
ILE CA  HA   sing N N 144 
ILE C   O    doub N N 145 
ILE C   OXT  sing N N 146 
ILE CB  CG1  sing N N 147 
ILE CB  CG2  sing N N 148 
ILE CB  HB   sing N N 149 
ILE CG1 CD1  sing N N 150 
ILE CG1 HG12 sing N N 151 
ILE CG1 HG13 sing N N 152 
ILE CG2 HG21 sing N N 153 
ILE CG2 HG22 sing N N 154 
ILE CG2 HG23 sing N N 155 
ILE CD1 HD11 sing N N 156 
ILE CD1 HD12 sing N N 157 
ILE CD1 HD13 sing N N 158 
ILE OXT HXT  sing N N 159 
LEU N   CA   sing N N 160 
LEU N   H    sing N N 161 
LEU N   H2   sing N N 162 
LEU CA  C    sing N N 163 
LEU CA  CB   sing N N 164 
LEU CA  HA   sing N N 165 
LEU C   O    doub N N 166 
LEU C   OXT  sing N N 167 
LEU CB  CG   sing N N 168 
LEU CB  HB2  sing N N 169 
LEU CB  HB3  sing N N 170 
LEU CG  CD1  sing N N 171 
LEU CG  CD2  sing N N 172 
LEU CG  HG   sing N N 173 
LEU CD1 HD11 sing N N 174 
LEU CD1 HD12 sing N N 175 
LEU CD1 HD13 sing N N 176 
LEU CD2 HD21 sing N N 177 
LEU CD2 HD22 sing N N 178 
LEU CD2 HD23 sing N N 179 
LEU OXT HXT  sing N N 180 
LYS N   CA   sing N N 181 
LYS N   H    sing N N 182 
LYS N   H2   sing N N 183 
LYS CA  C    sing N N 184 
LYS CA  CB   sing N N 185 
LYS CA  HA   sing N N 186 
LYS C   O    doub N N 187 
LYS C   OXT  sing N N 188 
LYS CB  CG   sing N N 189 
LYS CB  HB2  sing N N 190 
LYS CB  HB3  sing N N 191 
LYS CG  CD   sing N N 192 
LYS CG  HG2  sing N N 193 
LYS CG  HG3  sing N N 194 
LYS CD  CE   sing N N 195 
LYS CD  HD2  sing N N 196 
LYS CD  HD3  sing N N 197 
LYS CE  NZ   sing N N 198 
LYS CE  HE2  sing N N 199 
LYS CE  HE3  sing N N 200 
LYS NZ  HZ1  sing N N 201 
LYS NZ  HZ2  sing N N 202 
LYS NZ  HZ3  sing N N 203 
LYS OXT HXT  sing N N 204 
MET N   CA   sing N N 205 
MET N   H    sing N N 206 
MET N   H2   sing N N 207 
MET CA  C    sing N N 208 
MET CA  CB   sing N N 209 
MET CA  HA   sing N N 210 
MET C   O    doub N N 211 
MET C   OXT  sing N N 212 
MET CB  CG   sing N N 213 
MET CB  HB2  sing N N 214 
MET CB  HB3  sing N N 215 
MET CG  SD   sing N N 216 
MET CG  HG2  sing N N 217 
MET CG  HG3  sing N N 218 
MET SD  CE   sing N N 219 
MET CE  HE1  sing N N 220 
MET CE  HE2  sing N N 221 
MET CE  HE3  sing N N 222 
MET OXT HXT  sing N N 223 
PHE N   CA   sing N N 224 
PHE N   H    sing N N 225 
PHE N   H2   sing N N 226 
PHE CA  C    sing N N 227 
PHE CA  CB   sing N N 228 
PHE CA  HA   sing N N 229 
PHE C   O    doub N N 230 
PHE C   OXT  sing N N 231 
PHE CB  CG   sing N N 232 
PHE CB  HB2  sing N N 233 
PHE CB  HB3  sing N N 234 
PHE CG  CD1  doub Y N 235 
PHE CG  CD2  sing Y N 236 
PHE CD1 CE1  sing Y N 237 
PHE CD1 HD1  sing N N 238 
PHE CD2 CE2  doub Y N 239 
PHE CD2 HD2  sing N N 240 
PHE CE1 CZ   doub Y N 241 
PHE CE1 HE1  sing N N 242 
PHE CE2 CZ   sing Y N 243 
PHE CE2 HE2  sing N N 244 
PHE CZ  HZ   sing N N 245 
PHE OXT HXT  sing N N 246 
PM8 O23 P24  sing N N 247 
PM8 O23 H23  sing N N 248 
PM8 P24 O26  doub N N 249 
PM8 P24 O27  sing N N 250 
PM8 P24 H24  sing N N 251 
PM8 O27 C28  sing N N 252 
PM8 C28 C29  sing N N 253 
PM8 C28 H281 sing N N 254 
PM8 C28 H282 sing N N 255 
PM8 C29 C30  sing N N 256 
PM8 C29 C31  sing N N 257 
PM8 C29 C32  sing N N 258 
PM8 C30 H301 sing N N 259 
PM8 C30 H302 sing N N 260 
PM8 C30 H303 sing N N 261 
PM8 C31 H311 sing N N 262 
PM8 C31 H312 sing N N 263 
PM8 C31 H313 sing N N 264 
PM8 C32 O33  sing N N 265 
PM8 C32 C34  sing N N 266 
PM8 C32 H32  sing N N 267 
PM8 O33 H33  sing N N 268 
PM8 C34 O35  doub N N 269 
PM8 C34 N36  sing N N 270 
PM8 N36 C37  sing N N 271 
PM8 N36 H36  sing N N 272 
PM8 C37 C38  sing N N 273 
PM8 C37 H371 sing N N 274 
PM8 C37 H372 sing N N 275 
PM8 C38 C39  sing N N 276 
PM8 C38 H381 sing N N 277 
PM8 C38 H382 sing N N 278 
PM8 C39 O40  doub N N 279 
PM8 C39 N41  sing N N 280 
PM8 N41 C42  sing N N 281 
PM8 N41 H41  sing N N 282 
PM8 C42 C43  sing N N 283 
PM8 C42 H421 sing N N 284 
PM8 C42 H422 sing N N 285 
PM8 C43 S1   sing N N 286 
PM8 C43 H431 sing N N 287 
PM8 C43 H432 sing N N 288 
PM8 S1  C1   sing N N 289 
PM8 C1  O1   doub N N 290 
PM8 C1  C2   sing N N 291 
PM8 C2  C3   sing N N 292 
PM8 C2  H21  sing N N 293 
PM8 C2  H22  sing N N 294 
PM8 C3  C4   sing N N 295 
PM8 C3  H31  sing N N 296 
PM8 C3  H32A sing N N 297 
PM8 C4  C5   sing N N 298 
PM8 C4  H41A sing N N 299 
PM8 C4  H42  sing N N 300 
PM8 C5  C6   sing N N 301 
PM8 C5  H51  sing N N 302 
PM8 C5  H52  sing N N 303 
PM8 C6  C7   sing N N 304 
PM8 C6  H61  sing N N 305 
PM8 C6  H62  sing N N 306 
PM8 C7  C8   sing N N 307 
PM8 C7  H71  sing N N 308 
PM8 C7  H72  sing N N 309 
PM8 C8  C9   sing N N 310 
PM8 C8  H81  sing N N 311 
PM8 C8  H82  sing N N 312 
PM8 C9  C10  sing N N 313 
PM8 C9  H91  sing N N 314 
PM8 C9  H92  sing N N 315 
PM8 C10 H101 sing N N 316 
PM8 C10 H102 sing N N 317 
PM8 C10 H103 sing N N 318 
PRO N   CA   sing N N 319 
PRO N   CD   sing N N 320 
PRO N   H    sing N N 321 
PRO CA  C    sing N N 322 
PRO CA  CB   sing N N 323 
PRO CA  HA   sing N N 324 
PRO C   O    doub N N 325 
PRO C   OXT  sing N N 326 
PRO CB  CG   sing N N 327 
PRO CB  HB2  sing N N 328 
PRO CB  HB3  sing N N 329 
PRO CG  CD   sing N N 330 
PRO CG  HG2  sing N N 331 
PRO CG  HG3  sing N N 332 
PRO CD  HD2  sing N N 333 
PRO CD  HD3  sing N N 334 
PRO OXT HXT  sing N N 335 
SER N   CA   sing N N 336 
SER N   H    sing N N 337 
SER N   H2   sing N N 338 
SER CA  C    sing N N 339 
SER CA  CB   sing N N 340 
SER CA  HA   sing N N 341 
SER C   O    doub N N 342 
SER C   OXT  sing N N 343 
SER CB  OG   sing N N 344 
SER CB  HB2  sing N N 345 
SER CB  HB3  sing N N 346 
SER OG  HG   sing N N 347 
SER OXT HXT  sing N N 348 
THR N   CA   sing N N 349 
THR N   H    sing N N 350 
THR N   H2   sing N N 351 
THR CA  C    sing N N 352 
THR CA  CB   sing N N 353 
THR CA  HA   sing N N 354 
THR C   O    doub N N 355 
THR C   OXT  sing N N 356 
THR CB  OG1  sing N N 357 
THR CB  CG2  sing N N 358 
THR CB  HB   sing N N 359 
THR OG1 HG1  sing N N 360 
THR CG2 HG21 sing N N 361 
THR CG2 HG22 sing N N 362 
THR CG2 HG23 sing N N 363 
THR OXT HXT  sing N N 364 
TYR N   CA   sing N N 365 
TYR N   H    sing N N 366 
TYR N   H2   sing N N 367 
TYR CA  C    sing N N 368 
TYR CA  CB   sing N N 369 
TYR CA  HA   sing N N 370 
TYR C   O    doub N N 371 
TYR C   OXT  sing N N 372 
TYR CB  CG   sing N N 373 
TYR CB  HB2  sing N N 374 
TYR CB  HB3  sing N N 375 
TYR CG  CD1  doub Y N 376 
TYR CG  CD2  sing Y N 377 
TYR CD1 CE1  sing Y N 378 
TYR CD1 HD1  sing N N 379 
TYR CD2 CE2  doub Y N 380 
TYR CD2 HD2  sing N N 381 
TYR CE1 CZ   doub Y N 382 
TYR CE1 HE1  sing N N 383 
TYR CE2 CZ   sing Y N 384 
TYR CE2 HE2  sing N N 385 
TYR CZ  OH   sing N N 386 
TYR OH  HH   sing N N 387 
TYR OXT HXT  sing N N 388 
VAL N   CA   sing N N 389 
VAL N   H    sing N N 390 
VAL N   H2   sing N N 391 
VAL CA  C    sing N N 392 
VAL CA  CB   sing N N 393 
VAL CA  HA   sing N N 394 
VAL C   O    doub N N 395 
VAL C   OXT  sing N N 396 
VAL CB  CG1  sing N N 397 
VAL CB  CG2  sing N N 398 
VAL CB  HB   sing N N 399 
VAL CG1 HG11 sing N N 400 
VAL CG1 HG12 sing N N 401 
VAL CG1 HG13 sing N N 402 
VAL CG2 HG21 sing N N 403 
VAL CG2 HG22 sing N N 404 
VAL CG2 HG23 sing N N 405 
VAL OXT HXT  sing N N 406 
# 
_pdbx_initial_refinement_model.id               1 
_pdbx_initial_refinement_model.entity_id_list   ? 
_pdbx_initial_refinement_model.type             'experimental model' 
_pdbx_initial_refinement_model.source_name      PDB 
_pdbx_initial_refinement_model.accession_code   1L0I 
_pdbx_initial_refinement_model.details          'PDB 1L0I' 
# 
_atom_sites.entry_id                    2FAE 
_atom_sites.fract_transf_matrix[1][1]   -0.00376785 
_atom_sites.fract_transf_matrix[1][2]   -0.00538339 
_atom_sites.fract_transf_matrix[1][3]   -0.02011913 
_atom_sites.fract_transf_matrix[2][1]   0.00488446 
_atom_sites.fract_transf_matrix[2][2]   -0.00782912 
_atom_sites.fract_transf_matrix[2][3]   0.00118014 
_atom_sites.fract_transf_matrix[3][1]   -0.02967968 
_atom_sites.fract_transf_matrix[3][2]   -0.01699342 
_atom_sites.fract_transf_matrix[3][3]   0.01010535 
_atom_sites.fract_transf_vector[1]      0.520608 
_atom_sites.fract_transf_vector[2]      0.379593 
_atom_sites.fract_transf_vector[3]      0.256809 
# 
loop_
_atom_type.symbol 
C  
N  
O  
P  
S  
ZN 
# 
loop_
_atom_site.group_PDB 
_atom_site.id 
_atom_site.type_symbol 
_atom_site.label_atom_id 
_atom_site.label_alt_id 
_atom_site.label_comp_id 
_atom_site.label_asym_id 
_atom_site.label_entity_id 
_atom_site.label_seq_id 
_atom_site.pdbx_PDB_ins_code 
_atom_site.Cartn_x 
_atom_site.Cartn_y 
_atom_site.Cartn_z 
_atom_site.occupancy 
_atom_site.B_iso_or_equiv 
_atom_site.pdbx_formal_charge 
_atom_site.auth_seq_id 
_atom_site.auth_comp_id 
_atom_site.auth_asym_id 
_atom_site.auth_atom_id 
_atom_site.pdbx_PDB_model_num 
ATOM   1    N  N   . SER A 1 1  ? 9.798   -2.237  0.368   1.00 12.12 ? 1   SER A N   1 
ATOM   2    C  CA  . SER A 1 1  ? 9.474   -1.291  1.454   1.00 12.83 ? 1   SER A CA  1 
ATOM   3    C  C   . SER A 1 1  ? 9.388   -2.045  2.766   1.00 18.77 ? 1   SER A C   1 
ATOM   4    O  O   . SER A 1 1  ? 9.462   -3.252  2.785   1.00 15.02 ? 1   SER A O   1 
ATOM   5    C  CB  . SER A 1 1  ? 8.161   -0.576  1.165   1.00 15.42 ? 1   SER A CB  1 
ATOM   6    O  OG  . SER A 1 1  ? 7.173   -1.518  0.801   1.00 17.65 ? 1   SER A OG  1 
ATOM   7    N  N   . THR A 1 2  ? 9.223   -1.322  3.861   1.00 12.04 ? 2   THR A N   1 
ATOM   8    C  CA  . THR A 1 2  ? 9.157   -1.947  5.166   1.00 3.97  ? 2   THR A CA  1 
ATOM   9    C  C   . THR A 1 2  ? 7.740   -2.017  5.722   1.00 4.05  ? 2   THR A C   1 
ATOM   10   O  O   . THR A 1 2  ? 6.809   -1.385  5.215   1.00 7.02  ? 2   THR A O   1 
ATOM   11   C  CB  . THR A 1 2  ? 10.043  -1.164  6.146   1.00 5.65  ? 2   THR A CB  1 
ATOM   12   O  OG1 . THR A 1 2  ? 9.434   0.109   6.406   1.00 8.00  ? 2   THR A OG1 1 
ATOM   13   C  CG2 . THR A 1 2  ? 11.395  -0.926  5.541   1.00 7.77  ? 2   THR A CG2 1 
ATOM   14   N  N   . ILE A 1 3  ? 7.564   -2.807  6.778   1.00 13.25 ? 3   ILE A N   1 
ATOM   15   C  CA  . ILE A 1 3  ? 6.246   -2.931  7.402   1.00 12.21 ? 3   ILE A CA  1 
ATOM   16   C  C   . ILE A 1 3  ? 5.816   -1.545  7.930   1.00 10.64 ? 3   ILE A C   1 
ATOM   17   O  O   . ILE A 1 3  ? 4.649   -1.116  7.808   1.00 7.09  ? 3   ILE A O   1 
ATOM   18   C  CB  . ILE A 1 3  ? 6.291   -3.996  8.551   1.00 9.88  ? 3   ILE A CB  1 
ATOM   19   C  CG1 . ILE A 1 3  ? 6.328   -5.395  7.934   1.00 13.55 ? 3   ILE A CG1 1 
ATOM   20   C  CG2 . ILE A 1 3  ? 5.091   -3.828  9.507   1.00 10.64 ? 3   ILE A CG2 1 
ATOM   21   C  CD1 . ILE A 1 3  ? 5.133   -5.695  7.068   1.00 18.95 ? 3   ILE A CD1 1 
ATOM   22   N  N   . GLU A 1 4  ? 6.768   -0.849  8.526   1.00 9.19  ? 4   GLU A N   1 
ATOM   23   C  CA  . GLU A 1 4  ? 6.510   0.482   9.057   1.00 6.07  ? 4   GLU A CA  1 
ATOM   24   C  C   . GLU A 1 4  ? 5.924   1.354   7.952   1.00 9.81  ? 4   GLU A C   1 
ATOM   25   O  O   . GLU A 1 4  ? 4.943   2.054   8.186   1.00 7.46  ? 4   GLU A O   1 
ATOM   26   C  CB  . GLU A 1 4  ? 7.811   1.072   9.608   1.00 11.61 ? 4   GLU A CB  1 
ATOM   27   C  CG  . GLU A 1 4  ? 7.872   2.581   9.773   1.00 12.06 ? 4   GLU A CG  1 
ATOM   28   C  CD  . GLU A 1 4  ? 9.127   3.016   10.508  1.00 12.88 ? 4   GLU A CD  1 
ATOM   29   O  OE1 . GLU A 1 4  ? 9.086   3.185   11.744  1.00 14.59 ? 4   GLU A OE1 1 
ATOM   30   O  OE2 . GLU A 1 4  ? 10.172  3.197   9.848   1.00 10.63 ? 4   GLU A OE2 1 
ATOM   31   N  N   . GLU A 1 5  ? 6.524   1.318   6.765   1.00 6.99  ? 5   GLU A N   1 
ATOM   32   C  CA  . GLU A 1 5  ? 6.039   2.128   5.659   1.00 6.13  ? 5   GLU A CA  1 
ATOM   33   C  C   . GLU A 1 5  ? 4.663   1.732   5.177   1.00 10.84 ? 5   GLU A C   1 
ATOM   34   O  O   . GLU A 1 5  ? 3.826   2.598   4.878   1.00 11.38 ? 5   GLU A O   1 
ATOM   35   C  CB  . GLU A 1 5  ? 7.011   2.088   4.462   1.00 9.73  ? 5   GLU A CB  1 
ATOM   36   C  CG  . GLU A 1 5  ? 8.303   2.870   4.673   1.00 5.03  ? 5   GLU A CG  1 
ATOM   37   C  CD  . GLU A 1 5  ? 9.351   2.611   3.598   1.00 8.02  ? 5   GLU A CD  1 
ATOM   38   O  OE1 . GLU A 1 5  ? 9.552   1.433   3.238   1.00 8.34  ? 5   GLU A OE1 1 
ATOM   39   O  OE2 . GLU A 1 5  ? 9.982   3.559   3.142   1.00 4.43  ? 5   GLU A OE2 1 
ATOM   40   N  N   . ARG A 1 6  ? 4.416   0.429   5.107   1.00 7.51  ? 6   ARG A N   1 
ATOM   41   C  CA  . ARG A 1 6  ? 3.132   -0.038  4.642   1.00 9.40  ? 6   ARG A CA  1 
ATOM   42   C  C   . ARG A 1 6  ? 2.025   0.269   5.637   1.00 7.94  ? 6   ARG A C   1 
ATOM   43   O  O   . ARG A 1 6  ? 0.934   0.674   5.266   1.00 8.29  ? 6   ARG A O   1 
ATOM   44   C  CB  . ARG A 1 6  ? 3.228   -1.523  4.353   1.00 8.44  ? 6   ARG A CB  1 
ATOM   45   C  CG  . ARG A 1 6  ? 4.285   -1.827  3.297   1.00 12.63 ? 6   ARG A CG  1 
ATOM   46   C  CD  . ARG A 1 6  ? 4.556   -3.316  3.175   1.00 13.09 ? 6   ARG A CD  1 
ATOM   47   N  NE  . ARG A 1 6  ? 3.333   -4.040  2.881   1.00 13.24 ? 6   ARG A NE  1 
ATOM   48   C  CZ  . ARG A 1 6  ? 3.235   -5.362  2.911   1.00 21.29 ? 6   ARG A CZ  1 
ATOM   49   N  NH1 . ARG A 1 6  ? 4.290   -6.086  3.226   1.00 14.97 ? 6   ARG A NH1 1 
ATOM   50   N  NH2 . ARG A 1 6  ? 2.093   -5.949  2.626   1.00 8.66  ? 6   ARG A NH2 1 
ATOM   51   N  N   . VAL A 1 7  ? 2.306   0.040   6.920   1.00 9.19  ? 7   VAL A N   1 
ATOM   52   C  CA  . VAL A 1 7  ? 1.334   0.300   7.947   1.00 6.43  ? 7   VAL A CA  1 
ATOM   53   C  C   . VAL A 1 7  ? 1.013   1.798   8.019   1.00 8.38  ? 7   VAL A C   1 
ATOM   54   O  O   . VAL A 1 7  ? -0.154  2.162   8.089   1.00 9.54  ? 7   VAL A O   1 
ATOM   55   C  CB  . VAL A 1 7  ? 1.840   -0.193  9.338   1.00 7.24  ? 7   VAL A CB  1 
ATOM   56   C  CG1 . VAL A 1 7  ? 0.905   0.315   10.444  1.00 5.38  ? 7   VAL A CG1 1 
ATOM   57   C  CG2 . VAL A 1 7  ? 1.882   -1.733  9.375   1.00 5.17  ? 7   VAL A CG2 1 
ATOM   58   N  N   . LYS A 1 8  ? 2.033   2.653   8.015   1.00 4.82  ? 8   LYS A N   1 
ATOM   59   C  CA  . LYS A 1 8  ? 1.788   4.099   8.068   1.00 4.81  ? 8   LYS A CA  1 
ATOM   60   C  C   . LYS A 1 8  ? 0.992   4.622   6.885   1.00 9.92  ? 8   LYS A C   1 
ATOM   61   O  O   . LYS A 1 8  ? 0.180   5.526   7.038   1.00 11.06 ? 8   LYS A O   1 
ATOM   62   C  CB  . LYS A 1 8  ? 3.105   4.867   8.205   1.00 5.60  ? 8   LYS A CB  1 
ATOM   63   C  CG  . LYS A 1 8  ? 3.742   4.732   9.609   1.00 8.79  ? 8   LYS A CG  1 
ATOM   64   C  CD  . LYS A 1 8  ? 4.966   5.661   9.724   1.00 6.30  ? 8   LYS A CD  1 
ATOM   65   C  CE  . LYS A 1 8  ? 5.600   5.629   11.112  1.00 14.71 ? 8   LYS A CE  1 
ATOM   66   N  NZ  . LYS A 1 8  ? 6.632   6.705   11.237  1.00 9.58  ? 8   LYS A NZ  1 
ATOM   67   N  N   . LYS A 1 9  ? 1.214   4.050   5.705   1.00 5.73  ? 9   LYS A N   1 
ATOM   68   C  CA  . LYS A 1 9  ? 0.473   4.482   4.533   1.00 5.12  ? 9   LYS A CA  1 
ATOM   69   C  C   . LYS A 1 9  ? -1.021  4.196   4.728   1.00 7.13  ? 9   LYS A C   1 
ATOM   70   O  O   . LYS A 1 9  ? -1.847  5.046   4.468   1.00 12.22 ? 9   LYS A O   1 
ATOM   71   C  CB  . LYS A 1 9  ? 0.997   3.757   3.306   1.00 12.16 ? 9   LYS A CB  1 
ATOM   72   C  CG  . LYS A 1 9  ? 0.342   4.247   2.023   1.00 14.15 ? 9   LYS A CG  1 
ATOM   73   C  CD  . LYS A 1 9  ? 0.701   3.378   0.825   1.00 18.42 ? 9   LYS A CD  1 
ATOM   74   C  CE  . LYS A 1 9  ? 2.133   3.530   0.388   1.00 33.31 ? 9   LYS A CE  1 
ATOM   75   N  NZ  . LYS A 1 9  ? 2.353   2.712   -0.838  1.00 44.98 ? 9   LYS A NZ  1 
ATOM   76   N  N   . ILE A 1 10 ? -1.356  2.993   5.180   1.00 10.22 ? 10  ILE A N   1 
ATOM   77   C  CA  . ILE A 1 10 ? -2.762  2.623   5.401   1.00 6.98  ? 10  ILE A CA  1 
ATOM   78   C  C   . ILE A 1 10 ? -3.422  3.492   6.493   1.00 10.29 ? 10  ILE A C   1 
ATOM   79   O  O   . ILE A 1 10 ? -4.577  3.872   6.371   1.00 10.20 ? 10  ILE A O   1 
ATOM   80   C  CB  . ILE A 1 10 ? -2.884  1.126   5.753   1.00 9.70  ? 10  ILE A CB  1 
ATOM   81   C  CG1 . ILE A 1 10 ? -2.557  0.319   4.498   1.00 9.96  ? 10  ILE A CG1 1 
ATOM   82   C  CG2 . ILE A 1 10 ? -4.293  0.806   6.259   1.00 11.45 ? 10  ILE A CG2 1 
ATOM   83   C  CD1 . ILE A 1 10 ? -2.521  -1.168  4.712   1.00 24.01 ? 10  ILE A CD1 1 
ATOM   84   N  N   . ILE A 1 11 ? -2.685  3.790   7.560   1.00 9.95  ? 11  ILE A N   1 
ATOM   85   C  CA  . ILE A 1 11 ? -3.214  4.633   8.633   1.00 9.71  ? 11  ILE A CA  1 
ATOM   86   C  C   . ILE A 1 11 ? -3.554  6.041   8.104   1.00 7.03  ? 11  ILE A C   1 
ATOM   87   O  O   . ILE A 1 11 ? -4.613  6.602   8.433   1.00 8.36  ? 11  ILE A O   1 
ATOM   88   C  CB  . ILE A 1 11 ? -2.201  4.737   9.796   1.00 7.60  ? 11  ILE A CB  1 
ATOM   89   C  CG1 . ILE A 1 11 ? -2.125  3.375   10.518  1.00 12.69 ? 11  ILE A CG1 1 
ATOM   90   C  CG2 . ILE A 1 11 ? -2.602  5.862   10.758  1.00 16.22 ? 11  ILE A CG2 1 
ATOM   91   C  CD1 . ILE A 1 11 ? -1.008  3.264   11.579  1.00 12.43 ? 11  ILE A CD1 1 
ATOM   92   N  N   . GLY A 1 12 ? -2.662  6.587   7.285   1.00 7.88  ? 12  GLY A N   1 
ATOM   93   C  CA  . GLY A 1 12 ? -2.859  7.920   6.740   1.00 8.67  ? 12  GLY A CA  1 
ATOM   94   C  C   . GLY A 1 12 ? -4.019  7.975   5.789   1.00 14.61 ? 12  GLY A C   1 
ATOM   95   O  O   . GLY A 1 12 ? -4.823  8.917   5.791   1.00 13.20 ? 12  GLY A O   1 
ATOM   96   N  N   . GLU A 1 13 ? -4.119  6.939   4.974   1.00 13.44 ? 13  GLU A N   1 
ATOM   97   C  CA  . GLU A 1 13 ? -5.198  6.823   4.014   1.00 8.86  ? 13  GLU A CA  1 
ATOM   98   C  C   . GLU A 1 13 ? -6.543  6.702   4.749   1.00 11.54 ? 13  GLU A C   1 
ATOM   99   O  O   . GLU A 1 13 ? -7.476  7.458   4.496   1.00 10.36 ? 13  GLU A O   1 
ATOM   100  C  CB  . GLU A 1 13 ? -4.959  5.594   3.138   1.00 21.70 ? 13  GLU A CB  1 
ATOM   101  C  CG  . GLU A 1 13 ? -5.931  5.428   1.970   1.00 26.28 ? 13  GLU A CG  1 
ATOM   102  C  CD  . GLU A 1 13 ? -5.747  6.484   0.891   1.00 48.70 ? 13  GLU A CD  1 
ATOM   103  O  OE1 . GLU A 1 13 ? -4.586  6.843   0.594   1.00 55.89 ? 13  GLU A OE1 1 
ATOM   104  O  OE2 . GLU A 1 13 ? -6.761  6.947   0.325   1.00 55.33 ? 13  GLU A OE2 1 
ATOM   105  N  N   . GLN A 1 14 ? -6.624  5.766   5.691   1.00 11.13 ? 14  GLN A N   1 
ATOM   106  C  CA  . GLN A 1 14 ? -7.835  5.531   6.446   1.00 12.39 ? 14  GLN A CA  1 
ATOM   107  C  C   . GLN A 1 14 ? -8.322  6.742   7.245   1.00 7.50  ? 14  GLN A C   1 
ATOM   108  O  O   . GLN A 1 14 ? -9.508  7.123   7.177   1.00 12.90 ? 14  GLN A O   1 
ATOM   109  C  CB  . GLN A 1 14 ? -7.618  4.357   7.406   1.00 10.78 ? 14  GLN A CB  1 
ATOM   110  C  CG  . GLN A 1 14 ? -7.572  2.984   6.722   1.00 17.27 ? 14  GLN A CG  1 
ATOM   111  C  CD  . GLN A 1 14 ? -8.898  2.610   6.030   1.00 30.02 ? 14  GLN A CD  1 
ATOM   112  O  OE1 . GLN A 1 14 ? -9.997  2.855   6.553   1.00 18.06 ? 14  GLN A OE1 1 
ATOM   113  N  NE2 . GLN A 1 14 ? -8.792  2.005   4.858   1.00 19.56 ? 14  GLN A NE2 1 
ATOM   114  N  N   . LEU A 1 15 ? -7.412  7.370   7.985   1.00 8.65  ? 15  LEU A N   1 
ATOM   115  C  CA  . LEU A 1 15 ? -7.785  8.496   8.823   1.00 11.08 ? 15  LEU A CA  1 
ATOM   116  C  C   . LEU A 1 15 ? -7.779  9.872   8.154   1.00 14.60 ? 15  LEU A C   1 
ATOM   117  O  O   . LEU A 1 15 ? -8.138  10.854  8.787   1.00 20.37 ? 15  LEU A O   1 
ATOM   118  C  CB  . LEU A 1 15 ? -6.873  8.552   10.045  1.00 8.22  ? 15  LEU A CB  1 
ATOM   119  C  CG  . LEU A 1 15 ? -6.829  7.315   10.941  1.00 5.40  ? 15  LEU A CG  1 
ATOM   120  C  CD1 . LEU A 1 15 ? -5.946  7.628   12.126  1.00 9.99  ? 15  LEU A CD1 1 
ATOM   121  C  CD2 . LEU A 1 15 ? -8.205  6.919   11.434  1.00 14.44 ? 15  LEU A CD2 1 
ATOM   122  N  N   . GLY A 1 16 ? -7.364  9.947   6.890   1.00 13.84 ? 16  GLY A N   1 
ATOM   123  C  CA  . GLY A 1 16 ? -7.312  11.230  6.214   1.00 15.46 ? 16  GLY A CA  1 
ATOM   124  C  C   . GLY A 1 16 ? -6.247  12.153  6.791   1.00 14.97 ? 16  GLY A C   1 
ATOM   125  O  O   . GLY A 1 16 ? -6.419  13.374  6.815   1.00 16.43 ? 16  GLY A O   1 
ATOM   126  N  N   . VAL A 1 17 ? -5.145  11.588  7.267   1.00 12.05 ? 17  VAL A N   1 
ATOM   127  C  CA  . VAL A 1 17 ? -4.103  12.410  7.847   1.00 13.12 ? 17  VAL A CA  1 
ATOM   128  C  C   . VAL A 1 17 ? -2.864  12.334  6.995   1.00 15.93 ? 17  VAL A C   1 
ATOM   129  O  O   . VAL A 1 17 ? -2.585  11.301  6.397   1.00 11.92 ? 17  VAL A O   1 
ATOM   130  C  CB  . VAL A 1 17 ? -3.761  11.963  9.283   1.00 18.99 ? 17  VAL A CB  1 
ATOM   131  C  CG1 . VAL A 1 17 ? -4.994  12.020  10.134  1.00 11.23 ? 17  VAL A CG1 1 
ATOM   132  C  CG2 . VAL A 1 17 ? -3.175  10.561  9.285   1.00 22.54 ? 17  VAL A CG2 1 
ATOM   133  N  N   . LYS A 1 18 ? -2.118  13.438  6.946   1.00 13.64 ? 18  LYS A N   1 
ATOM   134  C  CA  . LYS A 1 18 ? -0.899  13.502  6.146   1.00 17.84 ? 18  LYS A CA  1 
ATOM   135  C  C   . LYS A 1 18 ? 0.230   12.672  6.743   1.00 10.91 ? 18  LYS A C   1 
ATOM   136  O  O   . LYS A 1 18 ? 0.377   12.576  7.976   1.00 13.69 ? 18  LYS A O   1 
ATOM   137  C  CB  . LYS A 1 18 ? -0.466  14.966  5.953   1.00 17.63 ? 18  LYS A CB  1 
ATOM   138  C  CG  . LYS A 1 18 ? -0.164  15.755  7.216   1.00 15.38 ? 18  LYS A CG  1 
ATOM   139  C  CD  . LYS A 1 18 ? -0.329  17.268  6.918   1.00 17.50 ? 18  LYS A CD  1 
ATOM   140  C  CE  . LYS A 1 18 ? -0.185  18.146  8.165   1.00 24.56 ? 18  LYS A CE  1 
ATOM   141  N  NZ  . LYS A 1 18 ? -0.457  19.577  7.824   1.00 19.91 ? 18  LYS A NZ  1 
ATOM   142  N  N   . GLN A 1 19 ? 1.016   12.051  5.862   1.00 14.61 ? 19  GLN A N   1 
ATOM   143  C  CA  . GLN A 1 19 ? 2.129   11.206  6.268   1.00 14.29 ? 19  GLN A CA  1 
ATOM   144  C  C   . GLN A 1 19 ? 3.052   11.709  7.363   1.00 17.56 ? 19  GLN A C   1 
ATOM   145  O  O   . GLN A 1 19 ? 3.389   10.958  8.278   1.00 15.92 ? 19  GLN A O   1 
ATOM   146  C  CB  . GLN A 1 19 ? 2.978   10.817  5.048   1.00 32.09 ? 19  GLN A CB  1 
ATOM   147  C  CG  . GLN A 1 19 ? 2.464   9.607   4.281   1.00 31.20 ? 19  GLN A CG  1 
ATOM   148  C  CD  . GLN A 1 19 ? 2.313   8.356   5.155   1.00 39.48 ? 19  GLN A CD  1 
ATOM   149  O  OE1 . GLN A 1 19 ? 1.395   8.251   5.979   1.00 32.34 ? 19  GLN A OE1 1 
ATOM   150  N  NE2 . GLN A 1 19 ? 3.222   7.401   4.975   1.00 33.43 ? 19  GLN A NE2 1 
ATOM   151  N  N   . GLU A 1 20 ? 3.478   12.964  7.256   1.00 19.21 ? 20  GLU A N   1 
ATOM   152  C  CA  . GLU A 1 20 ? 4.389   13.561  8.227   1.00 17.72 ? 20  GLU A CA  1 
ATOM   153  C  C   . GLU A 1 20 ? 3.840   13.610  9.643   1.00 12.96 ? 20  GLU A C   1 
ATOM   154  O  O   . GLU A 1 20 ? 4.597   13.782  10.611  1.00 19.92 ? 20  GLU A O   1 
ATOM   155  C  CB  . GLU A 1 20 ? 4.787   14.975  7.787   1.00 26.96 ? 20  GLU A CB  1 
ATOM   156  C  CG  . GLU A 1 20 ? 3.612   15.903  7.527   1.00 17.98 ? 20  GLU A CG  1 
ATOM   157  C  CD  . GLU A 1 20 ? 3.251   15.998  6.057   1.00 28.04 ? 20  GLU A CD  1 
ATOM   158  O  OE1 . GLU A 1 20 ? 3.214   14.956  5.361   1.00 22.52 ? 20  GLU A OE1 1 
ATOM   159  O  OE2 . GLU A 1 20 ? 2.996   17.130  5.596   1.00 20.76 ? 20  GLU A OE2 1 
ATOM   160  N  N   . GLU A 1 21 ? 2.525   13.428  9.761   1.00 12.50 ? 21  GLU A N   1 
ATOM   161  C  CA  . GLU A 1 21 ? 1.821   13.447  11.035  1.00 11.12 ? 21  GLU A CA  1 
ATOM   162  C  C   . GLU A 1 21 ? 1.736   12.049  11.681  1.00 17.13 ? 21  GLU A C   1 
ATOM   163  O  O   . GLU A 1 21 ? 1.487   11.927  12.887  1.00 13.38 ? 21  GLU A O   1 
ATOM   164  C  CB  . GLU A 1 21 ? 0.421   13.979  10.782  1.00 26.22 ? 21  GLU A CB  1 
ATOM   165  C  CG  . GLU A 1 21 ? -0.184  14.749  11.907  1.00 33.02 ? 21  GLU A CG  1 
ATOM   166  C  CD  . GLU A 1 21 ? -1.602  15.168  11.580  1.00 30.40 ? 21  GLU A CD  1 
ATOM   167  O  OE1 . GLU A 1 21 ? -1.812  15.609  10.429  1.00 17.73 ? 21  GLU A OE1 1 
ATOM   168  O  OE2 . GLU A 1 21 ? -2.489  15.051  12.459  1.00 40.12 ? 21  GLU A OE2 1 
ATOM   169  N  N   . VAL A 1 22 ? 1.933   11.002  10.870  1.00 13.94 ? 22  VAL A N   1 
ATOM   170  C  CA  . VAL A 1 22 ? 1.867   9.620   11.339  1.00 15.72 ? 22  VAL A CA  1 
ATOM   171  C  C   . VAL A 1 22 ? 3.202   9.135   11.935  1.00 14.52 ? 22  VAL A C   1 
ATOM   172  O  O   . VAL A 1 22 ? 3.874   8.249   11.389  1.00 10.90 ? 22  VAL A O   1 
ATOM   173  C  CB  . VAL A 1 22 ? 1.382   8.651   10.180  1.00 7.10  ? 22  VAL A CB  1 
ATOM   174  C  CG1 . VAL A 1 22 ? 1.024   7.269   10.722  1.00 10.42 ? 22  VAL A CG1 1 
ATOM   175  C  CG2 . VAL A 1 22 ? 0.158   9.252   9.503   1.00 17.01 ? 22  VAL A CG2 1 
ATOM   176  N  N   . THR A 1 23 ? 3.565   9.694   13.088  1.00 14.97 ? 23  THR A N   1 
ATOM   177  C  CA  . THR A 1 23 ? 4.791   9.298   13.780  1.00 16.10 ? 23  THR A CA  1 
ATOM   178  C  C   . THR A 1 23 ? 4.552   7.990   14.533  1.00 12.57 ? 23  THR A C   1 
ATOM   179  O  O   . THR A 1 23 ? 3.410   7.549   14.703  1.00 12.15 ? 23  THR A O   1 
ATOM   180  C  CB  . THR A 1 23 ? 5.241   10.358  14.796  1.00 16.16 ? 23  THR A CB  1 
ATOM   181  O  OG1 . THR A 1 23 ? 4.202   10.558  15.767  1.00 14.60 ? 23  THR A OG1 1 
ATOM   182  C  CG2 . THR A 1 23 ? 5.517   11.679  14.089  1.00 26.61 ? 23  THR A CG2 1 
ATOM   183  N  N   . ASN A 1 24 ? 5.630   7.385   15.021  1.00 16.09 ? 24  ASN A N   1 
ATOM   184  C  CA  . ASN A 1 24 ? 5.535   6.114   15.736  1.00 13.52 ? 24  ASN A CA  1 
ATOM   185  C  C   . ASN A 1 24 ? 4.926   6.229   17.132  1.00 8.25  ? 24  ASN A C   1 
ATOM   186  O  O   . ASN A 1 24 ? 4.215   5.347   17.590  1.00 8.84  ? 24  ASN A O   1 
ATOM   187  C  CB  . ASN A 1 24 ? 6.914   5.450   15.821  1.00 9.26  ? 24  ASN A CB  1 
ATOM   188  C  CG  . ASN A 1 24 ? 7.498   5.131   14.452  1.00 14.53 ? 24  ASN A CG  1 
ATOM   189  O  OD1 . ASN A 1 24 ? 7.867   6.039   13.693  1.00 16.34 ? 24  ASN A OD1 1 
ATOM   190  N  ND2 . ASN A 1 24 ? 7.569   3.831   14.123  1.00 9.86  ? 24  ASN A ND2 1 
ATOM   191  N  N   . ASN A 1 25 ? 5.182   7.338   17.810  1.00 9.60  ? 25  ASN A N   1 
ATOM   192  C  CA  . ASN A 1 25 ? 4.621   7.542   19.140  1.00 9.19  ? 25  ASN A CA  1 
ATOM   193  C  C   . ASN A 1 25 ? 3.140   7.982   19.133  1.00 7.23  ? 25  ASN A C   1 
ATOM   194  O  O   . ASN A 1 25 ? 2.440   7.848   20.135  1.00 9.46  ? 25  ASN A O   1 
ATOM   195  C  CB  . ASN A 1 25 ? 5.433   8.606   19.885  1.00 13.85 ? 25  ASN A CB  1 
ATOM   196  C  CG  . ASN A 1 25 ? 6.894   8.201   20.086  1.00 31.17 ? 25  ASN A CG  1 
ATOM   197  O  OD1 . ASN A 1 25 ? 7.209   7.028   20.278  1.00 22.62 ? 25  ASN A OD1 1 
ATOM   198  N  ND2 . ASN A 1 25 ? 7.785   9.181   20.069  1.00 28.39 ? 25  ASN A ND2 1 
ATOM   199  N  N   . ALA A 1 26 ? 2.642   8.466   17.994  1.00 11.04 ? 26  ALA A N   1 
ATOM   200  C  CA  . ALA A 1 26 ? 1.278   8.991   17.915  1.00 8.51  ? 26  ALA A CA  1 
ATOM   201  C  C   . ALA A 1 26 ? 0.145   8.069   18.318  1.00 12.25 ? 26  ALA A C   1 
ATOM   202  O  O   . ALA A 1 26 ? 0.086   6.925   17.867  1.00 13.68 ? 26  ALA A O   1 
ATOM   203  C  CB  . ALA A 1 26 ? 1.006   9.521   16.493  1.00 7.13  ? 26  ALA A CB  1 
ATOM   204  N  N   . SER A 1 27 ? -0.766  8.572   19.154  1.00 10.08 ? 27  SER A N   1 
ATOM   205  C  CA  . SER A 1 27 ? -1.914  7.787   19.579  1.00 6.51  ? 27  SER A CA  1 
ATOM   206  C  C   . SER A 1 27 ? -3.015  7.913   18.518  1.00 7.57  ? 27  SER A C   1 
ATOM   207  O  O   . SER A 1 27 ? -3.246  8.976   17.979  1.00 11.27 ? 27  SER A O   1 
ATOM   208  C  CB  . SER A 1 27 ? -2.431  8.247   20.950  1.00 19.67 ? 27  SER A CB  1 
ATOM   209  O  OG  . SER A 1 27 ? -2.721  9.634   20.959  1.00 19.53 ? 27  SER A OG  1 
ATOM   210  N  N   . PHE A 1 28 ? -3.707  6.822   18.222  1.00 11.71 ? 28  PHE A N   1 
ATOM   211  C  CA  . PHE A 1 28 ? -4.749  6.907   17.194  1.00 8.09  ? 28  PHE A CA  1 
ATOM   212  C  C   . PHE A 1 28 ? -5.867  7.908   17.494  1.00 7.70  ? 28  PHE A C   1 
ATOM   213  O  O   . PHE A 1 28 ? -6.255  8.682   16.625  1.00 11.10 ? 28  PHE A O   1 
ATOM   214  C  CB  . PHE A 1 28 ? -5.376  5.532   16.932  1.00 11.65 ? 28  PHE A CB  1 
ATOM   215  C  CG  . PHE A 1 28 ? -4.433  4.563   16.301  1.00 13.39 ? 28  PHE A CG  1 
ATOM   216  C  CD1 . PHE A 1 28 ? -3.911  3.504   17.041  1.00 16.21 ? 28  PHE A CD1 1 
ATOM   217  C  CD2 . PHE A 1 28 ? -4.034  4.733   14.985  1.00 16.85 ? 28  PHE A CD2 1 
ATOM   218  C  CE1 . PHE A 1 28 ? -2.996  2.633   16.484  1.00 8.44  ? 28  PHE A CE1 1 
ATOM   219  C  CE2 . PHE A 1 28 ? -3.114  3.862   14.404  1.00 12.37 ? 28  PHE A CE2 1 
ATOM   220  C  CZ  . PHE A 1 28 ? -2.596  2.806   15.159  1.00 14.94 ? 28  PHE A CZ  1 
ATOM   221  N  N   . VAL A 1 29 ? -6.365  7.887   18.730  1.00 13.19 ? 29  VAL A N   1 
ATOM   222  C  CA  . VAL A 1 29 ? -7.449  8.771   19.140  1.00 15.17 ? 29  VAL A CA  1 
ATOM   223  C  C   . VAL A 1 29 ? -6.973  10.194  19.427  1.00 13.26 ? 29  VAL A C   1 
ATOM   224  O  O   . VAL A 1 29 ? -7.222  11.104  18.639  1.00 18.57 ? 29  VAL A O   1 
ATOM   225  C  CB  . VAL A 1 29 ? -8.158  8.202   20.381  1.00 18.46 ? 29  VAL A CB  1 
ATOM   226  C  CG1 . VAL A 1 29 ? -9.238  9.180   20.858  1.00 17.34 ? 29  VAL A CG1 1 
ATOM   227  C  CG2 . VAL A 1 29 ? -8.790  6.865   20.036  1.00 19.15 ? 29  VAL A CG2 1 
ATOM   228  N  N   . GLU A 1 30 ? -6.237  10.387  20.525  1.00 15.65 ? 30  GLU A N   1 
ATOM   229  C  CA  . GLU A 1 30 ? -5.824  11.742  20.867  1.00 22.62 ? 30  GLU A CA  1 
ATOM   230  C  C   . GLU A 1 30 ? -5.020  12.480  19.809  1.00 19.38 ? 30  GLU A C   1 
ATOM   231  O  O   . GLU A 1 30 ? -5.389  13.595  19.428  1.00 21.35 ? 30  GLU A O   1 
ATOM   232  C  CB  . GLU A 1 30 ? -5.063  11.776  22.195  1.00 22.41 ? 30  GLU A CB  1 
ATOM   233  C  CG  . GLU A 1 30 ? -4.410  13.152  22.444  1.00 43.06 ? 30  GLU A CG  1 
ATOM   234  C  CD  . GLU A 1 30 ? -3.910  13.354  23.866  1.00 53.04 ? 30  GLU A CD  1 
ATOM   235  O  OE1 . GLU A 1 30 ? -4.745  13.627  24.757  1.00 61.91 ? 30  GLU A OE1 1 
ATOM   236  O  OE2 . GLU A 1 30 ? -2.683  13.241  24.093  1.00 53.72 ? 30  GLU A OE2 1 
ATOM   237  N  N   . ASP A 1 31 ? -3.937  11.875  19.316  1.00 14.79 ? 31  ASP A N   1 
ATOM   238  C  CA  . ASP A 1 31 ? -3.078  12.559  18.335  1.00 13.24 ? 31  ASP A CA  1 
ATOM   239  C  C   . ASP A 1 31 ? -3.566  12.549  16.889  1.00 17.17 ? 31  ASP A C   1 
ATOM   240  O  O   . ASP A 1 31 ? -3.433  13.543  16.185  1.00 16.35 ? 31  ASP A O   1 
ATOM   241  C  CB  . ASP A 1 31 ? -1.631  12.009  18.392  1.00 8.11  ? 31  ASP A CB  1 
ATOM   242  C  CG  . ASP A 1 31 ? -1.009  12.191  19.748  1.00 14.37 ? 31  ASP A CG  1 
ATOM   243  O  OD1 . ASP A 1 31 ? -1.300  13.205  20.397  1.00 17.61 ? 31  ASP A OD1 1 
ATOM   244  O  OD2 . ASP A 1 31 ? -0.219  11.346  20.174  1.00 6.78  ? 31  ASP A OD2 1 
ATOM   245  N  N   . LEU A 1 32 ? -4.124  11.433  16.433  1.00 10.52 ? 32  LEU A N   1 
ATOM   246  C  CA  . LEU A 1 32 ? -4.547  11.386  15.043  1.00 6.29  ? 32  LEU A CA  1 
ATOM   247  C  C   . LEU A 1 32 ? -6.036  11.627  14.825  1.00 13.21 ? 32  LEU A C   1 
ATOM   248  O  O   . LEU A 1 32 ? -6.516  11.681  13.671  1.00 13.25 ? 32  LEU A O   1 
ATOM   249  C  CB  . LEU A 1 32 ? -4.108  10.062  14.425  1.00 9.37  ? 32  LEU A CB  1 
ATOM   250  C  CG  . LEU A 1 32 ? -2.611  9.726   14.594  1.00 6.73  ? 32  LEU A CG  1 
ATOM   251  C  CD1 . LEU A 1 32 ? -2.353  8.389   13.933  1.00 14.93 ? 32  LEU A CD1 1 
ATOM   252  C  CD2 . LEU A 1 32 ? -1.704  10.818  13.979  1.00 11.69 ? 32  LEU A CD2 1 
ATOM   253  N  N   . GLY A 1 33 ? -6.760  11.785  15.924  1.00 14.72 ? 33  GLY A N   1 
ATOM   254  C  CA  . GLY A 1 33 ? -8.179  12.077  15.845  1.00 20.92 ? 33  GLY A CA  1 
ATOM   255  C  C   . GLY A 1 33 ? -9.125  11.008  15.312  1.00 19.13 ? 33  GLY A C   1 
ATOM   256  O  O   . GLY A 1 33 ? -10.188 11.331  14.787  1.00 13.51 ? 33  GLY A O   1 
ATOM   257  N  N   . ALA A 1 34 ? -8.778  9.738   15.466  1.00 14.42 ? 34  ALA A N   1 
ATOM   258  C  CA  . ALA A 1 34 ? -9.650  8.673   14.981  1.00 11.44 ? 34  ALA A CA  1 
ATOM   259  C  C   . ALA A 1 34 ? -10.986 8.633   15.723  1.00 19.34 ? 34  ALA A C   1 
ATOM   260  O  O   . ALA A 1 34 ? -10.988 8.680   16.954  1.00 14.70 ? 34  ALA A O   1 
ATOM   261  C  CB  . ALA A 1 34 ? -8.935  7.328   15.137  1.00 11.05 ? 34  ALA A CB  1 
ATOM   262  N  N   . ASP A 1 35 ? -12.117 8.571   15.006  1.00 11.95 ? 35  ASP A N   1 
ATOM   263  C  CA  . ASP A 1 35 ? -13.399 8.458   15.711  1.00 9.36  ? 35  ASP A CA  1 
ATOM   264  C  C   . ASP A 1 35 ? -13.899 7.015   15.913  1.00 16.24 ? 35  ASP A C   1 
ATOM   265  O  O   . ASP A 1 35 ? -13.176 6.076   15.607  1.00 12.63 ? 35  ASP A O   1 
ATOM   266  C  CB  . ASP A 1 35 ? -14.505 9.348   15.095  1.00 13.63 ? 35  ASP A CB  1 
ATOM   267  C  CG  . ASP A 1 35 ? -14.838 9.025   13.656  1.00 16.76 ? 35  ASP A CG  1 
ATOM   268  O  OD1 . ASP A 1 35 ? -14.646 7.875   13.186  1.00 8.23  ? 35  ASP A OD1 1 
ATOM   269  O  OD2 . ASP A 1 35 ? -15.354 9.953   12.994  1.00 12.94 ? 35  ASP A OD2 1 
ATOM   270  N  N   . SER A 1 36 ? -15.107 6.834   16.454  1.00 14.33 ? 36  SER A N   1 
ATOM   271  C  CA  . SER A 1 36 ? -15.617 5.487   16.717  1.00 28.93 ? 36  SER A CA  1 
ATOM   272  C  C   . SER A 1 36 ? -15.575 4.609   15.467  1.00 16.25 ? 36  SER A C   1 
ATOM   273  O  O   . SER A 1 36 ? -15.060 3.486   15.512  1.00 17.70 ? 36  SER A O   1 
ATOM   274  C  CB  . SER A 1 36 ? -17.045 5.526   17.276  1.00 33.00 ? 36  SER A CB  1 
ATOM   275  O  OG  . SER A 1 36 ? -17.189 6.048   18.612  1.00 42.36 ? 36  SER A OG  1 
ATOM   276  N  N   . LEU A 1 37 ? -16.093 5.110   14.354  1.00 14.00 ? 37  LEU A N   1 
ATOM   277  C  CA  . LEU A 1 37 ? -16.089 4.326   13.119  1.00 12.37 ? 37  LEU A CA  1 
ATOM   278  C  C   . LEU A 1 37 ? -14.685 4.052   12.574  1.00 12.84 ? 37  LEU A C   1 
ATOM   279  O  O   . LEU A 1 37 ? -14.419 2.980   12.012  1.00 14.26 ? 37  LEU A O   1 
ATOM   280  C  CB  . LEU A 1 37 ? -16.900 5.041   12.056  1.00 19.27 ? 37  LEU A CB  1 
ATOM   281  C  CG  . LEU A 1 37 ? -16.939 4.299   10.728  1.00 18.67 ? 37  LEU A CG  1 
ATOM   282  C  CD1 . LEU A 1 37 ? -17.494 2.870   10.908  1.00 19.46 ? 37  LEU A CD1 1 
ATOM   283  C  CD2 . LEU A 1 37 ? -17.792 5.100   9.787   1.00 17.36 ? 37  LEU A CD2 1 
ATOM   284  N  N   . ASP A 1 38 ? -13.802 5.035   12.709  1.00 11.70 ? 38  ASP A N   1 
ATOM   285  C  CA  . ASP A 1 38 ? -12.420 4.909   12.226  1.00 8.96  ? 38  ASP A CA  1 
ATOM   286  C  C   . ASP A 1 38 ? -11.745 3.736   12.902  1.00 13.27 ? 38  ASP A C   1 
ATOM   287  O  O   . ASP A 1 38 ? -10.960 3.013   12.292  1.00 21.23 ? 38  ASP A O   1 
ATOM   288  C  CB  . ASP A 1 38 ? -11.601 6.182   12.539  1.00 16.93 ? 38  ASP A CB  1 
ATOM   289  C  CG  . ASP A 1 38 ? -12.032 7.398   11.719  1.00 12.63 ? 38  ASP A CG  1 
ATOM   290  O  OD1 . ASP A 1 38 ? -12.447 7.217   10.551  1.00 20.25 ? 38  ASP A OD1 1 
ATOM   291  O  OD2 . ASP A 1 38 ? -11.946 8.552   12.240  1.00 16.50 ? 38  ASP A OD2 1 
ATOM   292  N  N   . THR A 1 39 ? -12.027 3.560   14.182  1.00 16.75 ? 39  THR A N   1 
ATOM   293  C  CA  . THR A 1 39 ? -11.427 2.475   14.932  1.00 27.05 ? 39  THR A CA  1 
ATOM   294  C  C   . THR A 1 39 ? -11.683 1.152   14.196  1.00 27.01 ? 39  THR A C   1 
ATOM   295  O  O   . THR A 1 39 ? -10.740 0.427   13.851  1.00 26.18 ? 39  THR A O   1 
ATOM   296  C  CB  . THR A 1 39 ? -12.021 2.412   16.365  1.00 29.76 ? 39  THR A CB  1 
ATOM   297  O  OG1 . THR A 1 39 ? -13.419 2.112   16.298  1.00 38.02 ? 39  THR A OG1 1 
ATOM   298  C  CG2 . THR A 1 39 ? -11.825 3.738   17.079  1.00 34.65 ? 39  THR A CG2 1 
ATOM   299  N  N   . VAL A 1 40 ? -12.960 0.882   13.926  1.00 19.34 ? 40  VAL A N   1 
ATOM   300  C  CA  . VAL A 1 40 ? -13.418 -0.342  13.251  1.00 22.79 ? 40  VAL A CA  1 
ATOM   301  C  C   . VAL A 1 40 ? -12.842 -0.540  11.855  1.00 16.61 ? 40  VAL A C   1 
ATOM   302  O  O   . VAL A 1 40 ? -12.311 -1.613  11.544  1.00 13.48 ? 40  VAL A O   1 
ATOM   303  C  CB  . VAL A 1 40 ? -14.966 -0.348  13.115  1.00 25.63 ? 40  VAL A CB  1 
ATOM   304  C  CG1 . VAL A 1 40 ? -15.400 -1.518  12.269  1.00 13.69 ? 40  VAL A CG1 1 
ATOM   305  C  CG2 . VAL A 1 40 ? -15.622 -0.399  14.487  1.00 30.61 ? 40  VAL A CG2 1 
ATOM   306  N  N   . GLU A 1 41 ? -12.972 0.484   11.013  1.00 15.07 ? 41  GLU A N   1 
ATOM   307  C  CA  . GLU A 1 41 ? -12.480 0.431   9.647   1.00 17.28 ? 41  GLU A CA  1 
ATOM   308  C  C   . GLU A 1 41 ? -10.964 0.352   9.531   1.00 15.94 ? 41  GLU A C   1 
ATOM   309  O  O   . GLU A 1 41 ? -10.451 -0.263  8.592   1.00 15.15 ? 41  GLU A O   1 
ATOM   310  C  CB  . GLU A 1 41 ? -12.999 1.625   8.853   1.00 15.25 ? 41  GLU A CB  1 
ATOM   311  C  CG  . GLU A 1 41 ? -14.498 1.583   8.688   1.00 15.00 ? 41  GLU A CG  1 
ATOM   312  C  CD  . GLU A 1 41 ? -15.012 2.697   7.818   1.00 35.23 ? 41  GLU A CD  1 
ATOM   313  O  OE1 . GLU A 1 41 ? -14.744 3.871   8.143   1.00 26.62 ? 41  GLU A OE1 1 
ATOM   314  O  OE2 . GLU A 1 41 ? -15.690 2.401   6.811   1.00 46.20 ? 41  GLU A OE2 1 
ATOM   315  N  N   . LEU A 1 42 ? -10.242 0.964   10.471  1.00 11.73 ? 42  LEU A N   1 
ATOM   316  C  CA  . LEU A 1 42 ? -8.781  0.885   10.416  1.00 12.12 ? 42  LEU A CA  1 
ATOM   317  C  C   . LEU A 1 42 ? -8.348  -0.530  10.783  1.00 9.79  ? 42  LEU A C   1 
ATOM   318  O  O   . LEU A 1 42 ? -7.453  -1.083  10.142  1.00 8.72  ? 42  LEU A O   1 
ATOM   319  C  CB  . LEU A 1 42 ? -8.121  1.887   11.362  1.00 11.16 ? 42  LEU A CB  1 
ATOM   320  C  CG  . LEU A 1 42 ? -6.596  1.859   11.391  1.00 8.39  ? 42  LEU A CG  1 
ATOM   321  C  CD1 . LEU A 1 42 ? -5.985  2.104   10.019  1.00 11.63 ? 42  LEU A CD1 1 
ATOM   322  C  CD2 . LEU A 1 42 ? -6.128  2.924   12.395  1.00 10.61 ? 42  LEU A CD2 1 
ATOM   323  N  N   . VAL A 1 43 ? -8.996  -1.124  11.796  1.00 9.53  ? 43  VAL A N   1 
ATOM   324  C  CA  . VAL A 1 43 ? -8.647  -2.483  12.175  1.00 13.40 ? 43  VAL A CA  1 
ATOM   325  C  C   . VAL A 1 43 ? -8.857  -3.432  11.011  1.00 11.37 ? 43  VAL A C   1 
ATOM   326  O  O   . VAL A 1 43 ? -7.973  -4.206  10.672  1.00 15.21 ? 43  VAL A O   1 
ATOM   327  C  CB  . VAL A 1 43 ? -9.470  -3.003  13.367  1.00 10.42 ? 43  VAL A CB  1 
ATOM   328  C  CG1 . VAL A 1 43 ? -9.181  -4.493  13.597  1.00 14.05 ? 43  VAL A CG1 1 
ATOM   329  C  CG2 . VAL A 1 43 ? -9.133  -2.188  14.628  1.00 16.55 ? 43  VAL A CG2 1 
ATOM   330  N  N   . MET A 1 44 ? -10.012 -3.349  10.370  1.00 7.77  ? 44  MET A N   1 
ATOM   331  C  CA  . MET A 1 44 ? -10.266 -4.253  9.261   1.00 8.17  ? 44  MET A CA  1 
ATOM   332  C  C   . MET A 1 44 ? -9.359  -4.053  8.038   1.00 9.17  ? 44  MET A C   1 
ATOM   333  O  O   . MET A 1 44 ? -9.045  -5.030  7.321   1.00 9.69  ? 44  MET A O   1 
ATOM   334  C  CB  . MET A 1 44 ? -11.755 -4.168  8.898   1.00 9.62  ? 44  MET A CB  1 
ATOM   335  C  CG  . MET A 1 44 ? -12.614 -4.753  10.047  1.00 17.33 ? 44  MET A CG  1 
ATOM   336  S  SD  . MET A 1 44 ? -14.400 -4.871  9.779   1.00 24.98 ? 44  MET A SD  1 
ATOM   337  C  CE  . MET A 1 44 ? -14.435 -6.141  8.505   1.00 26.53 ? 44  MET A CE  1 
ATOM   338  N  N   . ALA A 1 45 ? -8.928  -2.812  7.777   1.00 6.09  ? 45  ALA A N   1 
ATOM   339  C  CA  . ALA A 1 45 ? -8.053  -2.538  6.631   1.00 5.03  ? 45  ALA A CA  1 
ATOM   340  C  C   . ALA A 1 45 ? -6.670  -3.171  6.821   1.00 8.52  ? 45  ALA A C   1 
ATOM   341  O  O   . ALA A 1 45 ? -6.055  -3.648  5.880   1.00 8.82  ? 45  ALA A O   1 
ATOM   342  C  CB  . ALA A 1 45 ? -7.900  -1.014  6.430   1.00 8.67  ? 45  ALA A CB  1 
ATOM   343  N  N   . LEU A 1 46 ? -6.187  -3.188  8.062   1.00 8.04  ? 46  LEU A N   1 
ATOM   344  C  CA  . LEU A 1 46 ? -4.875  -3.770  8.338   1.00 7.88  ? 46  LEU A CA  1 
ATOM   345  C  C   . LEU A 1 46 ? -5.008  -5.293  8.409   1.00 9.12  ? 46  LEU A C   1 
ATOM   346  O  O   . LEU A 1 46 ? -4.085  -6.010  8.025   1.00 8.50  ? 46  LEU A O   1 
ATOM   347  C  CB  . LEU A 1 46 ? -4.313  -3.251  9.668   1.00 6.44  ? 46  LEU A CB  1 
ATOM   348  C  CG  . LEU A 1 46 ? -3.915  -1.783  9.614   1.00 11.16 ? 46  LEU A CG  1 
ATOM   349  C  CD1 . LEU A 1 46 ? -3.734  -1.277  11.035  1.00 7.32  ? 46  LEU A CD1 1 
ATOM   350  C  CD2 . LEU A 1 46 ? -2.662  -1.616  8.755   1.00 9.18  ? 46  LEU A CD2 1 
ATOM   351  N  N   . GLU A 1 47 ? -6.141  -5.782  8.916   1.00 5.95  ? 47  GLU A N   1 
ATOM   352  C  CA  . GLU A 1 47 ? -6.355  -7.243  8.962   1.00 7.56  ? 47  GLU A CA  1 
ATOM   353  C  C   . GLU A 1 47 ? -6.311  -7.803  7.540   1.00 9.04  ? 47  GLU A C   1 
ATOM   354  O  O   . GLU A 1 47 ? -5.762  -8.881  7.301   1.00 11.19 ? 47  GLU A O   1 
ATOM   355  C  CB  . GLU A 1 47 ? -7.706  -7.601  9.624   1.00 7.04  ? 47  GLU A CB  1 
ATOM   356  C  CG  . GLU A 1 47 ? -7.707  -7.427  11.146  1.00 10.99 ? 47  GLU A CG  1 
ATOM   357  C  CD  . GLU A 1 47 ? -9.059  -7.727  11.787  1.00 9.01  ? 47  GLU A CD  1 
ATOM   358  O  OE1 . GLU A 1 47 ? -10.105 -7.381  11.191  1.00 7.50  ? 47  GLU A OE1 1 
ATOM   359  O  OE2 . GLU A 1 47 ? -9.082  -8.285  12.901  1.00 8.35  ? 47  GLU A OE2 1 
ATOM   360  N  N   . GLU A 1 48 ? -6.870  -7.062  6.599   1.00 11.51 ? 48  GLU A N   1 
ATOM   361  C  CA  . GLU A 1 48 ? -6.882  -7.515  5.203   1.00 6.06  ? 48  GLU A CA  1 
ATOM   362  C  C   . GLU A 1 48 ? -5.528  -7.433  4.538   1.00 10.93 ? 48  GLU A C   1 
ATOM   363  O  O   . GLU A 1 48 ? -5.150  -8.362  3.821   1.00 13.53 ? 48  GLU A O   1 
ATOM   364  C  CB  . GLU A 1 48 ? -7.848  -6.669  4.381   1.00 11.16 ? 48  GLU A CB  1 
ATOM   365  C  CG  . GLU A 1 48 ? -7.934  -7.061  2.922   1.00 17.78 ? 48  GLU A CG  1 
ATOM   366  C  CD  . GLU A 1 48 ? -8.933  -6.202  2.160   1.00 34.94 ? 48  GLU A CD  1 
ATOM   367  O  OE1 . GLU A 1 48 ? -9.833  -5.640  2.816   1.00 40.88 ? 48  GLU A OE1 1 
ATOM   368  O  OE2 . GLU A 1 48 ? -8.831  -6.098  0.915   1.00 31.69 ? 48  GLU A OE2 1 
ATOM   369  N  N   . GLU A 1 49 ? -4.794  -6.335  4.754   1.00 9.49  ? 49  GLU A N   1 
ATOM   370  C  CA  . GLU A 1 49 ? -3.489  -6.178  4.107   1.00 4.62  ? 49  GLU A CA  1 
ATOM   371  C  C   . GLU A 1 49 ? -2.534  -7.239  4.575   1.00 12.53 ? 49  GLU A C   1 
ATOM   372  O  O   . GLU A 1 49 ? -1.792  -7.832  3.789   1.00 12.88 ? 49  GLU A O   1 
ATOM   373  C  CB  . GLU A 1 49 ? -2.881  -4.813  4.420   1.00 9.84  ? 49  GLU A CB  1 
ATOM   374  C  CG  . GLU A 1 49 ? -1.526  -4.539  3.762   1.00 14.12 ? 49  GLU A CG  1 
ATOM   375  C  CD  . GLU A 1 49 ? -1.604  -4.515  2.241   1.00 22.94 ? 49  GLU A CD  1 
ATOM   376  O  OE1 . GLU A 1 49 ? -2.695  -4.287  1.691   1.00 20.25 ? 49  GLU A OE1 1 
ATOM   377  O  OE2 . GLU A 1 49 ? -0.572  -4.710  1.588   1.00 14.38 ? 49  GLU A OE2 1 
ATOM   378  N  N   . PHE A 1 50 ? -2.568  -7.495  5.869   1.00 9.05  ? 50  PHE A N   1 
ATOM   379  C  CA  . PHE A 1 50 ? -1.636  -8.450  6.417   1.00 8.11  ? 50  PHE A CA  1 
ATOM   380  C  C   . PHE A 1 50 ? -2.216  -9.838  6.685   1.00 5.64  ? 50  PHE A C   1 
ATOM   381  O  O   . PHE A 1 50 ? -1.612  -10.628 7.399   1.00 10.03 ? 50  PHE A O   1 
ATOM   382  C  CB  . PHE A 1 50 ? -0.960  -7.810  7.633   1.00 7.11  ? 50  PHE A CB  1 
ATOM   383  C  CG  . PHE A 1 50 ? -0.208  -6.542  7.280   1.00 8.00  ? 50  PHE A CG  1 
ATOM   384  C  CD1 . PHE A 1 50 ? -0.782  -5.289  7.492   1.00 5.52  ? 50  PHE A CD1 1 
ATOM   385  C  CD2 . PHE A 1 50 ? 1.062   -6.603  6.692   1.00 9.13  ? 50  PHE A CD2 1 
ATOM   386  C  CE1 . PHE A 1 50 ? -0.122  -4.113  7.112   1.00 9.93  ? 50  PHE A CE1 1 
ATOM   387  C  CE2 . PHE A 1 50 ? 1.742   -5.447  6.302   1.00 8.20  ? 50  PHE A CE2 1 
ATOM   388  C  CZ  . PHE A 1 50 ? 1.158   -4.189  6.512   1.00 14.27 ? 50  PHE A CZ  1 
ATOM   389  N  N   . ASP A 1 51 ? -3.378  -10.100 6.095   1.00 6.82  ? 51  ASP A N   1 
ATOM   390  C  CA  . ASP A 1 51 ? -4.049  -11.417 6.131   1.00 8.72  ? 51  ASP A CA  1 
ATOM   391  C  C   . ASP A 1 51 ? -4.029  -12.033 7.532   1.00 9.01  ? 51  ASP A C   1 
ATOM   392  O  O   . ASP A 1 51 ? -3.550  -13.162 7.734   1.00 10.16 ? 51  ASP A O   1 
ATOM   393  C  CB  . ASP A 1 51 ? -3.348  -12.335 5.080   1.00 10.43 ? 51  ASP A CB  1 
ATOM   394  C  CG  . ASP A 1 51 ? -4.006  -13.704 4.915   1.00 21.52 ? 51  ASP A CG  1 
ATOM   395  O  OD1 . ASP A 1 51 ? -5.261  -13.804 4.856   1.00 15.67 ? 51  ASP A OD1 1 
ATOM   396  O  OD2 . ASP A 1 51 ? -3.243  -14.708 4.815   1.00 14.01 ? 51  ASP A OD2 1 
ATOM   397  N  N   . THR A 1 52 ? -4.556  -11.274 8.505   1.00 6.24  ? 52  THR A N   1 
ATOM   398  C  CA  . THR A 1 52 ? -4.586  -11.754 9.885   1.00 9.20  ? 52  THR A CA  1 
ATOM   399  C  C   . THR A 1 52 ? -5.892  -11.306 10.572  1.00 12.94 ? 52  THR A C   1 
ATOM   400  O  O   . THR A 1 52 ? -6.672  -10.557 9.997   1.00 17.96 ? 52  THR A O   1 
ATOM   401  C  CB  . THR A 1 52 ? -3.333  -11.269 10.681  1.00 12.37 ? 52  THR A CB  1 
ATOM   402  O  OG1 . THR A 1 52 ? -3.270  -11.973 11.925  1.00 16.21 ? 52  THR A OG1 1 
ATOM   403  C  CG2 . THR A 1 52 ? -3.370  -9.796  10.949  1.00 17.32 ? 52  THR A CG2 1 
ATOM   404  N  N   . GLU A 1 53 ? -6.151  -11.824 11.766  1.00 6.15  ? 53  GLU A N   1 
ATOM   405  C  CA  . GLU A 1 53 ? -7.352  -11.439 12.497  1.00 7.78  ? 53  GLU A CA  1 
ATOM   406  C  C   . GLU A 1 53 ? -6.960  -11.151 13.925  1.00 11.04 ? 53  GLU A C   1 
ATOM   407  O  O   . GLU A 1 53 ? -6.423  -12.027 14.603  1.00 9.72  ? 53  GLU A O   1 
ATOM   408  C  CB  . GLU A 1 53 ? -8.397  -12.575 12.502  1.00 13.03 ? 53  GLU A CB  1 
ATOM   409  C  CG  . GLU A 1 53 ? -9.083  -12.794 11.158  1.00 17.38 ? 53  GLU A CG  1 
ATOM   410  C  CD  . GLU A 1 53 ? -10.158 -11.753 10.847  1.00 21.73 ? 53  GLU A CD  1 
ATOM   411  O  OE1 . GLU A 1 53 ? -10.703 -11.824 9.730   1.00 12.88 ? 53  GLU A OE1 1 
ATOM   412  O  OE2 . GLU A 1 53 ? -10.473 -10.874 11.694  1.00 10.05 ? 53  GLU A OE2 1 
ATOM   413  N  N   . ILE A 1 54 ? -7.220  -9.936  14.375  1.00 5.88  ? 54  ILE A N   1 
ATOM   414  C  CA  . ILE A 1 54 ? -6.930  -9.621  15.769  1.00 9.44  ? 54  ILE A CA  1 
ATOM   415  C  C   . ILE A 1 54 ? -8.236  -9.570  16.611  1.00 9.10  ? 54  ILE A C   1 
ATOM   416  O  O   . ILE A 1 54 ? -9.262  -9.088  16.142  1.00 10.34 ? 54  ILE A O   1 
ATOM   417  C  CB  . ILE A 1 54 ? -6.207  -8.283  15.876  1.00 5.20  ? 54  ILE A CB  1 
ATOM   418  C  CG1 . ILE A 1 54 ? -5.809  -8.032  17.341  1.00 7.87  ? 54  ILE A CG1 1 
ATOM   419  C  CG2 . ILE A 1 54 ? -7.027  -7.185  15.300  1.00 7.97  ? 54  ILE A CG2 1 
ATOM   420  C  CD1 . ILE A 1 54 ? -5.006  -6.746  17.510  1.00 13.42 ? 54  ILE A CD1 1 
ATOM   421  N  N   . PRO A 1 55 ? -8.218  -10.130 17.845  1.00 8.37  ? 55  PRO A N   1 
ATOM   422  C  CA  . PRO A 1 55 ? -9.419  -10.098 18.703  1.00 11.61 ? 55  PRO A CA  1 
ATOM   423  C  C   . PRO A 1 55 ? -9.774  -8.632  19.045  1.00 9.01  ? 55  PRO A C   1 
ATOM   424  O  O   . PRO A 1 55 ? -8.887  -7.851  19.389  1.00 9.53  ? 55  PRO A O   1 
ATOM   425  C  CB  . PRO A 1 55 ? -8.983  -10.889 19.946  1.00 10.21 ? 55  PRO A CB  1 
ATOM   426  C  CG  . PRO A 1 55 ? -7.956  -11.897 19.374  1.00 20.06 ? 55  PRO A CG  1 
ATOM   427  C  CD  . PRO A 1 55 ? -7.179  -11.028 18.400  1.00 7.90  ? 55  PRO A CD  1 
ATOM   428  N  N   . ASP A 1 56 ? -11.058 -8.280  18.902  1.00 8.31  ? 56  ASP A N   1 
ATOM   429  C  CA  . ASP A 1 56 ? -11.530 -6.920  19.152  1.00 10.42 ? 56  ASP A CA  1 
ATOM   430  C  C   . ASP A 1 56 ? -11.078 -6.374  20.506  1.00 11.06 ? 56  ASP A C   1 
ATOM   431  O  O   . ASP A 1 56 ? -10.650 -5.217  20.593  1.00 11.77 ? 56  ASP A O   1 
ATOM   432  C  CB  . ASP A 1 56 ? -13.067 -6.843  19.025  1.00 11.01 ? 56  ASP A CB  1 
ATOM   433  C  CG  . ASP A 1 56 ? -13.532 -7.006  17.591  1.00 15.75 ? 56  ASP A CG  1 
ATOM   434  O  OD1 . ASP A 1 56 ? -12.653 -6.924  16.693  1.00 12.27 ? 56  ASP A OD1 1 
ATOM   435  O  OD2 . ASP A 1 56 ? -14.751 -7.190  17.355  1.00 14.42 ? 56  ASP A OD2 1 
ATOM   436  N  N   . GLU A 1 57 ? -11.102 -7.212  21.541  1.00 12.81 ? 57  GLU A N   1 
ATOM   437  C  CA  . GLU A 1 57 ? -10.700 -6.731  22.862  1.00 17.00 ? 57  GLU A CA  1 
ATOM   438  C  C   . GLU A 1 57 ? -9.199  -6.440  22.918  1.00 15.26 ? 57  GLU A C   1 
ATOM   439  O  O   . GLU A 1 57 ? -8.756  -5.656  23.769  1.00 14.48 ? 57  GLU A O   1 
ATOM   440  C  CB  . GLU A 1 57 ? -11.099 -7.728  23.965  1.00 21.23 ? 57  GLU A CB  1 
ATOM   441  C  CG  . GLU A 1 57 ? -10.524 -9.128  23.807  1.00 38.76 ? 57  GLU A CG  1 
ATOM   442  C  CD  . GLU A 1 57 ? -10.720 -9.991  25.052  1.00 58.96 ? 57  GLU A CD  1 
ATOM   443  O  OE1 . GLU A 1 57 ? -9.717  -10.298 25.741  1.00 52.87 ? 57  GLU A OE1 1 
ATOM   444  O  OE2 . GLU A 1 57 ? -11.875 -10.363 25.346  1.00 62.61 ? 57  GLU A OE2 1 
ATOM   445  N  N   . GLU A 1 58 ? -8.418  -7.061  22.027  1.00 7.41  ? 58  GLU A N   1 
ATOM   446  C  CA  . GLU A 1 58 ? -6.989  -6.781  22.019  1.00 12.32 ? 58  GLU A CA  1 
ATOM   447  C  C   . GLU A 1 58 ? -6.716  -5.571  21.127  1.00 10.59 ? 58  GLU A C   1 
ATOM   448  O  O   . GLU A 1 58 ? -5.798  -4.790  21.382  1.00 13.07 ? 58  GLU A O   1 
ATOM   449  C  CB  . GLU A 1 58 ? -6.199  -8.004  21.530  1.00 10.89 ? 58  GLU A CB  1 
ATOM   450  C  CG  . GLU A 1 58 ? -6.467  -9.236  22.374  1.00 28.57 ? 58  GLU A CG  1 
ATOM   451  C  CD  . GLU A 1 58 ? -5.620  -10.417 21.966  1.00 33.25 ? 58  GLU A CD  1 
ATOM   452  O  OE1 . GLU A 1 58 ? -5.981  -11.550 22.343  1.00 30.90 ? 58  GLU A OE1 1 
ATOM   453  O  OE2 . GLU A 1 58 ? -4.596  -10.208 21.276  1.00 36.27 ? 58  GLU A OE2 1 
ATOM   454  N  N   . ALA A 1 59 ? -7.510  -5.419  20.075  1.00 9.69  ? 59  ALA A N   1 
ATOM   455  C  CA  . ALA A 1 59 ? -7.341  -4.283  19.157  1.00 16.34 ? 59  ALA A CA  1 
ATOM   456  C  C   . ALA A 1 59 ? -7.635  -2.967  19.869  1.00 11.33 ? 59  ALA A C   1 
ATOM   457  O  O   . ALA A 1 59 ? -6.989  -1.954  19.649  1.00 16.87 ? 59  ALA A O   1 
ATOM   458  C  CB  . ALA A 1 59 ? -8.282  -4.444  17.958  1.00 11.24 ? 59  ALA A CB  1 
ATOM   459  N  N   . GLU A 1 60 ? -8.648  -3.008  20.719  1.00 8.80  ? 60  GLU A N   1 
ATOM   460  C  CA  . GLU A 1 60 ? -9.106  -1.861  21.476  1.00 16.04 ? 60  GLU A CA  1 
ATOM   461  C  C   . GLU A 1 60 ? -7.985  -1.284  22.370  1.00 16.94 ? 60  GLU A C   1 
ATOM   462  O  O   . GLU A 1 60 ? -8.035  -0.109  22.771  1.00 18.96 ? 60  GLU A O   1 
ATOM   463  C  CB  . GLU A 1 60 ? -10.307 -2.360  22.284  1.00 29.09 ? 60  GLU A CB  1 
ATOM   464  C  CG  . GLU A 1 60 ? -11.079 -1.397  23.120  1.00 34.60 ? 60  GLU A CG  1 
ATOM   465  C  CD  . GLU A 1 60 ? -12.038 -2.155  24.011  1.00 52.76 ? 60  GLU A CD  1 
ATOM   466  O  OE1 . GLU A 1 60 ? -12.879 -2.910  23.471  1.00 58.92 ? 60  GLU A OE1 1 
ATOM   467  O  OE2 . GLU A 1 60 ? -11.941 -2.020  25.248  1.00 59.70 ? 60  GLU A OE2 1 
ATOM   468  N  N   . LYS A 1 61 ? -6.970  -2.099  22.661  1.00 16.13 ? 61  LYS A N   1 
ATOM   469  C  CA  . LYS A 1 61 ? -5.856  -1.714  23.523  1.00 11.81 ? 61  LYS A CA  1 
ATOM   470  C  C   . LYS A 1 61 ? -4.538  -1.337  22.794  1.00 15.76 ? 61  LYS A C   1 
ATOM   471  O  O   . LYS A 1 61 ? -3.513  -1.069  23.443  1.00 12.86 ? 61  LYS A O   1 
ATOM   472  C  CB  . LYS A 1 61 ? -5.600  -2.838  24.533  1.00 20.38 ? 61  LYS A CB  1 
ATOM   473  C  CG  . LYS A 1 61 ? -4.470  -2.563  25.517  1.00 39.52 ? 61  LYS A CG  1 
ATOM   474  C  CD  . LYS A 1 61 ? -4.152  -3.777  26.388  1.00 48.95 ? 61  LYS A CD  1 
ATOM   475  C  CE  . LYS A 1 61 ? -2.864  -3.576  27.186  1.00 50.47 ? 61  LYS A CE  1 
ATOM   476  N  NZ  . LYS A 1 61 ? -1.686  -3.406  26.293  1.00 59.13 ? 61  LYS A NZ  1 
ATOM   477  N  N   . ILE A 1 62 ? -4.564  -1.358  21.452  1.00 11.45 ? 62  ILE A N   1 
ATOM   478  C  CA  . ILE A 1 62 ? -3.422  -0.978  20.619  1.00 12.98 ? 62  ILE A CA  1 
ATOM   479  C  C   . ILE A 1 62 ? -3.607  0.510   20.361  1.00 9.69  ? 62  ILE A C   1 
ATOM   480  O  O   . ILE A 1 62 ? -4.261  0.919   19.393  1.00 14.36 ? 62  ILE A O   1 
ATOM   481  C  CB  . ILE A 1 62 ? -3.410  -1.734  19.275  1.00 15.45 ? 62  ILE A CB  1 
ATOM   482  C  CG1 . ILE A 1 62 ? -3.280  -3.244  19.517  1.00 20.15 ? 62  ILE A CG1 1 
ATOM   483  C  CG2 . ILE A 1 62 ? -2.246  -1.234  18.423  1.00 26.49 ? 62  ILE A CG2 1 
ATOM   484  C  CD1 . ILE A 1 62 ? -2.002  -3.685  20.206  1.00 13.95 ? 62  ILE A CD1 1 
ATOM   485  N  N   . THR A 1 63 ? -2.987  1.317   21.221  1.00 8.52  ? 63  THR A N   1 
ATOM   486  C  CA  . THR A 1 63 ? -3.177  2.765   21.207  1.00 14.56 ? 63  THR A CA  1 
ATOM   487  C  C   . THR A 1 63 ? -2.315  3.655   20.313  1.00 5.78  ? 63  THR A C   1 
ATOM   488  O  O   . THR A 1 63 ? -2.719  4.778   20.009  1.00 13.11 ? 63  THR A O   1 
ATOM   489  C  CB  . THR A 1 63 ? -3.038  3.289   22.654  1.00 10.00 ? 63  THR A CB  1 
ATOM   490  O  OG1 . THR A 1 63 ? -1.676  3.107   23.088  1.00 16.88 ? 63  THR A OG1 1 
ATOM   491  C  CG2 . THR A 1 63 ? -3.984  2.516   23.576  1.00 19.76 ? 63  THR A CG2 1 
ATOM   492  N  N   . THR A 1 64 ? -1.141  3.176   19.902  1.00 12.92 ? 64  THR A N   1 
ATOM   493  C  CA  . THR A 1 64 ? -0.227  3.989   19.087  1.00 11.00 ? 64  THR A CA  1 
ATOM   494  C  C   . THR A 1 64 ? 0.131   3.304   17.779  1.00 12.11 ? 64  THR A C   1 
ATOM   495  O  O   . THR A 1 64 ? -0.094  2.110   17.614  1.00 10.43 ? 64  THR A O   1 
ATOM   496  C  CB  . THR A 1 64 ? 1.092   4.224   19.823  1.00 10.64 ? 64  THR A CB  1 
ATOM   497  O  OG1 . THR A 1 64 ? 1.715   2.959   20.075  1.00 15.38 ? 64  THR A OG1 1 
ATOM   498  C  CG2 . THR A 1 64 ? 0.853   4.934   21.181  1.00 16.87 ? 64  THR A CG2 1 
ATOM   499  N  N   . VAL A 1 65 ? 0.683   4.080   16.855  1.00 12.17 ? 65  VAL A N   1 
ATOM   500  C  CA  . VAL A 1 65 ? 1.146   3.565   15.552  1.00 7.56  ? 65  VAL A CA  1 
ATOM   501  C  C   . VAL A 1 65 ? 2.151   2.424   15.820  1.00 9.60  ? 65  VAL A C   1 
ATOM   502  O  O   . VAL A 1 65 ? 2.017   1.301   15.293  1.00 9.85  ? 65  VAL A O   1 
ATOM   503  C  CB  . VAL A 1 65 ? 1.829   4.720   14.756  1.00 5.95  ? 65  VAL A CB  1 
ATOM   504  C  CG1 . VAL A 1 65 ? 2.435   4.190   13.442  1.00 13.11 ? 65  VAL A CG1 1 
ATOM   505  C  CG2 . VAL A 1 65 ? 0.835   5.771   14.397  1.00 6.37  ? 65  VAL A CG2 1 
ATOM   506  N  N   . GLN A 1 66 ? 3.117   2.659   16.702  1.00 8.61  ? 66  GLN A N   1 
ATOM   507  C  CA  . GLN A 1 66 ? 4.130   1.625   16.962  1.00 7.53  ? 66  GLN A CA  1 
ATOM   508  C  C   . GLN A 1 66 ? 3.533   0.325   17.521  1.00 6.22  ? 66  GLN A C   1 
ATOM   509  O  O   . GLN A 1 66 ? 4.016   -0.778  17.210  1.00 9.15  ? 66  GLN A O   1 
ATOM   510  C  CB  . GLN A 1 66 ? 5.211   2.164   17.920  1.00 12.74 ? 66  GLN A CB  1 
ATOM   511  C  CG  . GLN A 1 66 ? 6.423   1.232   18.085  1.00 14.57 ? 66  GLN A CG  1 
ATOM   512  C  CD  . GLN A 1 66 ? 7.183   0.960   16.779  1.00 7.70  ? 66  GLN A CD  1 
ATOM   513  O  OE1 . GLN A 1 66 ? 7.583   1.881   16.066  1.00 12.83 ? 66  GLN A OE1 1 
ATOM   514  N  NE2 . GLN A 1 66 ? 7.409   -0.317  16.491  1.00 9.53  ? 66  GLN A NE2 1 
ATOM   515  N  N   . ALA A 1 67 ? 2.490   0.432   18.351  1.00 6.87  ? 67  ALA A N   1 
ATOM   516  C  CA  . ALA A 1 67 ? 1.851   -0.766  18.903  1.00 11.09 ? 67  ALA A CA  1 
ATOM   517  C  C   . ALA A 1 67 ? 1.201   -1.605  17.785  1.00 8.64  ? 67  ALA A C   1 
ATOM   518  O  O   . ALA A 1 67 ? 1.184   -2.853  17.865  1.00 11.79 ? 67  ALA A O   1 
ATOM   519  C  CB  . ALA A 1 67 ? 0.809   -0.392  19.978  1.00 9.57  ? 67  ALA A CB  1 
ATOM   520  N  N   . ALA A 1 68 ? 0.676   -0.931  16.759  1.00 8.02  ? 68  ALA A N   1 
ATOM   521  C  CA  . ALA A 1 68 ? 0.060   -1.602  15.620  1.00 11.76 ? 68  ALA A CA  1 
ATOM   522  C  C   . ALA A 1 68 ? 1.153   -2.305  14.809  1.00 4.77  ? 68  ALA A C   1 
ATOM   523  O  O   . ALA A 1 68 ? 0.985   -3.465  14.406  1.00 5.30  ? 68  ALA A O   1 
ATOM   524  C  CB  . ALA A 1 68 ? -0.668  -0.596  14.756  1.00 7.84  ? 68  ALA A CB  1 
ATOM   525  N  N   . ILE A 1 69 ? 2.274   -1.621  14.586  1.00 10.15 ? 69  ILE A N   1 
ATOM   526  C  CA  . ILE A 1 69 ? 3.403   -2.224  13.841  1.00 6.93  ? 69  ILE A CA  1 
ATOM   527  C  C   . ILE A 1 69 ? 3.897   -3.467  14.618  1.00 6.71  ? 69  ILE A C   1 
ATOM   528  O  O   . ILE A 1 69 ? 4.128   -4.559  14.056  1.00 8.96  ? 69  ILE A O   1 
ATOM   529  C  CB  . ILE A 1 69 ? 4.578   -1.199  13.712  1.00 4.60  ? 69  ILE A CB  1 
ATOM   530  C  CG1 . ILE A 1 69 ? 4.157   -0.020  12.828  1.00 9.24  ? 69  ILE A CG1 1 
ATOM   531  C  CG2 . ILE A 1 69 ? 5.842   -1.879  13.148  1.00 6.98  ? 69  ILE A CG2 1 
ATOM   532  C  CD1 . ILE A 1 69 ? 5.167   1.114   12.814  1.00 5.71  ? 69  ILE A CD1 1 
ATOM   533  N  N   . ASP A 1 70 ? 4.093   -3.286  15.921  1.00 7.65  ? 70  ASP A N   1 
ATOM   534  C  CA  . ASP A 1 70 ? 4.540   -4.382  16.774  1.00 14.67 ? 70  ASP A CA  1 
ATOM   535  C  C   . ASP A 1 70 ? 3.647   -5.617  16.693  1.00 4.28  ? 70  ASP A C   1 
ATOM   536  O  O   . ASP A 1 70 ? 4.145   -6.742  16.649  1.00 9.71  ? 70  ASP A O   1 
ATOM   537  C  CB  . ASP A 1 70 ? 4.614   -3.930  18.231  1.00 12.63 ? 70  ASP A CB  1 
ATOM   538  C  CG  . ASP A 1 70 ? 5.797   -3.020  18.505  1.00 18.56 ? 70  ASP A CG  1 
ATOM   539  O  OD1 . ASP A 1 70 ? 6.722   -2.989  17.686  1.00 13.19 ? 70  ASP A OD1 1 
ATOM   540  O  OD2 . ASP A 1 70 ? 5.812   -2.345  19.561  1.00 11.64 ? 70  ASP A OD2 1 
ATOM   541  N  N   . TYR A 1 71 ? 2.326   -5.432  16.679  1.00 6.95  ? 71  TYR A N   1 
ATOM   542  C  CA  . TYR A 1 71 ? 1.394   -6.558  16.609  1.00 1.96  ? 71  TYR A CA  1 
ATOM   543  C  C   . TYR A 1 71 ? 1.532   -7.277  15.268  1.00 5.51  ? 71  TYR A C   1 
ATOM   544  O  O   . TYR A 1 71 ? 1.597   -8.513  15.215  1.00 9.16  ? 71  TYR A O   1 
ATOM   545  C  CB  . TYR A 1 71 ? -0.054  -6.081  16.801  1.00 9.69  ? 71  TYR A CB  1 
ATOM   546  C  CG  . TYR A 1 71 ? -1.030  -7.231  16.807  1.00 12.72 ? 71  TYR A CG  1 
ATOM   547  C  CD1 . TYR A 1 71 ? -1.459  -7.789  18.011  1.00 12.63 ? 71  TYR A CD1 1 
ATOM   548  C  CD2 . TYR A 1 71 ? -1.463  -7.827  15.606  1.00 11.46 ? 71  TYR A CD2 1 
ATOM   549  C  CE1 . TYR A 1 71 ? -2.294  -8.921  18.033  1.00 15.05 ? 71  TYR A CE1 1 
ATOM   550  C  CE2 . TYR A 1 71 ? -2.305  -8.966  15.631  1.00 6.19  ? 71  TYR A CE2 1 
ATOM   551  C  CZ  . TYR A 1 71 ? -2.703  -9.496  16.841  1.00 11.04 ? 71  TYR A CZ  1 
ATOM   552  O  OH  . TYR A 1 71 ? -3.493  -10.623 16.898  1.00 12.88 ? 71  TYR A OH  1 
ATOM   553  N  N   . ILE A 1 72 ? 1.607   -6.508  14.189  1.00 5.74  ? 72  ILE A N   1 
ATOM   554  C  CA  . ILE A 1 72 ? 1.750   -7.117  12.856  1.00 7.70  ? 72  ILE A CA  1 
ATOM   555  C  C   . ILE A 1 72 ? 3.082   -7.892  12.747  1.00 10.91 ? 72  ILE A C   1 
ATOM   556  O  O   . ILE A 1 72 ? 3.102   -9.017  12.240  1.00 10.58 ? 72  ILE A O   1 
ATOM   557  C  CB  . ILE A 1 72 ? 1.599   -6.026  11.743  1.00 8.22  ? 72  ILE A CB  1 
ATOM   558  C  CG1 . ILE A 1 72 ? 0.154   -5.494  11.787  1.00 13.59 ? 72  ILE A CG1 1 
ATOM   559  C  CG2 . ILE A 1 72 ? 1.947   -6.587  10.359  1.00 6.51  ? 72  ILE A CG2 1 
ATOM   560  C  CD1 . ILE A 1 72 ? -0.111  -4.244  10.929  1.00 12.32 ? 72  ILE A CD1 1 
ATOM   561  N  N   . ASN A 1 73 ? 4.189   -7.334  13.239  1.00 7.65  ? 73  ASN A N   1 
ATOM   562  C  CA  . ASN A 1 73 ? 5.460   -8.088  13.173  1.00 6.74  ? 73  ASN A CA  1 
ATOM   563  C  C   . ASN A 1 73 ? 5.354   -9.385  13.950  1.00 7.49  ? 73  ASN A C   1 
ATOM   564  O  O   . ASN A 1 73 ? 6.024   -10.364 13.618  1.00 8.88  ? 73  ASN A O   1 
ATOM   565  C  CB  . ASN A 1 73 ? 6.638   -7.253  13.735  1.00 5.11  ? 73  ASN A CB  1 
ATOM   566  C  CG  . ASN A 1 73 ? 7.055   -6.100  12.817  1.00 12.01 ? 73  ASN A CG  1 
ATOM   567  O  OD1 . ASN A 1 73 ? 6.928   -6.187  11.590  1.00 12.49 ? 73  ASN A OD1 1 
ATOM   568  N  ND2 . ASN A 1 73 ? 7.574   -5.016  13.411  1.00 15.72 ? 73  ASN A ND2 1 
ATOM   569  N  N   . GLY A 1 74 ? 4.515   -9.400  14.996  1.00 6.71  ? 74  GLY A N   1 
ATOM   570  C  CA  . GLY A 1 74 ? 4.373   -10.600 15.804  1.00 12.03 ? 74  GLY A CA  1 
ATOM   571  C  C   . GLY A 1 74 ? 3.399   -11.655 15.302  1.00 6.98  ? 74  GLY A C   1 
ATOM   572  O  O   . GLY A 1 74 ? 3.536   -12.845 15.636  1.00 10.49 ? 74  GLY A O   1 
ATOM   573  N  N   . HIS A 1 75 ? 2.443   -11.258 14.478  1.00 6.20  ? 75  HIS A N   1 
ATOM   574  C  CA  . HIS A 1 75 ? 1.449   -12.214 14.032  1.00 6.24  ? 75  HIS A CA  1 
ATOM   575  C  C   . HIS A 1 75 ? 1.369   -12.471 12.534  1.00 7.81  ? 75  HIS A C   1 
ATOM   576  O  O   . HIS A 1 75 ? 0.822   -13.491 12.133  1.00 12.72 ? 75  HIS A O   1 
ATOM   577  C  CB  . HIS A 1 75 ? 0.053   -11.797 14.555  1.00 8.93  ? 75  HIS A CB  1 
ATOM   578  C  CG  . HIS A 1 75 ? -0.052  -11.725 16.059  1.00 13.58 ? 75  HIS A CG  1 
ATOM   579  N  ND1 . HIS A 1 75 ? 0.526   -10.717 16.802  1.00 13.23 ? 75  HIS A ND1 1 
ATOM   580  C  CD2 . HIS A 1 75 ? -0.648  -12.553 16.955  1.00 12.09 ? 75  HIS A CD2 1 
ATOM   581  C  CE1 . HIS A 1 75 ? 0.292   -10.922 18.091  1.00 11.29 ? 75  HIS A CE1 1 
ATOM   582  N  NE2 . HIS A 1 75 ? -0.418  -12.027 18.210  1.00 9.23  ? 75  HIS A NE2 1 
ATOM   583  N  N   . GLN A 1 76 ? 1.901   -11.591 11.690  1.00 8.43  ? 76  GLN A N   1 
ATOM   584  C  CA  . GLN A 1 76 ? 1.787   -11.854 10.236  1.00 5.79  ? 76  GLN A CA  1 
ATOM   585  C  C   . GLN A 1 76 ? 2.580   -13.064 9.821   1.00 7.62  ? 76  GLN A C   1 
ATOM   586  O  O   . GLN A 1 76 ? 3.716   -13.232 10.261  1.00 8.51  ? 76  GLN A O   1 
ATOM   587  C  CB  . GLN A 1 76 ? 2.283   -10.676 9.397   1.00 6.30  ? 76  GLN A CB  1 
ATOM   588  C  CG  . GLN A 1 76 ? 2.148   -10.997 7.887   1.00 14.49 ? 76  GLN A CG  1 
ATOM   589  C  CD  . GLN A 1 76 ? 2.809   -9.984  6.967   1.00 8.58  ? 76  GLN A CD  1 
ATOM   590  O  OE1 . GLN A 1 76 ? 3.866   -9.424  7.278   1.00 9.80  ? 76  GLN A OE1 1 
ATOM   591  N  NE2 . GLN A 1 76 ? 2.209   -9.778  5.811   1.00 6.99  ? 76  GLN A NE2 1 
ATOM   592  N  N   . ALA A 1 77 ? 2.002   -13.872 8.937   1.00 10.94 ? 77  ALA A N   1 
ATOM   593  C  CA  . ALA A 1 77 ? 2.648   -15.091 8.445   1.00 12.51 ? 77  ALA A CA  1 
ATOM   594  C  C   . ALA A 1 77 ? 2.576   -15.165 6.932   1.00 12.35 ? 77  ALA A C   1 
ATOM   595  O  O   . ALA A 1 77 ? 3.063   -16.175 6.343   1.00 8.37  ? 77  ALA A O   1 
ATOM   596  C  CB  . ALA A 1 77 ? 1.973   -16.289 9.028   1.00 9.77  ? 77  ALA A CB  1 
ATOM   597  O  OXT . ALA A 1 77 ? 2.023   -14.208 6.343   1.00 7.18  ? 77  ALA A OXT 1 
ATOM   598  N  N   . SER B 1 1  ? -2.099  -9.557  1.634   1.00 19.15 ? 1   SER B N   1 
ATOM   599  C  CA  . SER B 1 1  ? -2.481  -9.362  0.207   1.00 8.23  ? 1   SER B CA  1 
ATOM   600  C  C   . SER B 1 1  ? -1.451  -9.999  -0.721  1.00 8.89  ? 1   SER B C   1 
ATOM   601  O  O   . SER B 1 1  ? -0.277  -10.107 -0.375  1.00 9.69  ? 1   SER B O   1 
ATOM   602  C  CB  . SER B 1 1  ? -2.611  -7.869  -0.076  1.00 13.26 ? 1   SER B CB  1 
ATOM   603  O  OG  . SER B 1 1  ? -3.577  -7.289  0.776   1.00 38.32 ? 1   SER B OG  1 
ATOM   604  N  N   . THR B 1 2  ? -1.905  -10.389 -1.909  1.00 9.57  ? 2   THR B N   1 
ATOM   605  C  CA  . THR B 1 2  ? -1.035  -11.010 -2.898  1.00 7.70  ? 2   THR B CA  1 
ATOM   606  C  C   . THR B 1 2  ? -0.220  -9.951  -3.668  1.00 14.47 ? 2   THR B C   1 
ATOM   607  O  O   . THR B 1 2  ? -0.506  -8.738  -3.573  1.00 11.14 ? 2   THR B O   1 
ATOM   608  C  CB  . THR B 1 2  ? -1.836  -11.754 -3.966  1.00 7.20  ? 2   THR B CB  1 
ATOM   609  O  OG1 . THR B 1 2  ? -2.635  -10.802 -4.695  1.00 9.62  ? 2   THR B OG1 1 
ATOM   610  C  CG2 . THR B 1 2  ? -2.754  -12.821 -3.346  1.00 8.94  ? 2   THR B CG2 1 
ATOM   611  N  N   . ILE B 1 3  ? 0.776   -10.405 -4.430  1.00 6.29  ? 3   ILE B N   1 
ATOM   612  C  CA  . ILE B 1 3  ? 1.567   -9.471  -5.249  1.00 10.92 ? 3   ILE B CA  1 
ATOM   613  C  C   . ILE B 1 3  ? 0.688   -8.756  -6.278  1.00 5.94  ? 3   ILE B C   1 
ATOM   614  O  O   . ILE B 1 3  ? 0.870   -7.549  -6.509  1.00 11.35 ? 3   ILE B O   1 
ATOM   615  C  CB  . ILE B 1 3  ? 2.698   -10.168 -5.985  1.00 7.86  ? 3   ILE B CB  1 
ATOM   616  C  CG1 . ILE B 1 3  ? 3.792   -10.536 -4.986  1.00 13.41 ? 3   ILE B CG1 1 
ATOM   617  C  CG2 . ILE B 1 3  ? 3.272   -9.259  -7.073  1.00 6.35  ? 3   ILE B CG2 1 
ATOM   618  C  CD1 . ILE B 1 3  ? 4.253   -9.356  -4.143  1.00 12.96 ? 3   ILE B CD1 1 
ATOM   619  N  N   . GLU B 1 4  ? -0.286  -9.467  -6.844  1.00 7.77  ? 4   GLU B N   1 
ATOM   620  C  CA  . GLU B 1 4  ? -1.234  -8.872  -7.824  1.00 10.54 ? 4   GLU B CA  1 
ATOM   621  C  C   . GLU B 1 4  ? -2.061  -7.732  -7.203  1.00 7.51  ? 4   GLU B C   1 
ATOM   622  O  O   . GLU B 1 4  ? -2.232  -6.653  -7.801  1.00 9.15  ? 4   GLU B O   1 
ATOM   623  C  CB  . GLU B 1 4  ? -2.155  -9.981  -8.354  1.00 9.19  ? 4   GLU B CB  1 
ATOM   624  C  CG  . GLU B 1 4  ? -3.455  -9.549  -9.020  1.00 17.02 ? 4   GLU B CG  1 
ATOM   625  C  CD  . GLU B 1 4  ? -4.209  -10.739 -9.634  1.00 22.18 ? 4   GLU B CD  1 
ATOM   626  O  OE1 . GLU B 1 4  ? -3.900  -11.170 -10.782 1.00 11.88 ? 4   GLU B OE1 1 
ATOM   627  O  OE2 . GLU B 1 4  ? -5.118  -11.251 -8.954  1.00 11.18 ? 4   GLU B OE2 1 
ATOM   628  N  N   . GLU B 1 5  ? -2.607  -7.974  -6.012  1.00 8.78  ? 5   GLU B N   1 
ATOM   629  C  CA  . GLU B 1 5  ? -3.375  -6.945  -5.314  1.00 13.64 ? 5   GLU B CA  1 
ATOM   630  C  C   . GLU B 1 5  ? -2.495  -5.740  -4.937  1.00 8.95  ? 5   GLU B C   1 
ATOM   631  O  O   . GLU B 1 5  ? -2.941  -4.569  -5.039  1.00 11.48 ? 5   GLU B O   1 
ATOM   632  C  CB  . GLU B 1 5  ? -4.011  -7.516  -4.039  1.00 12.03 ? 5   GLU B CB  1 
ATOM   633  C  CG  . GLU B 1 5  ? -4.967  -8.684  -4.306  1.00 14.63 ? 5   GLU B CG  1 
ATOM   634  C  CD  . GLU B 1 5  ? -5.437  -9.359  -3.032  1.00 10.31 ? 5   GLU B CD  1 
ATOM   635  O  OE1 . GLU B 1 5  ? -4.644  -9.479  -2.069  1.00 9.61  ? 5   GLU B OE1 1 
ATOM   636  O  OE2 . GLU B 1 5  ? -6.596  -9.780  -3.002  1.00 14.33 ? 5   GLU B OE2 1 
ATOM   637  N  N   . ARG B 1 6  ? -1.257  -6.003  -4.531  1.00 10.04 ? 6   ARG B N   1 
ATOM   638  C  CA  . ARG B 1 6  ? -0.388  -4.918  -4.110  1.00 8.35  ? 6   ARG B CA  1 
ATOM   639  C  C   . ARG B 1 6  ? 0.086   -4.040  -5.270  1.00 9.70  ? 6   ARG B C   1 
ATOM   640  O  O   . ARG B 1 6  ? 0.178   -2.796  -5.155  1.00 12.30 ? 6   ARG B O   1 
ATOM   641  C  CB  . ARG B 1 6  ? 0.795   -5.474  -3.309  1.00 10.48 ? 6   ARG B CB  1 
ATOM   642  C  CG  . ARG B 1 6  ? 0.396   -5.987  -1.905  1.00 14.63 ? 6   ARG B CG  1 
ATOM   643  C  CD  . ARG B 1 6  ? 1.547   -6.684  -1.199  1.00 13.38 ? 6   ARG B CD  1 
ATOM   644  N  NE  . ARG B 1 6  ? 2.637   -5.759  -0.972  1.00 14.72 ? 6   ARG B NE  1 
ATOM   645  C  CZ  . ARG B 1 6  ? 3.848   -6.125  -0.583  1.00 22.73 ? 6   ARG B CZ  1 
ATOM   646  N  NH1 . ARG B 1 6  ? 4.110   -7.410  -0.371  1.00 15.57 ? 6   ARG B NH1 1 
ATOM   647  N  NH2 . ARG B 1 6  ? 4.795   -5.213  -0.429  1.00 16.18 ? 6   ARG B NH2 1 
ATOM   648  N  N   . VAL B 1 7  ? 0.383   -4.676  -6.395  1.00 9.46  ? 7   VAL B N   1 
ATOM   649  C  CA  . VAL B 1 7  ? 0.831   -3.954  -7.580  1.00 6.95  ? 7   VAL B CA  1 
ATOM   650  C  C   . VAL B 1 7  ? -0.316  -3.077  -8.078  1.00 8.27  ? 7   VAL B C   1 
ATOM   651  O  O   . VAL B 1 7  ? -0.097  -1.896  -8.407  1.00 8.07  ? 7   VAL B O   1 
ATOM   652  C  CB  . VAL B 1 7  ? 1.259   -4.956  -8.678  1.00 4.32  ? 7   VAL B CB  1 
ATOM   653  C  CG1 . VAL B 1 7  ? 1.505   -4.223  -10.022 1.00 6.99  ? 7   VAL B CG1 1 
ATOM   654  C  CG2 . VAL B 1 7  ? 2.507   -5.705  -8.228  1.00 12.42 ? 7   VAL B CG2 1 
ATOM   655  N  N   . LYS B 1 8  ? -1.536  -3.623  -8.130  1.00 7.60  ? 8   LYS B N   1 
ATOM   656  C  CA  . LYS B 1 8  ? -2.699  -2.840  -8.570  1.00 11.42 ? 8   LYS B CA  1 
ATOM   657  C  C   . LYS B 1 8  ? -2.921  -1.621  -7.708  1.00 14.49 ? 8   LYS B C   1 
ATOM   658  O  O   . LYS B 1 8  ? -3.286  -0.543  -8.214  1.00 10.22 ? 8   LYS B O   1 
ATOM   659  C  CB  . LYS B 1 8  ? -3.986  -3.669  -8.549  1.00 12.19 ? 8   LYS B CB  1 
ATOM   660  C  CG  . LYS B 1 8  ? -4.059  -4.721  -9.649  1.00 7.94  ? 8   LYS B CG  1 
ATOM   661  C  CD  . LYS B 1 8  ? -5.325  -5.539  -9.476  1.00 10.39 ? 8   LYS B CD  1 
ATOM   662  C  CE  . LYS B 1 8  ? -5.578  -6.404  -10.715 1.00 10.11 ? 8   LYS B CE  1 
ATOM   663  N  NZ  . LYS B 1 8  ? -6.897  -7.101  -10.661 1.00 15.85 ? 8   LYS B NZ  1 
ATOM   664  N  N   . LYS B 1 9  ? -2.734  -1.786  -6.403  1.00 8.57  ? 9   LYS B N   1 
ATOM   665  C  CA  . LYS B 1 9  ? -2.914  -0.683  -5.464  1.00 19.15 ? 9   LYS B CA  1 
ATOM   666  C  C   . LYS B 1 9  ? -1.908  0.451   -5.749  1.00 12.15 ? 9   LYS B C   1 
ATOM   667  O  O   . LYS B 1 9  ? -2.276  1.638   -5.804  1.00 17.95 ? 9   LYS B O   1 
ATOM   668  C  CB  . LYS B 1 9  ? -2.739  -1.210  -4.039  1.00 19.99 ? 9   LYS B CB  1 
ATOM   669  C  CG  . LYS B 1 9  ? -3.124  -0.230  -2.949  1.00 26.81 ? 9   LYS B CG  1 
ATOM   670  C  CD  . LYS B 1 9  ? -4.578  0.162   -3.066  1.00 32.23 ? 9   LYS B CD  1 
ATOM   671  C  CE  . LYS B 1 9  ? -5.269  0.124   -1.719  1.00 46.28 ? 9   LYS B CE  1 
ATOM   672  N  NZ  . LYS B 1 9  ? -6.721  0.466   -1.833  1.00 52.18 ? 9   LYS B NZ  1 
ATOM   673  N  N   . ILE B 1 10 ? -0.642  0.088   -5.940  1.00 13.40 ? 10  ILE B N   1 
ATOM   674  C  CA  . ILE B 1 10 ? 0.406   1.069   -6.215  1.00 10.66 ? 10  ILE B CA  1 
ATOM   675  C  C   . ILE B 1 10 ? 0.098   1.843   -7.494  1.00 9.92  ? 10  ILE B C   1 
ATOM   676  O  O   . ILE B 1 10 ? 0.226   3.082   -7.511  1.00 11.15 ? 10  ILE B O   1 
ATOM   677  C  CB  . ILE B 1 10 ? 1.786   0.420   -6.403  1.00 11.51 ? 10  ILE B CB  1 
ATOM   678  C  CG1 . ILE B 1 10 ? 2.216   -0.279  -5.107  1.00 19.42 ? 10  ILE B CG1 1 
ATOM   679  C  CG2 . ILE B 1 10 ? 2.795   1.480   -6.837  1.00 9.37  ? 10  ILE B CG2 1 
ATOM   680  C  CD1 . ILE B 1 10 ? 2.525   0.688   -3.956  1.00 12.73 ? 10  ILE B CD1 1 
ATOM   681  N  N   . ILE B 1 11 ? -0.288  1.111   -8.542  1.00 5.43  ? 11  ILE B N   1 
ATOM   682  C  CA  . ILE B 1 11 ? -0.611  1.693   -9.824  1.00 8.69  ? 11  ILE B CA  1 
ATOM   683  C  C   . ILE B 1 11 ? -1.727  2.732   -9.706  1.00 13.87 ? 11  ILE B C   1 
ATOM   684  O  O   . ILE B 1 11 ? -1.583  3.870   -10.207 1.00 9.28  ? 11  ILE B O   1 
ATOM   685  C  CB  . ILE B 1 11 ? -0.995  0.595   -10.830 1.00 6.84  ? 11  ILE B CB  1 
ATOM   686  C  CG1 . ILE B 1 11 ? 0.259   -0.147  -11.244 1.00 8.78  ? 11  ILE B CG1 1 
ATOM   687  C  CG2 . ILE B 1 11 ? -1.664  1.197   -12.050 1.00 11.18 ? 11  ILE B CG2 1 
ATOM   688  C  CD1 . ILE B 1 11 ? -0.033  -1.423  -11.992 1.00 11.87 ? 11  ILE B CD1 1 
ATOM   689  N  N   . GLY B 1 12 ? -2.820  2.355   -9.042  1.00 10.76 ? 12  GLY B N   1 
ATOM   690  C  CA  . GLY B 1 12 ? -3.942  3.258   -8.895  1.00 8.41  ? 12  GLY B CA  1 
ATOM   691  C  C   . GLY B 1 12 ? -3.588  4.467   -8.078  1.00 6.99  ? 12  GLY B C   1 
ATOM   692  O  O   . GLY B 1 12 ? -4.069  5.569   -8.357  1.00 14.89 ? 12  GLY B O   1 
ATOM   693  N  N   . GLU B 1 13 ? -2.773  4.275   -7.045  1.00 12.02 ? 13  GLU B N   1 
ATOM   694  C  CA  . GLU B 1 13 ? -2.399  5.417   -6.244  1.00 16.74 ? 13  GLU B CA  1 
ATOM   695  C  C   . GLU B 1 13 ? -1.468  6.324   -7.044  1.00 11.12 ? 13  GLU B C   1 
ATOM   696  O  O   . GLU B 1 13 ? -1.615  7.551   -6.982  1.00 15.81 ? 13  GLU B O   1 
ATOM   697  C  CB  . GLU B 1 13 ? -1.771  4.999   -4.897  1.00 16.29 ? 13  GLU B CB  1 
ATOM   698  C  CG  . GLU B 1 13 ? -0.467  4.210   -4.964  1.00 37.25 ? 13  GLU B CG  1 
ATOM   699  C  CD  . GLU B 1 13 ? 0.053   3.836   -3.575  1.00 37.83 ? 13  GLU B CD  1 
ATOM   700  O  OE1 . GLU B 1 13 ? -0.709  3.211   -2.799  1.00 29.68 ? 13  GLU B OE1 1 
ATOM   701  O  OE2 . GLU B 1 13 ? 1.220   4.170   -3.264  1.00 32.64 ? 13  GLU B OE2 1 
ATOM   702  N  N   . GLN B 1 14 ? -0.534  5.753   -7.799  1.00 8.29  ? 14  GLN B N   1 
ATOM   703  C  CA  . GLN B 1 14 ? 0.380   6.565   -8.596  1.00 12.36 ? 14  GLN B CA  1 
ATOM   704  C  C   . GLN B 1 14 ? -0.300  7.341   -9.717  1.00 9.51  ? 14  GLN B C   1 
ATOM   705  O  O   . GLN B 1 14 ? 0.054   8.486   -9.990  1.00 15.07 ? 14  GLN B O   1 
ATOM   706  C  CB  . GLN B 1 14 ? 1.484   5.692   -9.197  1.00 12.59 ? 14  GLN B CB  1 
ATOM   707  C  CG  . GLN B 1 14 ? 2.496   5.165   -8.162  1.00 29.01 ? 14  GLN B CG  1 
ATOM   708  C  CD  . GLN B 1 14 ? 3.237   6.293   -7.446  1.00 21.86 ? 14  GLN B CD  1 
ATOM   709  O  OE1 . GLN B 1 14 ? 3.778   7.197   -8.088  1.00 21.66 ? 14  GLN B OE1 1 
ATOM   710  N  NE2 . GLN B 1 14 ? 3.257   6.249   -6.114  1.00 21.59 ? 14  GLN B NE2 1 
ATOM   711  N  N   . LEU B 1 15 ? -1.297  6.736   -10.355 1.00 15.12 ? 15  LEU B N   1 
ATOM   712  C  CA  . LEU B 1 15 ? -1.982  7.362   -11.478 1.00 13.63 ? 15  LEU B CA  1 
ATOM   713  C  C   . LEU B 1 15 ? -3.295  8.128   -11.204 1.00 18.11 ? 15  LEU B C   1 
ATOM   714  O  O   . LEU B 1 15 ? -3.859  8.743   -12.112 1.00 18.11 ? 15  LEU B O   1 
ATOM   715  C  CB  . LEU B 1 15 ? -2.241  6.294   -12.540 1.00 7.90  ? 15  LEU B CB  1 
ATOM   716  C  CG  . LEU B 1 15 ? -0.986  5.598   -13.074 1.00 13.46 ? 15  LEU B CG  1 
ATOM   717  C  CD1 . LEU B 1 15 ? -1.368  4.699   -14.262 1.00 12.97 ? 15  LEU B CD1 1 
ATOM   718  C  CD2 . LEU B 1 15 ? 0.064   6.624   -13.503 1.00 9.34  ? 15  LEU B CD2 1 
ATOM   719  N  N   . GLY B 1 16 ? -3.780  8.111   -9.968  1.00 15.80 ? 16  GLY B N   1 
ATOM   720  C  CA  . GLY B 1 16 ? -5.024  8.810   -9.666  1.00 16.57 ? 16  GLY B CA  1 
ATOM   721  C  C   . GLY B 1 16 ? -6.228  8.186   -10.371 1.00 13.48 ? 16  GLY B C   1 
ATOM   722  O  O   . GLY B 1 16 ? -7.105  8.902   -10.855 1.00 19.48 ? 16  GLY B O   1 
ATOM   723  N  N   . VAL B 1 17 ? -6.271  6.854   -10.404 1.00 14.56 ? 17  VAL B N   1 
ATOM   724  C  CA  . VAL B 1 17 ? -7.355  6.099   -11.017 1.00 8.61  ? 17  VAL B CA  1 
ATOM   725  C  C   . VAL B 1 17 ? -7.996  5.197   -9.969  1.00 17.72 ? 17  VAL B C   1 
ATOM   726  O  O   . VAL B 1 17 ? -7.309  4.652   -9.112  1.00 16.19 ? 17  VAL B O   1 
ATOM   727  C  CB  . VAL B 1 17 ? -6.822  5.239   -12.193 1.00 14.90 ? 17  VAL B CB  1 
ATOM   728  C  CG1 . VAL B 1 17 ? -7.894  4.292   -12.698 1.00 26.33 ? 17  VAL B CG1 1 
ATOM   729  C  CG2 . VAL B 1 17 ? -6.386  6.135   -13.327 1.00 13.25 ? 17  VAL B CG2 1 
ATOM   730  N  N   . LYS B 1 18 ? -9.321  5.054   -10.029 1.00 25.23 ? 18  LYS B N   1 
ATOM   731  C  CA  . LYS B 1 18 ? -10.044 4.199   -9.085  1.00 19.59 ? 18  LYS B CA  1 
ATOM   732  C  C   . LYS B 1 18 ? -9.716  2.718   -9.288  1.00 15.18 ? 18  LYS B C   1 
ATOM   733  O  O   . LYS B 1 18 ? -9.532  2.248   -10.418 1.00 16.91 ? 18  LYS B O   1 
ATOM   734  C  CB  . LYS B 1 18 ? -11.547 4.449   -9.207  1.00 24.56 ? 18  LYS B CB  1 
ATOM   735  C  CG  . LYS B 1 18 ? -12.079 4.398   -10.623 1.00 12.73 ? 18  LYS B CG  1 
ATOM   736  C  CD  . LYS B 1 18 ? -13.432 5.070   -10.657 1.00 12.72 ? 18  LYS B CD  1 
ATOM   737  C  CE  . LYS B 1 18 ? -13.984 5.073   -12.057 1.00 24.42 ? 18  LYS B CE  1 
ATOM   738  N  NZ  . LYS B 1 18 ? -15.252 5.824   -12.042 1.00 21.72 ? 18  LYS B NZ  1 
ATOM   739  N  N   . GLN B 1 19 ? -9.601  1.997   -8.177  1.00 20.06 ? 19  GLN B N   1 
ATOM   740  C  CA  . GLN B 1 19 ? -9.259  0.569   -8.208  1.00 19.82 ? 19  GLN B CA  1 
ATOM   741  C  C   . GLN B 1 19 ? -9.967  -0.318  -9.232  1.00 27.04 ? 19  GLN B C   1 
ATOM   742  O  O   . GLN B 1 19 ? -9.303  -1.107  -9.917  1.00 16.58 ? 19  GLN B O   1 
ATOM   743  C  CB  . GLN B 1 19 ? -9.448  -0.053  -6.814  1.00 34.30 ? 19  GLN B CB  1 
ATOM   744  C  CG  . GLN B 1 19 ? -8.381  0.308   -5.782  1.00 33.38 ? 19  GLN B CG  1 
ATOM   745  C  CD  . GLN B 1 19 ? -7.027  -0.349  -6.053  1.00 43.05 ? 19  GLN B CD  1 
ATOM   746  O  OE1 . GLN B 1 19 ? -6.440  -0.968  -5.163  1.00 33.02 ? 19  GLN B OE1 1 
ATOM   747  N  NE2 . GLN B 1 19 ? -6.524  -0.208  -7.278  1.00 33.54 ? 19  GLN B NE2 1 
ATOM   748  N  N   . GLU B 1 20 ? -11.296 -0.209  -9.335  1.00 25.42 ? 20  GLU B N   1 
ATOM   749  C  CA  . GLU B 1 20 ? -12.052 -1.044  -10.263 1.00 21.39 ? 20  GLU B CA  1 
ATOM   750  C  C   . GLU B 1 20 ? -11.614 -0.831  -11.699 1.00 16.60 ? 20  GLU B C   1 
ATOM   751  O  O   . GLU B 1 20 ? -11.925 -1.649  -12.582 1.00 18.11 ? 20  GLU B O   1 
ATOM   752  C  CB  . GLU B 1 20 ? -13.572 -0.800  -10.144 1.00 17.79 ? 20  GLU B CB  1 
ATOM   753  C  CG  . GLU B 1 20 ? -13.996 0.624   -10.360 1.00 19.95 ? 20  GLU B CG  1 
ATOM   754  C  CD  . GLU B 1 20 ? -14.101 1.399   -9.063  1.00 20.99 ? 20  GLU B CD  1 
ATOM   755  O  OE1 . GLU B 1 20 ? -13.237 1.218   -8.184  1.00 24.83 ? 20  GLU B OE1 1 
ATOM   756  O  OE2 . GLU B 1 20 ? -15.054 2.192   -8.921  1.00 30.30 ? 20  GLU B OE2 1 
ATOM   757  N  N   . GLU B 1 21 ? -10.862 0.251   -11.920 1.00 15.46 ? 21  GLU B N   1 
ATOM   758  C  CA  . GLU B 1 21 ? -10.378 0.600   -13.249 1.00 24.33 ? 21  GLU B CA  1 
ATOM   759  C  C   . GLU B 1 21 ? -9.016  -0.020  -13.578 1.00 19.51 ? 21  GLU B C   1 
ATOM   760  O  O   . GLU B 1 21 ? -8.662  -0.170  -14.754 1.00 14.35 ? 21  GLU B O   1 
ATOM   761  C  CB  . GLU B 1 21 ? -10.304 2.130   -13.370 1.00 28.57 ? 21  GLU B CB  1 
ATOM   762  C  CG  . GLU B 1 21 ? -10.184 2.658   -14.783 1.00 31.69 ? 21  GLU B CG  1 
ATOM   763  C  CD  . GLU B 1 21 ? -10.548 4.135   -14.872 1.00 31.99 ? 21  GLU B CD  1 
ATOM   764  O  OE1 . GLU B 1 21 ? -11.264 4.624   -13.974 1.00 34.85 ? 21  GLU B OE1 1 
ATOM   765  O  OE2 . GLU B 1 21 ? -10.147 4.797   -15.843 1.00 29.67 ? 21  GLU B OE2 1 
ATOM   766  N  N   . VAL B 1 22 ? -8.254  -0.364  -12.536 1.00 11.90 ? 22  VAL B N   1 
ATOM   767  C  CA  . VAL B 1 22 ? -6.913  -0.974  -12.712 1.00 9.38  ? 22  VAL B CA  1 
ATOM   768  C  C   . VAL B 1 22 ? -7.032  -2.488  -12.928 1.00 20.82 ? 22  VAL B C   1 
ATOM   769  O  O   . VAL B 1 22 ? -6.653  -3.297  -12.066 1.00 14.36 ? 22  VAL B O   1 
ATOM   770  C  CB  . VAL B 1 22 ? -6.020  -0.749  -11.475 1.00 11.27 ? 22  VAL B CB  1 
ATOM   771  C  CG1 . VAL B 1 22 ? -4.606  -1.190  -11.793 1.00 11.78 ? 22  VAL B CG1 1 
ATOM   772  C  CG2 . VAL B 1 22 ? -6.030  0.712   -11.059 1.00 12.01 ? 22  VAL B CG2 1 
ATOM   773  N  N   . THR B 1 23 ? -7.548  -2.866  -14.089 1.00 9.36  ? 23  THR B N   1 
ATOM   774  C  CA  . THR B 1 23 ? -7.758  -4.277  -14.408 1.00 12.78 ? 23  THR B CA  1 
ATOM   775  C  C   . THR B 1 23 ? -6.476  -4.906  -14.953 1.00 8.60  ? 23  THR B C   1 
ATOM   776  O  O   . THR B 1 23 ? -5.591  -4.206  -15.409 1.00 10.69 ? 23  THR B O   1 
ATOM   777  C  CB  . THR B 1 23 ? -8.869  -4.425  -15.460 1.00 12.53 ? 23  THR B CB  1 
ATOM   778  O  OG1 . THR B 1 23 ? -8.486  -3.689  -16.626 1.00 25.95 ? 23  THR B OG1 1 
ATOM   779  C  CG2 . THR B 1 23 ? -10.210 -3.850  -14.932 1.00 14.01 ? 23  THR B CG2 1 
ATOM   780  N  N   . ASN B 1 24 ? -6.376  -6.228  -14.880 1.00 7.60  ? 24  ASN B N   1 
ATOM   781  C  CA  . ASN B 1 24 ? -5.182  -6.883  -15.404 1.00 8.00  ? 24  ASN B CA  1 
ATOM   782  C  C   . ASN B 1 24 ? -4.943  -6.560  -16.879 1.00 12.50 ? 24  ASN B C   1 
ATOM   783  O  O   . ASN B 1 24 ? -3.809  -6.516  -17.298 1.00 16.52 ? 24  ASN B O   1 
ATOM   784  C  CB  . ASN B 1 24 ? -5.233  -8.411  -15.212 1.00 16.59 ? 24  ASN B CB  1 
ATOM   785  C  CG  . ASN B 1 24 ? -5.256  -8.817  -13.749 1.00 9.21  ? 24  ASN B CG  1 
ATOM   786  O  OD1 . ASN B 1 24 ? -6.110  -8.376  -12.979 1.00 12.20 ? 24  ASN B OD1 1 
ATOM   787  N  ND2 . ASN B 1 24 ? -4.343  -9.671  -13.370 1.00 9.80  ? 24  ASN B ND2 1 
ATOM   788  N  N   . ASN B 1 25 ? -6.000  -6.293  -17.653 1.00 15.97 ? 25  ASN B N   1 
ATOM   789  C  CA  . ASN B 1 25 ? -5.810  -6.009  -19.075 1.00 22.43 ? 25  ASN B CA  1 
ATOM   790  C  C   . ASN B 1 25 ? -5.613  -4.534  -19.414 1.00 21.52 ? 25  ASN B C   1 
ATOM   791  O  O   . ASN B 1 25 ? -5.514  -4.185  -20.593 1.00 22.92 ? 25  ASN B O   1 
ATOM   792  C  CB  . ASN B 1 25 ? -6.989  -6.563  -19.901 1.00 19.40 ? 25  ASN B CB  1 
ATOM   793  C  CG  . ASN B 1 25 ? -8.270  -5.729  -19.741 1.00 25.84 ? 25  ASN B CG  1 
ATOM   794  O  OD1 . ASN B 1 25 ? -8.294  -4.698  -19.051 1.00 25.82 ? 25  ASN B OD1 1 
ATOM   795  N  ND2 . ASN B 1 25 ? -9.344  -6.176  -20.385 1.00 32.99 ? 25  ASN B ND2 1 
ATOM   796  N  N   . ALA B 1 26 ? -5.554  -3.668  -18.406 1.00 12.30 ? 26  ALA B N   1 
ATOM   797  C  CA  . ALA B 1 26 ? -5.385  -2.240  -18.661 1.00 5.95  ? 26  ALA B CA  1 
ATOM   798  C  C   . ALA B 1 26 ? -3.952  -1.818  -19.072 1.00 18.30 ? 26  ALA B C   1 
ATOM   799  O  O   . ALA B 1 26 ? -2.967  -2.233  -18.465 1.00 9.35  ? 26  ALA B O   1 
ATOM   800  C  CB  . ALA B 1 26 ? -5.840  -1.429  -17.410 1.00 10.98 ? 26  ALA B CB  1 
ATOM   801  N  N   . SER B 1 27 ? -3.849  -0.984  -20.110 1.00 13.50 ? 27  SER B N   1 
ATOM   802  C  CA  . SER B 1 27 ? -2.562  -0.468  -20.580 1.00 14.58 ? 27  SER B CA  1 
ATOM   803  C  C   . SER B 1 27 ? -2.361  0.811   -19.809 1.00 9.30  ? 27  SER B C   1 
ATOM   804  O  O   . SER B 1 27 ? -3.317  1.547   -19.528 1.00 14.02 ? 27  SER B O   1 
ATOM   805  C  CB  . SER B 1 27 ? -2.623  -0.169  -22.069 1.00 13.45 ? 27  SER B CB  1 
ATOM   806  O  OG  . SER B 1 27 ? -3.635  0.806   -22.318 1.00 16.94 ? 27  SER B OG  1 
ATOM   807  N  N   . PHE B 1 28 ? -1.120  1.108   -19.463 1.00 8.06  ? 28  PHE B N   1 
ATOM   808  C  CA  . PHE B 1 28 ? -0.870  2.308   -18.675 1.00 6.25  ? 28  PHE B CA  1 
ATOM   809  C  C   . PHE B 1 28 ? -1.229  3.614   -19.374 1.00 10.21 ? 28  PHE B C   1 
ATOM   810  O  O   . PHE B 1 28 ? -1.902  4.477   -18.805 1.00 12.30 ? 28  PHE B O   1 
ATOM   811  C  CB  . PHE B 1 28 ? 0.593   2.363   -18.249 1.00 17.19 ? 28  PHE B CB  1 
ATOM   812  C  CG  . PHE B 1 28 ? 1.002   1.225   -17.373 1.00 17.10 ? 28  PHE B CG  1 
ATOM   813  C  CD1 . PHE B 1 28 ? 1.942   0.309   -17.802 1.00 8.73  ? 28  PHE B CD1 1 
ATOM   814  C  CD2 . PHE B 1 28 ? 0.417   1.040   -16.126 1.00 13.74 ? 28  PHE B CD2 1 
ATOM   815  C  CE1 . PHE B 1 28 ? 2.306   -0.784  -17.013 1.00 11.28 ? 28  PHE B CE1 1 
ATOM   816  C  CE2 . PHE B 1 28 ? 0.780   -0.057  -15.334 1.00 9.51  ? 28  PHE B CE2 1 
ATOM   817  C  CZ  . PHE B 1 28 ? 1.711   -0.956  -15.784 1.00 11.27 ? 28  PHE B CZ  1 
ATOM   818  N  N   . VAL B 1 29 ? -0.800  3.752   -20.620 1.00 13.10 ? 29  VAL B N   1 
ATOM   819  C  CA  . VAL B 1 29 ? -1.051  4.993   -21.331 1.00 11.81 ? 29  VAL B CA  1 
ATOM   820  C  C   . VAL B 1 29 ? -2.456  5.090   -21.910 1.00 15.10 ? 29  VAL B C   1 
ATOM   821  O  O   . VAL B 1 29 ? -3.170  6.068   -21.654 1.00 15.16 ? 29  VAL B O   1 
ATOM   822  C  CB  . VAL B 1 29 ? 0.017   5.196   -22.467 1.00 23.44 ? 29  VAL B CB  1 
ATOM   823  C  CG1 . VAL B 1 29 ? -0.382  6.337   -23.368 1.00 10.16 ? 29  VAL B CG1 1 
ATOM   824  C  CG2 . VAL B 1 29 ? 1.355   5.509   -21.857 1.00 8.24  ? 29  VAL B CG2 1 
ATOM   825  N  N   . GLU B 1 30 ? -2.850  4.056   -22.647 1.00 14.27 ? 30  GLU B N   1 
ATOM   826  C  CA  . GLU B 1 30 ? -4.157  4.025   -23.294 1.00 29.15 ? 30  GLU B CA  1 
ATOM   827  C  C   . GLU B 1 30 ? -5.324  3.990   -22.338 1.00 25.08 ? 30  GLU B C   1 
ATOM   828  O  O   . GLU B 1 30 ? -6.280  4.746   -22.504 1.00 30.51 ? 30  GLU B O   1 
ATOM   829  C  CB  . GLU B 1 30 ? -4.258  2.835   -24.258 1.00 33.77 ? 30  GLU B CB  1 
ATOM   830  C  CG  . GLU B 1 30 ? -3.251  2.898   -25.397 1.00 37.40 ? 30  GLU B CG  1 
ATOM   831  C  CD  . GLU B 1 30 ? -1.825  2.987   -24.888 1.00 48.13 ? 30  GLU B CD  1 
ATOM   832  O  OE1 . GLU B 1 30 ? -1.064  3.846   -25.389 1.00 56.86 ? 30  GLU B OE1 1 
ATOM   833  O  OE2 . GLU B 1 30 ? -1.464  2.201   -23.984 1.00 54.17 ? 30  GLU B OE2 1 
ATOM   834  N  N   . ASP B 1 31 ? -5.260  3.139   -21.326 1.00 19.22 ? 31  ASP B N   1 
ATOM   835  C  CA  . ASP B 1 31 ? -6.378  3.058   -20.398 1.00 14.91 ? 31  ASP B CA  1 
ATOM   836  C  C   . ASP B 1 31 ? -6.275  3.852   -19.103 1.00 25.13 ? 31  ASP B C   1 
ATOM   837  O  O   . ASP B 1 31 ? -7.260  4.458   -18.662 1.00 23.25 ? 31  ASP B O   1 
ATOM   838  C  CB  . ASP B 1 31 ? -6.666  1.600   -20.039 1.00 9.62  ? 31  ASP B CB  1 
ATOM   839  C  CG  . ASP B 1 31 ? -6.980  0.760   -21.237 1.00 17.80 ? 31  ASP B CG  1 
ATOM   840  O  OD1 . ASP B 1 31 ? -7.665  1.266   -22.159 1.00 17.18 ? 31  ASP B OD1 1 
ATOM   841  O  OD2 . ASP B 1 31 ? -6.562  -0.413  -21.243 1.00 9.76  ? 31  ASP B OD2 1 
ATOM   842  N  N   . LEU B 1 32 ? -5.093  3.870   -18.499 1.00 6.30  ? 32  LEU B N   1 
ATOM   843  C  CA  . LEU B 1 32 ? -4.925  4.523   -17.192 1.00 13.03 ? 32  LEU B CA  1 
ATOM   844  C  C   . LEU B 1 32 ? -4.416  5.955   -17.255 1.00 8.25  ? 32  LEU B C   1 
ATOM   845  O  O   . LEU B 1 32 ? -4.036  6.543   -16.229 1.00 15.61 ? 32  LEU B O   1 
ATOM   846  C  CB  . LEU B 1 32 ? -4.036  3.632   -16.307 1.00 8.88  ? 32  LEU B CB  1 
ATOM   847  C  CG  . LEU B 1 32 ? -4.595  2.200   -16.204 1.00 13.56 ? 32  LEU B CG  1 
ATOM   848  C  CD1 . LEU B 1 32 ? -3.762  1.353   -15.224 1.00 8.28  ? 32  LEU B CD1 1 
ATOM   849  C  CD2 . LEU B 1 32 ? -6.065  2.242   -15.749 1.00 10.97 ? 32  LEU B CD2 1 
ATOM   850  N  N   . GLY B 1 33 ? -4.401  6.495   -18.480 1.00 11.73 ? 33  GLY B N   1 
ATOM   851  C  CA  . GLY B 1 33 ? -3.976  7.868   -18.741 1.00 12.32 ? 33  GLY B CA  1 
ATOM   852  C  C   . GLY B 1 33 ? -2.601  8.352   -18.333 1.00 12.33 ? 33  GLY B C   1 
ATOM   853  O  O   . GLY B 1 33 ? -2.417  9.550   -18.096 1.00 19.15 ? 33  GLY B O   1 
ATOM   854  N  N   . ALA B 1 34 ? -1.637  7.442   -18.243 1.00 11.46 ? 34  ALA B N   1 
ATOM   855  C  CA  . ALA B 1 34 ? -0.280  7.816   -17.849 1.00 13.48 ? 34  ALA B CA  1 
ATOM   856  C  C   . ALA B 1 34 ? 0.379   8.845   -18.792 1.00 20.24 ? 34  ALA B C   1 
ATOM   857  O  O   . ALA B 1 34 ? 0.392   8.623   -20.003 1.00 22.26 ? 34  ALA B O   1 
ATOM   858  C  CB  . ALA B 1 34 ? 0.596   6.559   -17.781 1.00 11.45 ? 34  ALA B CB  1 
ATOM   859  N  N   . ASP B 1 35 ? 0.899   9.959   -18.261 1.00 11.01 ? 35  ASP B N   1 
ATOM   860  C  CA  . ASP B 1 35 ? 1.613   10.915  -19.121 1.00 11.19 ? 35  ASP B CA  1 
ATOM   861  C  C   . ASP B 1 35 ? 3.126   10.596  -19.039 1.00 18.05 ? 35  ASP B C   1 
ATOM   862  O  O   . ASP B 1 35 ? 3.510   9.593   -18.422 1.00 12.31 ? 35  ASP B O   1 
ATOM   863  C  CB  . ASP B 1 35 ? 1.294   12.398  -18.775 1.00 9.39  ? 35  ASP B CB  1 
ATOM   864  C  CG  . ASP B 1 35 ? 1.637   12.799  -17.360 1.00 11.55 ? 35  ASP B CG  1 
ATOM   865  O  OD1 . ASP B 1 35 ? 2.532   12.201  -16.748 1.00 14.90 ? 35  ASP B OD1 1 
ATOM   866  O  OD2 . ASP B 1 35 ? 1.014   13.775  -16.849 1.00 9.54  ? 35  ASP B OD2 1 
ATOM   867  N  N   . SER B 1 36 ? 3.992   11.394  -19.661 1.00 14.29 ? 36  SER B N   1 
ATOM   868  C  CA  . SER B 1 36 ? 5.439   11.072  -19.629 1.00 12.60 ? 36  SER B CA  1 
ATOM   869  C  C   . SER B 1 36 ? 6.030   11.001  -18.218 1.00 10.50 ? 36  SER B C   1 
ATOM   870  O  O   . SER B 1 36 ? 6.791   10.092  -17.929 1.00 19.95 ? 36  SER B O   1 
ATOM   871  C  CB  . SER B 1 36 ? 6.307   12.096  -20.396 1.00 25.77 ? 36  SER B CB  1 
ATOM   872  O  OG  . SER B 1 36 ? 6.287   12.093  -21.828 1.00 46.81 ? 36  SER B OG  1 
ATOM   873  N  N   . LEU B 1 37 ? 5.708   11.955  -17.351 1.00 10.12 ? 37  LEU B N   1 
ATOM   874  C  CA  . LEU B 1 37 ? 6.279   11.918  -16.009 1.00 10.43 ? 37  LEU B CA  1 
ATOM   875  C  C   . LEU B 1 37 ? 5.731   10.708  -15.242 1.00 12.20 ? 37  LEU B C   1 
ATOM   876  O  O   . LEU B 1 37 ? 6.477   10.074  -14.490 1.00 11.10 ? 37  LEU B O   1 
ATOM   877  C  CB  . LEU B 1 37 ? 5.970   13.213  -15.251 1.00 11.62 ? 37  LEU B CB  1 
ATOM   878  C  CG  . LEU B 1 37 ? 6.401   13.366  -13.785 1.00 17.77 ? 37  LEU B CG  1 
ATOM   879  C  CD1 . LEU B 1 37 ? 7.901   13.130  -13.629 1.00 11.22 ? 37  LEU B CD1 1 
ATOM   880  C  CD2 . LEU B 1 37 ? 6.048   14.767  -13.286 1.00 19.32 ? 37  LEU B CD2 1 
ATOM   881  N  N   . ASP B 1 38 ? 4.444   10.378  -15.438 1.00 12.25 ? 38  ASP B N   1 
ATOM   882  C  CA  . ASP B 1 38 ? 3.820   9.243   -14.736 1.00 7.40  ? 38  ASP B CA  1 
ATOM   883  C  C   . ASP B 1 38 ? 4.537   7.935   -14.991 1.00 17.70 ? 38  ASP B C   1 
ATOM   884  O  O   . ASP B 1 38 ? 4.720   7.126   -14.066 1.00 18.73 ? 38  ASP B O   1 
ATOM   885  C  CB  . ASP B 1 38 ? 2.351   9.073   -15.123 1.00 12.80 ? 38  ASP B CB  1 
ATOM   886  C  CG  . ASP B 1 38 ? 1.471   10.186  -14.605 1.00 15.99 ? 38  ASP B CG  1 
ATOM   887  O  OD1 . ASP B 1 38 ? 1.783   10.793  -13.548 1.00 13.37 ? 38  ASP B OD1 1 
ATOM   888  O  OD2 . ASP B 1 38 ? 0.434   10.449  -15.243 1.00 20.85 ? 38  ASP B OD2 1 
ATOM   889  N  N   . THR B 1 39 ? 4.963   7.719   -16.235 1.00 16.58 ? 39  THR B N   1 
ATOM   890  C  CA  . THR B 1 39 ? 5.645   6.464   -16.555 1.00 13.81 ? 39  THR B CA  1 
ATOM   891  C  C   . THR B 1 39 ? 6.907   6.314   -15.707 1.00 16.60 ? 39  THR B C   1 
ATOM   892  O  O   . THR B 1 39 ? 7.129   5.268   -15.100 1.00 16.61 ? 39  THR B O   1 
ATOM   893  C  CB  . THR B 1 39 ? 5.987   6.348   -18.063 1.00 17.45 ? 39  THR B CB  1 
ATOM   894  O  OG1 . THR B 1 39 ? 6.827   7.432   -18.463 1.00 22.79 ? 39  THR B OG1 1 
ATOM   895  C  CG2 . THR B 1 39 ? 4.745   6.376   -18.888 1.00 24.62 ? 39  THR B CG2 1 
ATOM   896  N  N   . VAL B 1 40 ? 7.708   7.372   -15.653 1.00 15.41 ? 40  VAL B N   1 
ATOM   897  C  CA  . VAL B 1 40 ? 8.949   7.428   -14.879 1.00 16.25 ? 40  VAL B CA  1 
ATOM   898  C  C   . VAL B 1 40 ? 8.690   7.310   -13.375 1.00 22.05 ? 40  VAL B C   1 
ATOM   899  O  O   . VAL B 1 40 ? 9.401   6.587   -12.667 1.00 17.28 ? 40  VAL B O   1 
ATOM   900  C  CB  . VAL B 1 40 ? 9.707   8.767   -15.168 1.00 23.35 ? 40  VAL B CB  1 
ATOM   901  C  CG1 . VAL B 1 40 ? 10.852  8.973   -14.195 1.00 23.14 ? 40  VAL B CG1 1 
ATOM   902  C  CG2 . VAL B 1 40 ? 10.248  8.754   -16.559 1.00 15.30 ? 40  VAL B CG2 1 
ATOM   903  N  N   . GLU B 1 41 ? 7.672   8.013   -12.886 1.00 19.01 ? 41  GLU B N   1 
ATOM   904  C  CA  . GLU B 1 41 ? 7.340   7.964   -11.467 1.00 9.25  ? 41  GLU B CA  1 
ATOM   905  C  C   . GLU B 1 41 ? 6.798   6.592   -11.048 1.00 15.03 ? 41  GLU B C   1 
ATOM   906  O  O   . GLU B 1 41 ? 7.037   6.149   -9.919  1.00 16.13 ? 41  GLU B O   1 
ATOM   907  C  CB  . GLU B 1 41 ? 6.324   9.050   -11.112 1.00 15.98 ? 41  GLU B CB  1 
ATOM   908  C  CG  . GLU B 1 41 ? 6.886   10.456  -11.144 1.00 30.16 ? 41  GLU B CG  1 
ATOM   909  C  CD  . GLU B 1 41 ? 5.836   11.513  -10.820 1.00 36.32 ? 41  GLU B CD  1 
ATOM   910  O  OE1 . GLU B 1 41 ? 4.788   11.564  -11.505 1.00 53.11 ? 41  GLU B OE1 1 
ATOM   911  O  OE2 . GLU B 1 41 ? 6.065   12.296  -9.882  1.00 39.07 ? 41  GLU B OE2 1 
ATOM   912  N  N   . LEU B 1 42 ? 6.084   5.921   -11.961 1.00 9.24  ? 42  LEU B N   1 
ATOM   913  C  CA  . LEU B 1 42 ? 5.540   4.591   -11.681 1.00 15.52 ? 42  LEU B CA  1 
ATOM   914  C  C   . LEU B 1 42 ? 6.669   3.549   -11.599 1.00 14.39 ? 42  LEU B C   1 
ATOM   915  O  O   . LEU B 1 42 ? 6.610   2.648   -10.761 1.00 13.07 ? 42  LEU B O   1 
ATOM   916  C  CB  . LEU B 1 42 ? 4.495   4.178   -12.752 1.00 15.79 ? 42  LEU B CB  1 
ATOM   917  C  CG  . LEU B 1 42 ? 3.760   2.839   -12.543 1.00 15.62 ? 42  LEU B CG  1 
ATOM   918  C  CD1 . LEU B 1 42 ? 3.243   2.733   -11.126 1.00 18.91 ? 42  LEU B CD1 1 
ATOM   919  C  CD2 . LEU B 1 42 ? 2.579   2.718   -13.512 1.00 19.15 ? 42  LEU B CD2 1 
ATOM   920  N  N   . VAL B 1 43 ? 7.695   3.671   -12.445 1.00 11.79 ? 43  VAL B N   1 
ATOM   921  C  CA  . VAL B 1 43 ? 8.817   2.729   -12.385 1.00 14.79 ? 43  VAL B CA  1 
ATOM   922  C  C   . VAL B 1 43 ? 9.516   2.842   -11.011 1.00 9.68  ? 43  VAL B C   1 
ATOM   923  O  O   . VAL B 1 43 ? 9.769   1.833   -10.343 1.00 13.95 ? 43  VAL B O   1 
ATOM   924  C  CB  . VAL B 1 43 ? 9.865   2.984   -13.489 1.00 21.38 ? 43  VAL B CB  1 
ATOM   925  C  CG1 . VAL B 1 43 ? 11.083  2.116   -13.226 1.00 17.06 ? 43  VAL B CG1 1 
ATOM   926  C  CG2 . VAL B 1 43 ? 9.284   2.664   -14.868 1.00 7.39  ? 43  VAL B CG2 1 
ATOM   927  N  N   . MET B 1 44 ? 9.787   4.068   -10.573 1.00 10.04 ? 44  MET B N   1 
ATOM   928  C  CA  . MET B 1 44 ? 10.445  4.253   -9.280  1.00 9.35  ? 44  MET B CA  1 
ATOM   929  C  C   . MET B 1 44 ? 9.564   3.810   -8.090  1.00 11.27 ? 44  MET B C   1 
ATOM   930  O  O   . MET B 1 44 ? 10.086  3.326   -7.063  1.00 13.40 ? 44  MET B O   1 
ATOM   931  C  CB  . MET B 1 44 ? 10.868  5.716   -9.097  1.00 21.76 ? 44  MET B CB  1 
ATOM   932  C  CG  . MET B 1 44 ? 11.817  6.235   -10.165 1.00 16.67 ? 44  MET B CG  1 
ATOM   933  S  SD  . MET B 1 44 ? 12.633  7.771   -9.615  1.00 39.62 ? 44  MET B SD  1 
ATOM   934  C  CE  . MET B 1 44 ? 11.223  8.827   -9.315  1.00 20.17 ? 44  MET B CE  1 
ATOM   935  N  N   . ALA B 1 45 ? 8.241   3.996   -8.203  1.00 12.90 ? 45  ALA B N   1 
ATOM   936  C  CA  . ALA B 1 45 ? 7.325   3.604   -7.120  1.00 20.55 ? 45  ALA B CA  1 
ATOM   937  C  C   . ALA B 1 45 ? 7.306   2.080   -6.937  1.00 17.10 ? 45  ALA B C   1 
ATOM   938  O  O   . ALA B 1 45 ? 7.265   1.586   -5.808  1.00 9.57  ? 45  ALA B O   1 
ATOM   939  C  CB  . ALA B 1 45 ? 5.919   4.113   -7.391  1.00 10.12 ? 45  ALA B CB  1 
ATOM   940  N  N   . LEU B 1 46 ? 7.349   1.338   -8.044  1.00 7.99  ? 46  LEU B N   1 
ATOM   941  C  CA  . LEU B 1 46 ? 7.368   -0.117  -7.948  1.00 8.61  ? 46  LEU B CA  1 
ATOM   942  C  C   . LEU B 1 46 ? 8.735   -0.594  -7.454  1.00 12.45 ? 46  LEU B C   1 
ATOM   943  O  O   . LEU B 1 46 ? 8.798   -1.583  -6.718  1.00 9.68  ? 46  LEU B O   1 
ATOM   944  C  CB  . LEU B 1 46 ? 7.001   -0.786  -9.298  1.00 14.39 ? 46  LEU B CB  1 
ATOM   945  C  CG  . LEU B 1 46 ? 5.532   -0.781  -9.795  1.00 13.69 ? 46  LEU B CG  1 
ATOM   946  C  CD1 . LEU B 1 46 ? 4.614   -1.556  -8.885  1.00 11.63 ? 46  LEU B CD1 1 
ATOM   947  C  CD2 . LEU B 1 46 ? 5.058   0.609   -9.913  1.00 38.14 ? 46  LEU B CD2 1 
ATOM   948  N  N   . GLU B 1 47 ? 9.817   0.101   -7.841  1.00 9.42  ? 47  GLU B N   1 
ATOM   949  C  CA  . GLU B 1 47 ? 11.174  -0.248  -7.367  1.00 3.67  ? 47  GLU B CA  1 
ATOM   950  C  C   . GLU B 1 47 ? 11.256  -0.062  -5.853  1.00 10.05 ? 47  GLU B C   1 
ATOM   951  O  O   . GLU B 1 47 ? 11.885  -0.855  -5.128  1.00 8.78  ? 47  GLU B O   1 
ATOM   952  C  CB  . GLU B 1 47 ? 12.243  0.622   -8.038  1.00 10.51 ? 47  GLU B CB  1 
ATOM   953  C  CG  . GLU B 1 47 ? 12.603  0.215   -9.487  1.00 15.46 ? 47  GLU B CG  1 
ATOM   954  C  CD  . GLU B 1 47 ? 13.816  0.982   -10.048 1.00 18.13 ? 47  GLU B CD  1 
ATOM   955  O  OE1 . GLU B 1 47 ? 14.344  1.873   -9.342  1.00 14.42 ? 47  GLU B OE1 1 
ATOM   956  O  OE2 . GLU B 1 47 ? 14.247  0.700   -11.196 1.00 15.50 ? 47  GLU B OE2 1 
ATOM   957  N  N   . GLU B 1 48 ? 10.629  1.003   -5.367  1.00 7.47  ? 48  GLU B N   1 
ATOM   958  C  CA  . GLU B 1 48 ? 10.628  1.250   -3.934  1.00 11.99 ? 48  GLU B CA  1 
ATOM   959  C  C   . GLU B 1 48 ? 9.825   0.204   -3.167  1.00 15.18 ? 48  GLU B C   1 
ATOM   960  O  O   . GLU B 1 48 ? 10.269  -0.274  -2.129  1.00 13.64 ? 48  GLU B O   1 
ATOM   961  C  CB  . GLU B 1 48 ? 10.070  2.639   -3.648  1.00 7.18  ? 48  GLU B CB  1 
ATOM   962  C  CG  . GLU B 1 48 ? 9.462   2.833   -2.250  1.00 12.66 ? 48  GLU B CG  1 
ATOM   963  C  CD  . GLU B 1 48 ? 10.468  2.713   -1.110  1.00 14.80 ? 48  GLU B CD  1 
ATOM   964  O  OE1 . GLU B 1 48 ? 11.685  2.585   -1.360  1.00 11.65 ? 48  GLU B OE1 1 
ATOM   965  O  OE2 . GLU B 1 48 ? 10.018  2.746   0.055   1.00 9.37  ? 48  GLU B OE2 1 
ATOM   966  N  N   . GLU B 1 49 ? 8.648   -0.157  -3.670  1.00 11.36 ? 49  GLU B N   1 
ATOM   967  C  CA  . GLU B 1 49 ? 7.797   -1.132  -2.971  1.00 9.53  ? 49  GLU B CA  1 
ATOM   968  C  C   . GLU B 1 49 ? 8.311   -2.573  -3.051  1.00 7.64  ? 49  GLU B C   1 
ATOM   969  O  O   . GLU B 1 49 ? 8.263   -3.312  -2.069  1.00 12.87 ? 49  GLU B O   1 
ATOM   970  C  CB  . GLU B 1 49 ? 6.366   -1.051  -3.534  1.00 15.01 ? 49  GLU B CB  1 
ATOM   971  C  CG  . GLU B 1 49 ? 5.342   -1.948  -2.865  1.00 12.45 ? 49  GLU B CG  1 
ATOM   972  C  CD  . GLU B 1 49 ? 5.130   -1.617  -1.401  1.00 17.49 ? 49  GLU B CD  1 
ATOM   973  O  OE1 . GLU B 1 49 ? 5.171   -0.423  -1.060  1.00 13.65 ? 49  GLU B OE1 1 
ATOM   974  O  OE2 . GLU B 1 49 ? 4.908   -2.554  -0.597  1.00 30.99 ? 49  GLU B OE2 1 
ATOM   975  N  N   . PHE B 1 50 ? 8.832   -2.963  -4.211  1.00 11.92 ? 50  PHE B N   1 
ATOM   976  C  CA  . PHE B 1 50 ? 9.296   -4.323  -4.364  1.00 7.51  ? 50  PHE B CA  1 
ATOM   977  C  C   . PHE B 1 50 ? 10.787  -4.591  -4.318  1.00 13.46 ? 50  PHE B C   1 
ATOM   978  O  O   . PHE B 1 50 ? 11.248  -5.704  -4.648  1.00 13.80 ? 50  PHE B O   1 
ATOM   979  C  CB  . PHE B 1 50 ? 8.634   -4.933  -5.615  1.00 9.74  ? 50  PHE B CB  1 
ATOM   980  C  CG  . PHE B 1 50 ? 7.140   -4.881  -5.542  1.00 11.62 ? 50  PHE B CG  1 
ATOM   981  C  CD1 . PHE B 1 50 ? 6.424   -3.924  -6.233  1.00 8.97  ? 50  PHE B CD1 1 
ATOM   982  C  CD2 . PHE B 1 50 ? 6.439   -5.712  -4.658  1.00 16.40 ? 50  PHE B CD2 1 
ATOM   983  C  CE1 . PHE B 1 50 ? 5.041   -3.785  -6.053  1.00 15.92 ? 50  PHE B CE1 1 
ATOM   984  C  CE2 . PHE B 1 50 ? 5.047   -5.568  -4.477  1.00 9.62  ? 50  PHE B CE2 1 
ATOM   985  C  CZ  . PHE B 1 50 ? 4.366   -4.597  -5.178  1.00 18.02 ? 50  PHE B CZ  1 
ATOM   986  N  N   . ASP B 1 51 ? 11.550  -3.585  -3.895  1.00 12.27 ? 51  ASP B N   1 
ATOM   987  C  CA  . ASP B 1 51 ? 13.001  -3.749  -3.735  1.00 12.41 ? 51  ASP B CA  1 
ATOM   988  C  C   . ASP B 1 51 ? 13.791  -4.387  -4.902  1.00 20.13 ? 51  ASP B C   1 
ATOM   989  O  O   . ASP B 1 51 ? 14.673  -5.232  -4.694  1.00 20.22 ? 51  ASP B O   1 
ATOM   990  C  CB  . ASP B 1 51 ? 13.241  -4.562  -2.480  1.00 16.81 ? 51  ASP B CB  1 
ATOM   991  C  CG  . ASP B 1 51 ? 12.476  -4.029  -1.296  1.00 20.95 ? 51  ASP B CG  1 
ATOM   992  O  OD1 . ASP B 1 51 ? 11.726  -4.804  -0.658  1.00 17.78 ? 51  ASP B OD1 1 
ATOM   993  O  OD2 . ASP B 1 51 ? 12.610  -2.830  -1.014  1.00 16.46 ? 51  ASP B OD2 1 
ATOM   994  N  N   . THR B 1 52 ? 13.477  -3.974  -6.126  1.00 15.50 ? 52  THR B N   1 
ATOM   995  C  CA  . THR B 1 52 ? 14.165  -4.484  -7.302  1.00 13.21 ? 52  THR B CA  1 
ATOM   996  C  C   . THR B 1 52 ? 14.411  -3.341  -8.279  1.00 17.27 ? 52  THR B C   1 
ATOM   997  O  O   . THR B 1 52 ? 13.606  -2.428  -8.374  1.00 18.50 ? 52  THR B O   1 
ATOM   998  C  CB  . THR B 1 52 ? 13.345  -5.545  -8.012  1.00 21.97 ? 52  THR B CB  1 
ATOM   999  O  OG1 . THR B 1 52 ? 14.168  -6.204  -8.980  1.00 25.74 ? 52  THR B OG1 1 
ATOM   1000 C  CG2 . THR B 1 52 ? 12.157  -4.905  -8.711  1.00 19.62 ? 52  THR B CG2 1 
ATOM   1001 N  N   . GLU B 1 53 ? 15.534  -3.398  -8.993  1.00 16.18 ? 53  GLU B N   1 
ATOM   1002 C  CA  . GLU B 1 53 ? 15.897  -2.374  -9.976  1.00 7.48  ? 53  GLU B CA  1 
ATOM   1003 C  C   . GLU B 1 53 ? 15.564  -2.802  -11.393 1.00 26.14 ? 53  GLU B C   1 
ATOM   1004 O  O   . GLU B 1 53 ? 16.086  -3.825  -11.845 1.00 18.89 ? 53  GLU B O   1 
ATOM   1005 C  CB  . GLU B 1 53 ? 17.411  -2.094  -9.937  1.00 15.67 ? 53  GLU B CB  1 
ATOM   1006 C  CG  . GLU B 1 53 ? 17.873  -1.461  -8.664  1.00 31.90 ? 53  GLU B CG  1 
ATOM   1007 C  CD  . GLU B 1 53 ? 17.433  -0.031  -8.595  1.00 11.15 ? 53  GLU B CD  1 
ATOM   1008 O  OE1 . GLU B 1 53 ? 17.234  0.498   -7.472  1.00 28.54 ? 53  GLU B OE1 1 
ATOM   1009 O  OE2 . GLU B 1 53 ? 17.303  0.581   -9.681  1.00 20.57 ? 53  GLU B OE2 1 
ATOM   1010 N  N   . ILE B 1 54 ? 14.730  -2.038  -12.101 1.00 9.85  ? 54  ILE B N   1 
ATOM   1011 C  CA  . ILE B 1 54 ? 14.453  -2.421  -13.487 1.00 14.19 ? 54  ILE B CA  1 
ATOM   1012 C  C   . ILE B 1 54 ? 15.132  -1.534  -14.529 1.00 15.98 ? 54  ILE B C   1 
ATOM   1013 O  O   . ILE B 1 54 ? 14.829  -0.342  -14.645 1.00 23.11 ? 54  ILE B O   1 
ATOM   1014 C  CB  . ILE B 1 54 ? 12.943  -2.475  -13.842 1.00 18.52 ? 54  ILE B CB  1 
ATOM   1015 C  CG1 . ILE B 1 54 ? 12.802  -3.062  -15.268 1.00 22.20 ? 54  ILE B CG1 1 
ATOM   1016 C  CG2 . ILE B 1 54 ? 12.317  -1.098  -13.758 1.00 16.44 ? 54  ILE B CG2 1 
ATOM   1017 C  CD1 . ILE B 1 54 ? 11.383  -3.412  -15.690 1.00 18.84 ? 54  ILE B CD1 1 
ATOM   1018 N  N   . PRO B 1 55 ? 16.088  -2.108  -15.285 1.00 12.83 ? 55  PRO B N   1 
ATOM   1019 C  CA  . PRO B 1 55 ? 16.808  -1.375  -16.336 1.00 18.80 ? 55  PRO B CA  1 
ATOM   1020 C  C   . PRO B 1 55 ? 15.794  -0.791  -17.322 1.00 8.08  ? 55  PRO B C   1 
ATOM   1021 O  O   . PRO B 1 55 ? 14.760  -1.383  -17.575 1.00 12.29 ? 55  PRO B O   1 
ATOM   1022 C  CB  . PRO B 1 55 ? 17.675  -2.460  -16.965 1.00 15.78 ? 55  PRO B CB  1 
ATOM   1023 C  CG  . PRO B 1 55 ? 18.087  -3.249  -15.743 1.00 20.67 ? 55  PRO B CG  1 
ATOM   1024 C  CD  . PRO B 1 55 ? 16.778  -3.373  -14.970 1.00 18.65 ? 55  PRO B CD  1 
ATOM   1025 N  N   . ASP B 1 56 ? 16.087  0.373   -17.874 1.00 12.24 ? 56  ASP B N   1 
ATOM   1026 C  CA  . ASP B 1 56 ? 15.176  1.010   -18.798 1.00 15.85 ? 56  ASP B CA  1 
ATOM   1027 C  C   . ASP B 1 56 ? 14.850  0.148   -20.014 1.00 23.09 ? 56  ASP B C   1 
ATOM   1028 O  O   . ASP B 1 56 ? 13.778  0.280   -20.596 1.00 27.29 ? 56  ASP B O   1 
ATOM   1029 C  CB  . ASP B 1 56 ? 15.752  2.366   -19.231 1.00 25.38 ? 56  ASP B CB  1 
ATOM   1030 C  CG  . ASP B 1 56 ? 14.877  3.072   -20.246 1.00 27.97 ? 56  ASP B CG  1 
ATOM   1031 O  OD1 . ASP B 1 56 ? 14.923  2.698   -21.440 1.00 24.99 ? 56  ASP B OD1 1 
ATOM   1032 O  OD2 . ASP B 1 56 ? 14.136  3.992   -19.845 1.00 40.50 ? 56  ASP B OD2 1 
ATOM   1033 N  N   . GLU B 1 57 ? 15.766  -0.734  -20.392 1.00 16.63 ? 57  GLU B N   1 
ATOM   1034 C  CA  . GLU B 1 57 ? 15.541  -1.608  -21.537 1.00 19.67 ? 57  GLU B CA  1 
ATOM   1035 C  C   . GLU B 1 57 ? 14.421  -2.591  -21.234 1.00 18.26 ? 57  GLU B C   1 
ATOM   1036 O  O   . GLU B 1 57 ? 13.678  -2.994  -22.127 1.00 29.35 ? 57  GLU B O   1 
ATOM   1037 C  CB  . GLU B 1 57 ? 16.824  -2.372  -21.883 1.00 30.51 ? 57  GLU B CB  1 
ATOM   1038 C  CG  . GLU B 1 57 ? 17.421  -3.138  -20.704 1.00 44.93 ? 57  GLU B CG  1 
ATOM   1039 C  CD  . GLU B 1 57 ? 18.842  -3.618  -20.966 1.00 50.00 ? 57  GLU B CD  1 
ATOM   1040 O  OE1 . GLU B 1 57 ? 19.548  -3.962  -19.992 1.00 46.22 ? 57  GLU B OE1 1 
ATOM   1041 O  OE2 . GLU B 1 57 ? 19.250  -3.653  -22.145 1.00 55.32 ? 57  GLU B OE2 1 
ATOM   1042 N  N   . GLU B 1 58 ? 14.306  -2.977  -19.969 1.00 18.13 ? 58  GLU B N   1 
ATOM   1043 C  CA  . GLU B 1 58 ? 13.259  -3.897  -19.540 1.00 16.06 ? 58  GLU B CA  1 
ATOM   1044 C  C   . GLU B 1 58 ? 11.940  -3.164  -19.253 1.00 20.94 ? 58  GLU B C   1 
ATOM   1045 O  O   . GLU B 1 58 ? 10.863  -3.655  -19.588 1.00 17.36 ? 58  GLU B O   1 
ATOM   1046 C  CB  . GLU B 1 58 ? 13.760  -4.694  -18.327 1.00 24.97 ? 58  GLU B CB  1 
ATOM   1047 C  CG  . GLU B 1 58 ? 14.835  -5.737  -18.723 1.00 14.66 ? 58  GLU B CG  1 
ATOM   1048 C  CD  . GLU B 1 58 ? 15.566  -6.382  -17.555 1.00 37.74 ? 58  GLU B CD  1 
ATOM   1049 O  OE1 . GLU B 1 58 ? 16.572  -5.809  -17.091 1.00 38.59 ? 58  GLU B OE1 1 
ATOM   1050 O  OE2 . GLU B 1 58 ? 15.140  -7.467  -17.098 1.00 51.85 ? 58  GLU B OE2 1 
ATOM   1051 N  N   . ALA B 1 59 ? 12.025  -1.969  -18.677 1.00 11.30 ? 59  ALA B N   1 
ATOM   1052 C  CA  . ALA B 1 59 ? 10.829  -1.198  -18.369 1.00 11.26 ? 59  ALA B CA  1 
ATOM   1053 C  C   . ALA B 1 59 ? 10.024  -0.818  -19.624 1.00 10.13 ? 59  ALA B C   1 
ATOM   1054 O  O   . ALA B 1 59 ? 8.796   -0.820  -19.586 1.00 15.52 ? 59  ALA B O   1 
ATOM   1055 C  CB  . ALA B 1 59 ? 11.212  0.073   -17.603 1.00 18.13 ? 59  ALA B CB  1 
ATOM   1056 N  N   . GLU B 1 60 ? 10.722  -0.477  -20.713 1.00 9.16  ? 60  GLU B N   1 
ATOM   1057 C  CA  . GLU B 1 60 ? 10.047  -0.066  -21.951 1.00 15.82 ? 60  GLU B CA  1 
ATOM   1058 C  C   . GLU B 1 60 ? 9.183   -1.154  -22.578 1.00 17.34 ? 60  GLU B C   1 
ATOM   1059 O  O   . GLU B 1 60 ? 8.334   -0.873  -23.430 1.00 19.36 ? 60  GLU B O   1 
ATOM   1060 C  CB  . GLU B 1 60 ? 11.079  0.410   -22.968 1.00 22.76 ? 60  GLU B CB  1 
ATOM   1061 C  CG  . GLU B 1 60 ? 11.830  1.659   -22.524 1.00 35.29 ? 60  GLU B CG  1 
ATOM   1062 C  CD  . GLU B 1 60 ? 10.902  2.842   -22.307 1.00 50.33 ? 60  GLU B CD  1 
ATOM   1063 O  OE1 . GLU B 1 60 ? 10.334  3.329   -23.307 1.00 56.20 ? 60  GLU B OE1 1 
ATOM   1064 O  OE2 . GLU B 1 60 ? 10.732  3.281   -21.145 1.00 63.00 ? 60  GLU B OE2 1 
ATOM   1065 N  N   . LYS B 1 61 ? 9.395   -2.397  -22.163 1.00 19.40 ? 61  LYS B N   1 
ATOM   1066 C  CA  . LYS B 1 61 ? 8.620   -3.524  -22.694 1.00 18.67 ? 61  LYS B CA  1 
ATOM   1067 C  C   . LYS B 1 61 ? 7.303   -3.726  -21.954 1.00 20.09 ? 61  LYS B C   1 
ATOM   1068 O  O   . LYS B 1 61 ? 6.404   -4.400  -22.455 1.00 20.42 ? 61  LYS B O   1 
ATOM   1069 C  CB  . LYS B 1 61 ? 9.438   -4.816  -22.589 1.00 26.50 ? 61  LYS B CB  1 
ATOM   1070 C  CG  . LYS B 1 61 ? 10.685  -4.821  -23.447 1.00 23.69 ? 61  LYS B CG  1 
ATOM   1071 C  CD  . LYS B 1 61 ? 11.552  -6.027  -23.135 1.00 30.21 ? 61  LYS B CD  1 
ATOM   1072 C  CE  . LYS B 1 61 ? 12.756  -6.039  -24.046 1.00 45.33 ? 61  LYS B CE  1 
ATOM   1073 N  NZ  . LYS B 1 61 ? 13.681  -7.140  -23.698 1.00 62.57 ? 61  LYS B NZ  1 
ATOM   1074 N  N   . ILE B 1 62 ? 7.196   -3.135  -20.765 1.00 18.51 ? 62  ILE B N   1 
ATOM   1075 C  CA  . ILE B 1 62 ? 6.020   -3.262  -19.901 1.00 13.49 ? 62  ILE B CA  1 
ATOM   1076 C  C   . ILE B 1 62 ? 4.958   -2.178  -20.145 1.00 23.13 ? 62  ILE B C   1 
ATOM   1077 O  O   . ILE B 1 62 ? 5.097   -1.047  -19.680 1.00 18.28 ? 62  ILE B O   1 
ATOM   1078 C  CB  . ILE B 1 62 ? 6.466   -3.212  -18.427 1.00 13.30 ? 62  ILE B CB  1 
ATOM   1079 C  CG1 . ILE B 1 62 ? 7.576   -4.254  -18.204 1.00 18.58 ? 62  ILE B CG1 1 
ATOM   1080 C  CG2 . ILE B 1 62 ? 5.260   -3.462  -17.511 1.00 15.19 ? 62  ILE B CG2 1 
ATOM   1081 C  CD1 . ILE B 1 62 ? 8.184   -4.244  -16.811 1.00 15.20 ? 62  ILE B CD1 1 
ATOM   1082 N  N   . THR B 1 63 ? 3.885   -2.532  -20.847 1.00 11.95 ? 63  THR B N   1 
ATOM   1083 C  CA  . THR B 1 63 ? 2.852   -1.560  -21.156 1.00 17.63 ? 63  THR B CA  1 
ATOM   1084 C  C   . THR B 1 63 ? 1.510   -1.850  -20.481 1.00 4.52  ? 63  THR B C   1 
ATOM   1085 O  O   . THR B 1 63 ? 0.564   -1.026  -20.588 1.00 9.81  ? 63  THR B O   1 
ATOM   1086 C  CB  . THR B 1 63 ? 2.648   -1.494  -22.680 1.00 14.02 ? 63  THR B CB  1 
ATOM   1087 O  OG1 . THR B 1 63 ? 2.217   -2.775  -23.145 1.00 16.38 ? 63  THR B OG1 1 
ATOM   1088 C  CG2 . THR B 1 63 ? 3.930   -1.109  -23.366 1.00 16.87 ? 63  THR B CG2 1 
ATOM   1089 N  N   . THR B 1 64 ? 1.385   -3.001  -19.800 1.00 10.08 ? 64  THR B N   1 
ATOM   1090 C  CA  . THR B 1 64 ? 0.125   -3.340  -19.116 1.00 10.99 ? 64  THR B CA  1 
ATOM   1091 C  C   . THR B 1 64 ? 0.282   -3.754  -17.644 1.00 15.20 ? 64  THR B C   1 
ATOM   1092 O  O   . THR B 1 64 ? 1.382   -4.109  -17.190 1.00 11.70 ? 64  THR B O   1 
ATOM   1093 C  CB  . THR B 1 64 ? -0.615  -4.511  -19.804 1.00 13.70 ? 64  THR B CB  1 
ATOM   1094 O  OG1 . THR B 1 64 ? 0.104   -5.733  -19.562 1.00 9.15  ? 64  THR B OG1 1 
ATOM   1095 C  CG2 . THR B 1 64 ? -0.722  -4.274  -21.307 1.00 17.10 ? 64  THR B CG2 1 
ATOM   1096 N  N   . VAL B 1 65 ? -0.830  -3.689  -16.912 1.00 7.72  ? 65  VAL B N   1 
ATOM   1097 C  CA  . VAL B 1 65 ? -0.880  -4.086  -15.500 1.00 10.14 ? 65  VAL B CA  1 
ATOM   1098 C  C   . VAL B 1 65 ? -0.385  -5.530  -15.361 1.00 13.21 ? 65  VAL B C   1 
ATOM   1099 O  O   . VAL B 1 65 ? 0.470   -5.829  -14.516 1.00 10.71 ? 65  VAL B O   1 
ATOM   1100 C  CB  . VAL B 1 65 ? -2.323  -3.979  -14.957 1.00 8.91  ? 65  VAL B CB  1 
ATOM   1101 C  CG1 . VAL B 1 65 ? -2.399  -4.462  -13.513 1.00 15.50 ? 65  VAL B CG1 1 
ATOM   1102 C  CG2 . VAL B 1 65 ? -2.800  -2.544  -15.039 1.00 11.87 ? 65  VAL B CG2 1 
ATOM   1103 N  N   . GLN B 1 66 ? -0.904  -6.420  -16.200 1.00 13.19 ? 66  GLN B N   1 
ATOM   1104 C  CA  . GLN B 1 66 ? -0.484  -7.816  -16.118 1.00 11.66 ? 66  GLN B CA  1 
ATOM   1105 C  C   . GLN B 1 66 ? 1.028   -7.949  -16.331 1.00 9.67  ? 66  GLN B C   1 
ATOM   1106 O  O   . GLN B 1 66 ? 1.708   -8.725  -15.632 1.00 10.18 ? 66  GLN B O   1 
ATOM   1107 C  CB  . GLN B 1 66 ? -1.206  -8.662  -17.167 1.00 13.86 ? 66  GLN B CB  1 
ATOM   1108 C  CG  . GLN B 1 66 ? -0.894  -10.154 -17.090 1.00 13.88 ? 66  GLN B CG  1 
ATOM   1109 C  CD  . GLN B 1 66 ? -1.422  -10.823 -15.822 1.00 9.50  ? 66  GLN B CD  1 
ATOM   1110 O  OE1 . GLN B 1 66 ? -2.628  -10.888 -15.593 1.00 12.86 ? 66  GLN B OE1 1 
ATOM   1111 N  NE2 . GLN B 1 66 ? -0.507  -11.325 -14.999 1.00 16.87 ? 66  GLN B NE2 1 
ATOM   1112 N  N   . ALA B 1 67 ? 1.571   -7.196  -17.297 1.00 9.52  ? 67  ALA B N   1 
ATOM   1113 C  CA  . ALA B 1 67 ? 3.001   -7.269  -17.591 1.00 10.30 ? 67  ALA B CA  1 
ATOM   1114 C  C   . ALA B 1 67 ? 3.874   -6.865  -16.399 1.00 9.28  ? 67  ALA B C   1 
ATOM   1115 O  O   . ALA B 1 67 ? 4.917   -7.453  -16.165 1.00 11.08 ? 67  ALA B O   1 
ATOM   1116 C  CB  . ALA B 1 67 ? 3.325   -6.384  -18.807 1.00 14.12 ? 67  ALA B CB  1 
ATOM   1117 N  N   . ALA B 1 68 ? 3.434   -5.866  -15.652 1.00 9.69  ? 68  ALA B N   1 
ATOM   1118 C  CA  . ALA B 1 68 ? 4.190   -5.411  -14.491 1.00 9.48  ? 68  ALA B CA  1 
ATOM   1119 C  C   . ALA B 1 68 ? 4.143   -6.440  -13.360 1.00 8.74  ? 68  ALA B C   1 
ATOM   1120 O  O   . ALA B 1 68 ? 5.155   -6.662  -12.670 1.00 11.61 ? 68  ALA B O   1 
ATOM   1121 C  CB  . ALA B 1 68 ? 3.650   -4.077  -13.997 1.00 15.92 ? 68  ALA B CB  1 
ATOM   1122 N  N   . ILE B 1 69 ? 2.971   -7.045  -13.162 1.00 9.69  ? 69  ILE B N   1 
ATOM   1123 C  CA  . ILE B 1 69 ? 2.768   -8.065  -12.124 1.00 11.77 ? 69  ILE B CA  1 
ATOM   1124 C  C   . ILE B 1 69 ? 3.731   -9.197  -12.448 1.00 11.59 ? 69  ILE B C   1 
ATOM   1125 O  O   . ILE B 1 69 ? 4.474   -9.680  -11.572 1.00 8.31  ? 69  ILE B O   1 
ATOM   1126 C  CB  . ILE B 1 69 ? 1.300   -8.587  -12.101 1.00 10.21 ? 69  ILE B CB  1 
ATOM   1127 C  CG1 . ILE B 1 69 ? 0.377   -7.450  -11.633 1.00 9.69  ? 69  ILE B CG1 1 
ATOM   1128 C  CG2 . ILE B 1 69 ? 1.143   -9.817  -11.134 1.00 5.05  ? 69  ILE B CG2 1 
ATOM   1129 C  CD1 . ILE B 1 69 ? -1.118  -7.759  -11.797 1.00 11.93 ? 69  ILE B CD1 1 
ATOM   1130 N  N   . ASP B 1 70 ? 3.736   -9.606  -13.712 1.00 9.02  ? 70  ASP B N   1 
ATOM   1131 C  CA  . ASP B 1 70 ? 4.630   -10.662 -14.146 1.00 10.07 ? 70  ASP B CA  1 
ATOM   1132 C  C   . ASP B 1 70 ? 6.064   -10.358 -13.818 1.00 10.50 ? 70  ASP B C   1 
ATOM   1133 O  O   . ASP B 1 70 ? 6.760   -11.208 -13.258 1.00 11.63 ? 70  ASP B O   1 
ATOM   1134 C  CB  . ASP B 1 70 ? 4.542   -10.889 -15.655 1.00 8.75  ? 70  ASP B CB  1 
ATOM   1135 C  CG  . ASP B 1 70 ? 3.225   -11.494 -16.070 1.00 22.79 ? 70  ASP B CG  1 
ATOM   1136 O  OD1 . ASP B 1 70 ? 2.507   -11.995 -15.170 1.00 16.71 ? 70  ASP B OD1 1 
ATOM   1137 O  OD2 . ASP B 1 70 ? 2.931   -11.469 -17.295 1.00 19.45 ? 70  ASP B OD2 1 
ATOM   1138 N  N   . TYR B 1 71 ? 6.519   -9.140  -14.150 1.00 7.10  ? 71  TYR B N   1 
ATOM   1139 C  CA  . TYR B 1 71 ? 7.898   -8.763  -13.932 1.00 7.85  ? 71  TYR B CA  1 
ATOM   1140 C  C   . TYR B 1 71 ? 8.244   -8.828  -12.448 1.00 8.85  ? 71  TYR B C   1 
ATOM   1141 O  O   . TYR B 1 71 ? 9.256   -9.406  -12.059 1.00 9.68  ? 71  TYR B O   1 
ATOM   1142 C  CB  . TYR B 1 71 ? 8.194   -7.326  -14.448 1.00 8.77  ? 71  TYR B CB  1 
ATOM   1143 C  CG  . TYR B 1 71 ? 9.679   -6.961  -14.325 1.00 12.82 ? 71  TYR B CG  1 
ATOM   1144 C  CD1 . TYR B 1 71 ? 10.598  -7.330  -15.317 1.00 11.57 ? 71  TYR B CD1 1 
ATOM   1145 C  CD2 . TYR B 1 71 ? 10.165  -6.293  -13.194 1.00 14.23 ? 71  TYR B CD2 1 
ATOM   1146 C  CE1 . TYR B 1 71 ? 11.995  -7.041  -15.196 1.00 11.00 ? 71  TYR B CE1 1 
ATOM   1147 C  CE2 . TYR B 1 71 ? 11.542  -6.001  -13.054 1.00 8.22  ? 71  TYR B CE2 1 
ATOM   1148 C  CZ  . TYR B 1 71 ? 12.451  -6.373  -14.055 1.00 9.99  ? 71  TYR B CZ  1 
ATOM   1149 O  OH  . TYR B 1 71 ? 13.792  -6.070  -13.915 1.00 20.08 ? 71  TYR B OH  1 
ATOM   1150 N  N   . ILE B 1 72 ? 7.384   -8.218  -11.639 1.00 8.88  ? 72  ILE B N   1 
ATOM   1151 C  CA  . ILE B 1 72 ? 7.571   -8.185  -10.196 1.00 13.30 ? 72  ILE B CA  1 
ATOM   1152 C  C   . ILE B 1 72 ? 7.635   -9.598  -9.587  1.00 16.25 ? 72  ILE B C   1 
ATOM   1153 O  O   . ILE B 1 72 ? 8.517   -9.875  -8.763  1.00 10.02 ? 72  ILE B O   1 
ATOM   1154 C  CB  . ILE B 1 72 ? 6.471   -7.335  -9.529  1.00 11.15 ? 72  ILE B CB  1 
ATOM   1155 C  CG1 . ILE B 1 72 ? 6.663   -5.870  -9.945  1.00 16.42 ? 72  ILE B CG1 1 
ATOM   1156 C  CG2 . ILE B 1 72 ? 6.515   -7.502  -8.026  1.00 10.47 ? 72  ILE B CG2 1 
ATOM   1157 C  CD1 . ILE B 1 72 ? 5.584   -4.899  -9.445  1.00 19.33 ? 72  ILE B CD1 1 
ATOM   1158 N  N   . ASN B 1 73 ? 6.728   -10.495 -9.972  1.00 12.19 ? 73  ASN B N   1 
ATOM   1159 C  CA  . ASN B 1 73 ? 6.804   -11.847 -9.412  1.00 14.99 ? 73  ASN B CA  1 
ATOM   1160 C  C   . ASN B 1 73 ? 8.103   -12.561 -9.814  1.00 11.83 ? 73  ASN B C   1 
ATOM   1161 O  O   . ASN B 1 73 ? 8.683   -13.341 -9.020  1.00 11.20 ? 73  ASN B O   1 
ATOM   1162 C  CB  . ASN B 1 73 ? 5.574   -12.676 -9.809  1.00 12.54 ? 73  ASN B CB  1 
ATOM   1163 C  CG  . ASN B 1 73 ? 4.395   -12.414 -8.879  1.00 12.36 ? 73  ASN B CG  1 
ATOM   1164 O  OD1 . ASN B 1 73 ? 4.577   -12.302 -7.666  1.00 23.40 ? 73  ASN B OD1 1 
ATOM   1165 N  ND2 . ASN B 1 73 ? 3.197   -12.325 -9.428  1.00 17.11 ? 73  ASN B ND2 1 
ATOM   1166 N  N   . GLY B 1 74 ? 8.577   -12.287 -11.032 1.00 10.53 ? 74  GLY B N   1 
ATOM   1167 C  CA  . GLY B 1 74 ? 9.825   -12.886 -11.469 1.00 9.02  ? 74  GLY B CA  1 
ATOM   1168 C  C   . GLY B 1 74 ? 11.085  -12.231 -10.891 1.00 9.66  ? 74  GLY B C   1 
ATOM   1169 O  O   . GLY B 1 74 ? 12.109  -12.914 -10.750 1.00 18.44 ? 74  GLY B O   1 
ATOM   1170 N  N   . HIS B 1 75 ? 11.031  -10.945 -10.517 1.00 15.26 ? 75  HIS B N   1 
ATOM   1171 C  CA  . HIS B 1 75 ? 12.234  -10.264 -10.001 1.00 13.80 ? 75  HIS B CA  1 
ATOM   1172 C  C   . HIS B 1 75 ? 12.186  -9.699  -8.576  1.00 19.18 ? 75  HIS B C   1 
ATOM   1173 O  O   . HIS B 1 75 ? 13.158  -9.105  -8.121  1.00 24.96 ? 75  HIS B O   1 
ATOM   1174 C  CB  . HIS B 1 75 ? 12.626  -9.121  -10.945 1.00 12.56 ? 75  HIS B CB  1 
ATOM   1175 C  CG  . HIS B 1 75 ? 12.899  -9.560  -12.346 1.00 16.76 ? 75  HIS B CG  1 
ATOM   1176 N  ND1 . HIS B 1 75 ? 11.901  -9.908  -13.233 1.00 10.13 ? 75  HIS B ND1 1 
ATOM   1177 C  CD2 . HIS B 1 75 ? 14.066  -9.716  -13.013 1.00 12.80 ? 75  HIS B CD2 1 
ATOM   1178 C  CE1 . HIS B 1 75 ? 12.443  -10.251 -14.387 1.00 17.18 ? 75  HIS B CE1 1 
ATOM   1179 N  NE2 . HIS B 1 75 ? 13.758  -10.143 -14.281 1.00 17.07 ? 75  HIS B NE2 1 
ATOM   1180 N  N   . GLN B 1 76 ? 11.068  -9.856  -7.874  1.00 26.28 ? 76  GLN B N   1 
ATOM   1181 C  CA  . GLN B 1 76 ? 10.962  -9.333  -6.513  1.00 34.00 ? 76  GLN B CA  1 
ATOM   1182 C  C   . GLN B 1 76 ? 11.976  -9.990  -5.577  1.00 38.51 ? 76  GLN B C   1 
ATOM   1183 O  O   . GLN B 1 76 ? 12.052  -11.215 -5.497  1.00 32.18 ? 76  GLN B O   1 
ATOM   1184 C  CB  . GLN B 1 76 ? 9.552   -9.564  -5.969  1.00 52.26 ? 76  GLN B CB  1 
ATOM   1185 C  CG  . GLN B 1 76 ? 9.262   -8.852  -4.659  1.00 56.60 ? 76  GLN B CG  1 
ATOM   1186 C  CD  . GLN B 1 76 ? 7.914   -9.233  -4.077  1.00 53.13 ? 76  GLN B CD  1 
ATOM   1187 O  OE1 . GLN B 1 76 ? 7.423   -8.594  -3.142  1.00 44.60 ? 76  GLN B OE1 1 
ATOM   1188 N  NE2 . GLN B 1 76 ? 7.311   -10.286 -4.623  1.00 50.94 ? 76  GLN B NE2 1 
ATOM   1189 N  N   . ALA B 1 77 ? 12.733  -9.162  -4.858  1.00 33.87 ? 77  ALA B N   1 
ATOM   1190 C  CA  . ALA B 1 77 ? 13.750  -9.637  -3.925  1.00 40.75 ? 77  ALA B CA  1 
ATOM   1191 C  C   . ALA B 1 77 ? 13.340  -9.420  -2.473  1.00 36.41 ? 77  ALA B C   1 
ATOM   1192 O  O   . ALA B 1 77 ? 13.977  -8.578  -1.812  1.00 48.63 ? 77  ALA B O   1 
ATOM   1193 C  CB  . ALA B 1 77 ? 15.069  -8.933  -4.192  1.00 34.83 ? 77  ALA B CB  1 
ATOM   1194 O  OXT . ALA B 1 77 ? 12.393  -10.087 -2.015  1.00 35.55 ? 77  ALA B OXT 1 
HETATM 1195 ZN ZN  . ZN  C 2 .  ? 11.253  2.938   1.678   1.00 10.66 ? 401 ZN  A ZN  1 
HETATM 1196 ZN ZN  . ZN  D 2 .  ? -12.750 -7.143  14.541  1.00 11.02 ? 402 ZN  A ZN  1 
HETATM 1197 ZN ZN  . ZN  E 2 .  ? -3.605  16.447  10.111  1.00 15.89 ? 403 ZN  A ZN  1 
HETATM 1198 ZN ZN  . ZN  F 2 .  ? 0.752   11.238  21.861  1.00 18.17 ? 404 ZN  A ZN  1 
HETATM 1199 ZN ZN  . ZN  G 2 .  ? -15.914 9.328   11.209  1.00 16.96 ? 405 ZN  A ZN  1 
HETATM 1200 ZN ZN  . ZN  H 2 .  ? 1.268   -13.898 4.511   0.50 10.37 ? 406 ZN  A ZN  1 
HETATM 1201 ZN ZN  . ZN  I 2 .  ? 10.981  -3.937  1.102   1.00 18.52 ? 408 ZN  A ZN  1 
HETATM 1202 O  O23 . PM8 J 3 .  ? -18.799 4.536   19.860  1.00 52.31 ? 301 PM8 A O23 1 
HETATM 1203 P  P24 . PM8 J 3 .  ? -17.528 5.362   19.975  1.00 45.08 ? 301 PM8 A P24 1 
HETATM 1204 O  O26 . PM8 J 3 .  ? -17.722 6.486   20.995  1.00 53.73 ? 301 PM8 A O26 1 
HETATM 1205 O  O27 . PM8 J 3 .  ? -16.467 4.428   20.569  1.00 21.79 ? 301 PM8 A O27 1 
HETATM 1206 C  C28 . PM8 J 3 .  ? -15.549 5.277   21.179  1.00 33.36 ? 301 PM8 A C28 1 
HETATM 1207 C  C29 . PM8 J 3 .  ? -14.706 4.416   22.134  1.00 38.68 ? 301 PM8 A C29 1 
HETATM 1208 C  C30 . PM8 J 3 .  ? -13.599 5.309   22.619  1.00 38.24 ? 301 PM8 A C30 1 
HETATM 1209 C  C31 . PM8 J 3 .  ? -15.593 3.984   23.358  1.00 40.23 ? 301 PM8 A C31 1 
HETATM 1210 C  C32 . PM8 J 3 .  ? -14.173 3.145   21.429  1.00 38.65 ? 301 PM8 A C32 1 
HETATM 1211 O  O33 . PM8 J 3 .  ? -13.462 3.532   20.245  1.00 39.30 ? 301 PM8 A O33 1 
HETATM 1212 C  C34 . PM8 J 3 .  ? -13.246 2.305   22.360  1.00 41.62 ? 301 PM8 A C34 1 
HETATM 1213 O  O35 . PM8 J 3 .  ? -13.436 1.086   22.509  1.00 47.22 ? 301 PM8 A O35 1 
HETATM 1214 N  N36 . PM8 J 3 .  ? -12.255 2.968   22.979  1.00 40.90 ? 301 PM8 A N36 1 
HETATM 1215 C  C37 . PM8 J 3 .  ? -11.245 2.380   23.901  1.00 34.87 ? 301 PM8 A C37 1 
HETATM 1216 C  C38 . PM8 J 3 .  ? -9.956  3.361   24.137  1.00 37.05 ? 301 PM8 A C38 1 
HETATM 1217 C  C39 . PM8 J 3 .  ? -9.449  3.665   22.763  1.00 36.72 ? 301 PM8 A C39 1 
HETATM 1218 O  O40 . PM8 J 3 .  ? -9.462  4.812   22.275  1.00 37.99 ? 301 PM8 A O40 1 
HETATM 1219 N  N41 . PM8 J 3 .  ? -8.961  2.596   22.088  1.00 29.81 ? 301 PM8 A N41 1 
HETATM 1220 C  C42 . PM8 J 3 .  ? -8.578  2.704   20.695  1.00 35.15 ? 301 PM8 A C42 1 
HETATM 1221 C  C43 . PM8 J 3 .  ? -7.422  3.249   20.041  1.00 38.07 ? 301 PM8 A C43 1 
HETATM 1222 S  S1  . PM8 J 3 .  ? -7.632  3.281   18.172  1.00 40.42 ? 301 PM8 A S1  1 
HETATM 1223 C  C1  . PM8 J 3 .  ? -7.846  1.657   17.465  1.00 41.96 ? 301 PM8 A C1  1 
HETATM 1224 O  O1  . PM8 J 3 .  ? -8.491  0.793   18.052  1.00 40.52 ? 301 PM8 A O1  1 
HETATM 1225 C  C2  . PM8 J 3 .  ? -7.202  1.376   16.112  1.00 36.70 ? 301 PM8 A C2  1 
HETATM 1226 C  C3  . PM8 J 3 .  ? -6.197  0.261   16.169  1.00 28.92 ? 301 PM8 A C3  1 
HETATM 1227 C  C4  . PM8 J 3 .  ? -5.562  0.028   14.823  1.00 40.48 ? 301 PM8 A C4  1 
HETATM 1228 C  C5  . PM8 J 3 .  ? -4.427  -0.974  14.942  1.00 37.28 ? 301 PM8 A C5  1 
HETATM 1229 C  C6  . PM8 J 3 .  ? -4.901  -2.406  14.837  1.00 35.15 ? 301 PM8 A C6  1 
HETATM 1230 C  C7  . PM8 J 3 .  ? -4.204  -3.107  13.683  1.00 34.40 ? 301 PM8 A C7  1 
HETATM 1231 C  C8  . PM8 J 3 .  ? -4.157  -4.607  13.890  1.00 22.03 ? 301 PM8 A C8  1 
HETATM 1232 C  C9  . PM8 J 3 .  ? -4.289  -5.316  12.567  1.00 25.05 ? 301 PM8 A C9  1 
HETATM 1233 C  C10 . PM8 J 3 .  ? -3.837  -6.702  12.634  1.00 18.58 ? 301 PM8 A C10 1 
HETATM 1234 ZN ZN  . ZN  K 2 .  ? -6.870  -11.030 -1.461  1.00 16.08 ? 407 ZN  B ZN  1 
HETATM 1235 O  O23 . PM8 L 3 .  ? 8.010   11.527  -23.586 1.00 56.20 ? 301 PM8 B O23 1 
HETATM 1236 P  P24 . PM8 L 3 .  ? 6.516   11.715  -23.311 1.00 52.69 ? 301 PM8 B P24 1 
HETATM 1237 O  O26 . PM8 L 3 .  ? 5.962   12.852  -24.195 1.00 59.70 ? 301 PM8 B O26 1 
HETATM 1238 O  O27 . PM8 L 3 .  ? 5.781   10.397  -23.647 1.00 40.43 ? 301 PM8 B O27 1 
HETATM 1239 O  O   . HOH M 4 .  ? 7.382   -5.467  3.665   1.00 20.09 ? 409 HOH A O   1 
HETATM 1240 O  O   . HOH M 4 .  ? 9.571   -4.446  7.799   1.00 15.10 ? 410 HOH A O   1 
HETATM 1241 O  O   . HOH M 4 .  ? 9.475   -2.023  9.478   1.00 12.08 ? 411 HOH A O   1 
HETATM 1242 O  O   . HOH M 4 .  ? 10.963  0.293   10.521  1.00 31.16 ? 412 HOH A O   1 
HETATM 1243 O  O   . HOH M 4 .  ? 10.412  3.916   7.249   1.00 10.04 ? 413 HOH A O   1 
HETATM 1244 O  O   . HOH M 4 .  ? -10.661 -7.348  14.740  1.00 10.67 ? 414 HOH A O   1 
HETATM 1245 O  O   . HOH M 4 .  ? -14.975 -7.412  14.568  1.00 13.67 ? 415 HOH A O   1 
HETATM 1246 O  O   . HOH M 4 .  ? -12.957 -5.142  14.145  1.00 13.68 ? 416 HOH A O   1 
HETATM 1247 O  O   . HOH M 4 .  ? -12.666 -7.708  12.544  1.00 8.63  ? 417 HOH A O   1 
HETATM 1248 O  O   . HOH M 4 .  ? -10.651 -10.642 14.263  1.00 10.80 ? 418 HOH A O   1 
HETATM 1249 O  O   . HOH M 4 .  ? 4.413   5.112   4.171   1.00 15.63 ? 419 HOH A O   1 
HETATM 1250 O  O   . HOH M 4 .  ? 0.769   0.175   2.744   1.00 16.73 ? 420 HOH A O   1 
HETATM 1251 O  O   . HOH M 4 .  ? 0.803   -2.600  1.708   1.00 10.50 ? 421 HOH A O   1 
HETATM 1252 O  O   . HOH M 4 .  ? 0.553   0.770   -1.929  1.00 40.19 ? 422 HOH A O   1 
HETATM 1253 O  O   . HOH M 4 .  ? -1.514  0.705   0.867   1.00 18.36 ? 423 HOH A O   1 
HETATM 1254 O  O   . HOH M 4 .  ? -1.005  9.873   4.767   1.00 26.05 ? 424 HOH A O   1 
HETATM 1255 O  O   . HOH M 4 .  ? -7.439  9.732   2.791   1.00 28.15 ? 425 HOH A O   1 
HETATM 1256 O  O   . HOH M 4 .  ? -12.633 7.057   6.318   1.00 29.34 ? 426 HOH A O   1 
HETATM 1257 O  O   . HOH M 4 .  ? -7.604  14.510  4.342   1.00 25.63 ? 427 HOH A O   1 
HETATM 1258 O  O   . HOH M 4 .  ? -7.008  15.276  8.769   1.00 17.43 ? 428 HOH A O   1 
HETATM 1259 O  O   . HOH M 4 .  ? -3.504  18.293  10.910  1.00 18.19 ? 429 HOH A O   1 
HETATM 1260 O  O   . HOH M 4 .  ? -5.281  15.467  10.673  1.00 21.60 ? 430 HOH A O   1 
HETATM 1261 O  O   . HOH M 4 .  ? 3.314   19.421  6.764   1.00 14.96 ? 431 HOH A O   1 
HETATM 1262 O  O   . HOH M 4 .  ? 0.861   20.841  5.814   1.00 19.89 ? 432 HOH A O   1 
HETATM 1263 O  O   . HOH M 4 .  ? 6.901   4.388   19.840  1.00 17.51 ? 433 HOH A O   1 
HETATM 1264 O  O   . HOH M 4 .  ? 1.020   8.850   22.258  1.00 16.80 ? 434 HOH A O   1 
HETATM 1265 O  O   . HOH M 4 .  ? 2.523   11.246  20.826  1.00 15.71 ? 435 HOH A O   1 
HETATM 1266 O  O   . HOH M 4 .  ? -1.398  10.879  23.026  1.00 20.83 ? 436 HOH A O   1 
HETATM 1267 O  O   . HOH M 4 .  ? -5.343  5.616   20.572  1.00 15.12 ? 437 HOH A O   1 
HETATM 1268 O  O   . HOH M 4 .  ? -12.575 8.086   21.967  1.00 33.92 ? 438 HOH A O   1 
HETATM 1269 O  O   . HOH M 4 .  ? -10.462 -7.354  6.968   1.00 14.38 ? 439 HOH A O   1 
HETATM 1270 O  O   . HOH M 4 .  ? -6.647  -3.144  3.423   1.00 14.77 ? 440 HOH A O   1 
HETATM 1271 O  O   . HOH M 4 .  ? -0.763  -13.348 7.892   1.00 13.58 ? 441 HOH A O   1 
HETATM 1272 O  O   . HOH M 4 .  ? 0.415   -12.006 4.944   1.00 9.26  ? 442 HOH A O   1 
HETATM 1273 O  O   . HOH M 4 .  ? 3.007   -12.905 3.891   0.50 15.18 ? 443 HOH A O   1 
HETATM 1274 O  O   . HOH M 4 .  ? -3.621  -12.155 14.615  1.00 16.27 ? 444 HOH A O   1 
HETATM 1275 O  O   . HOH M 4 .  ? -0.439  -0.038  23.065  1.00 22.99 ? 445 HOH A O   1 
HETATM 1276 O  O   . HOH M 4 .  ? 9.438   -1.013  14.424  1.00 16.33 ? 446 HOH A O   1 
HETATM 1277 O  O   . HOH M 4 .  ? 9.158   -2.737  12.140  1.00 11.60 ? 447 HOH A O   1 
HETATM 1278 O  O   . HOH M 4 .  ? 8.054   -4.625  15.941  1.00 14.18 ? 448 HOH A O   1 
HETATM 1279 O  O   . HOH M 4 .  ? 1.244   -4.322  20.096  1.00 16.54 ? 449 HOH A O   1 
HETATM 1280 O  O   . HOH M 4 .  ? 2.068   -6.995  20.083  1.00 18.44 ? 450 HOH A O   1 
HETATM 1281 O  O   . HOH M 4 .  ? 5.709   -13.937 16.567  1.00 15.99 ? 451 HOH A O   1 
HETATM 1282 O  O   . HOH M 4 .  ? -1.438  -13.015 19.912  1.00 8.10  ? 452 HOH A O   1 
HETATM 1283 O  O   . HOH M 4 .  ? 7.666   -7.023  1.877   1.00 34.31 ? 453 HOH A O   1 
HETATM 1284 O  O   . HOH M 4 .  ? 9.078   -6.199  5.439   1.00 29.01 ? 454 HOH A O   1 
HETATM 1285 O  O   . HOH M 4 .  ? 11.219  1.287   7.862   1.00 26.17 ? 455 HOH A O   1 
HETATM 1286 O  O   . HOH M 4 .  ? 12.315  -1.142  9.492   1.00 25.17 ? 456 HOH A O   1 
HETATM 1287 O  O   . HOH M 4 .  ? 9.493   -5.862  9.855   1.00 14.85 ? 457 HOH A O   1 
HETATM 1288 O  O   . HOH M 4 .  ? 11.528  0.304   12.953  1.00 23.60 ? 458 HOH A O   1 
HETATM 1289 O  O   . HOH M 4 .  ? 9.750   3.064   16.130  1.00 37.12 ? 459 HOH A O   1 
HETATM 1290 O  O   . HOH M 4 .  ? 8.482   8.725   13.956  1.00 35.34 ? 460 HOH A O   1 
HETATM 1291 O  O   . HOH M 4 .  ? -6.187  1.722   3.347   1.00 24.08 ? 461 HOH A O   1 
HETATM 1292 O  O   . HOH M 4 .  ? -8.572  11.477  11.714  1.00 16.04 ? 462 HOH A O   1 
HETATM 1293 O  O   . HOH M 4 .  ? 2.924   14.102  2.866   1.00 32.86 ? 463 HOH A O   1 
HETATM 1294 O  O   . HOH M 4 .  ? -1.001  14.187  2.740   1.00 29.14 ? 464 HOH A O   1 
HETATM 1295 O  O   . HOH M 4 .  ? 0.778   12.448  2.958   1.00 21.91 ? 465 HOH A O   1 
HETATM 1296 O  O   . HOH M 4 .  ? 2.425   19.584  0.005   1.00 21.80 ? 466 HOH A O   1 
HETATM 1297 O  O   . HOH M 4 .  ? 4.056   15.619  13.778  1.00 27.00 ? 467 HOH A O   1 
HETATM 1298 O  O   . HOH M 4 .  ? -5.542  15.347  15.096  1.00 29.17 ? 468 HOH A O   1 
HETATM 1299 O  O   . HOH M 4 .  ? 7.642   9.118   17.022  1.00 22.22 ? 469 HOH A O   1 
HETATM 1300 O  O   . HOH M 4 .  ? 9.402   3.224   19.755  1.00 36.09 ? 470 HOH A O   1 
HETATM 1301 O  O   . HOH M 4 .  ? 3.987   6.638   22.452  1.00 21.98 ? 471 HOH A O   1 
HETATM 1302 O  O   . HOH M 4 .  ? -5.710  8.433   22.614  1.00 20.97 ? 472 HOH A O   1 
HETATM 1303 O  O   . HOH M 4 .  ? -1.250  10.028  25.456  1.00 20.42 ? 473 HOH A O   1 
HETATM 1304 O  O   . HOH M 4 .  ? -3.078  15.471  26.102  1.00 15.80 ? 474 HOH A O   1 
HETATM 1305 O  O   . HOH M 4 .  ? -12.678 -3.377  16.382  1.00 23.98 ? 475 HOH A O   1 
HETATM 1306 O  O   . HOH M 4 .  ? -11.932 -1.092  6.406   1.00 19.80 ? 476 HOH A O   1 
HETATM 1307 O  O   . HOH M 4 .  ? -12.510 -6.450  5.550   1.00 30.40 ? 477 HOH A O   1 
HETATM 1308 O  O   . HOH M 4 .  ? -5.135  -10.769 2.419   1.00 17.34 ? 478 HOH A O   1 
HETATM 1309 O  O   . HOH M 4 .  ? -8.155  -10.799 7.664   1.00 23.18 ? 479 HOH A O   1 
HETATM 1310 O  O   . HOH M 4 .  ? -7.308  -13.378 7.061   1.00 17.84 ? 480 HOH A O   1 
HETATM 1311 O  O   . HOH M 4 .  ? -9.540  -13.761 4.669   1.00 14.52 ? 481 HOH A O   1 
HETATM 1312 O  O   . HOH M 4 .  ? -9.901  -2.778  0.340   1.00 19.73 ? 482 HOH A O   1 
HETATM 1313 O  O   . HOH M 4 .  ? -13.946 -6.929  2.410   1.00 26.13 ? 483 HOH A O   1 
HETATM 1314 O  O   . HOH M 4 .  ? -15.482 -5.859  0.371   1.00 21.30 ? 484 HOH A O   1 
HETATM 1315 O  O   . HOH M 4 .  ? 1.642   -8.663  3.088   1.00 29.03 ? 485 HOH A O   1 
HETATM 1316 O  O   . HOH M 4 .  ? -0.704  -15.048 5.183   0.50 21.07 ? 486 HOH A O   1 
HETATM 1317 O  O   . HOH M 4 .  ? -7.614  -16.352 6.030   1.00 26.74 ? 487 HOH A O   1 
HETATM 1318 O  O   . HOH M 4 .  ? -1.614  -14.416 11.559  1.00 24.04 ? 488 HOH A O   1 
HETATM 1319 O  O   . HOH M 4 .  ? -2.820  -14.970 13.723  1.00 23.99 ? 489 HOH A O   1 
HETATM 1320 O  O   . HOH M 4 .  ? -7.103  -13.990 16.389  1.00 20.84 ? 490 HOH A O   1 
HETATM 1321 O  O   . HOH M 4 .  ? -5.524  -14.782 12.037  1.00 29.06 ? 491 HOH A O   1 
HETATM 1322 O  O   . HOH M 4 .  ? -3.806  -12.244 19.935  1.00 24.33 ? 492 HOH A O   1 
HETATM 1323 O  O   . HOH M 4 .  ? -4.435  -13.012 23.189  1.00 21.53 ? 493 HOH A O   1 
HETATM 1324 O  O   . HOH M 4 .  ? -11.876 -3.491  18.886  1.00 20.49 ? 494 HOH A O   1 
HETATM 1325 O  O   . HOH M 4 .  ? -9.351  -4.335  26.019  1.00 19.77 ? 495 HOH A O   1 
HETATM 1326 O  O   . HOH M 4 .  ? -3.568  -5.564  22.571  1.00 27.00 ? 496 HOH A O   1 
HETATM 1327 O  O   . HOH M 4 .  ? -13.614 -1.162  26.869  1.00 31.46 ? 497 HOH A O   1 
HETATM 1328 O  O   . HOH M 4 .  ? 4.192   4.030   21.262  1.00 27.07 ? 498 HOH A O   1 
HETATM 1329 O  O   . HOH M 4 .  ? 3.648   -0.198  23.136  1.00 31.64 ? 499 HOH A O   1 
HETATM 1330 O  O   . HOH M 4 .  ? 3.607   -3.264  21.461  1.00 17.21 ? 500 HOH A O   1 
HETATM 1331 O  O   . HOH M 4 .  ? 5.153   -4.807  22.720  1.00 33.41 ? 501 HOH A O   1 
HETATM 1332 O  O   . HOH M 4 .  ? 6.265   -7.748  17.860  1.00 22.12 ? 502 HOH A O   1 
HETATM 1333 O  O   . HOH M 4 .  ? 7.657   -9.769  17.844  1.00 27.01 ? 503 HOH A O   1 
HETATM 1334 O  O   . HOH M 4 .  ? 8.099   -8.114  4.224   1.00 27.31 ? 504 HOH A O   1 
HETATM 1335 O  O   . HOH M 4 .  ? 6.831   9.688   9.353   1.00 28.16 ? 505 HOH A O   1 
HETATM 1336 O  O   . HOH M 4 .  ? -3.081  3.203   1.247   1.00 33.25 ? 506 HOH A O   1 
HETATM 1337 O  O   . HOH M 4 .  ? -4.924  10.699  3.314   1.00 32.18 ? 507 HOH A O   1 
HETATM 1338 O  O   . HOH M 4 .  ? -9.134  14.026  10.127  1.00 23.32 ? 508 HOH A O   1 
HETATM 1339 O  O   . HOH M 4 .  ? 2.145   17.249  3.344   1.00 33.75 ? 509 HOH A O   1 
HETATM 1340 O  O   . HOH M 4 .  ? 1.801   17.370  0.881   1.00 26.64 ? 510 HOH A O   1 
HETATM 1341 O  O   . HOH M 4 .  ? -1.984  15.896  17.061  1.00 26.60 ? 511 HOH A O   1 
HETATM 1342 O  O   . HOH M 4 .  ? 1.043   13.414  15.217  1.00 20.39 ? 512 HOH A O   1 
HETATM 1343 O  O   . HOH M 4 .  ? 0.708   17.904  12.505  1.00 30.67 ? 513 HOH A O   1 
HETATM 1344 O  O   . HOH M 4 .  ? 6.558   12.281  19.408  1.00 22.57 ? 514 HOH A O   1 
HETATM 1345 O  O   . HOH M 4 .  ? -12.637 7.351   19.375  1.00 34.60 ? 515 HOH A O   1 
HETATM 1346 O  O   . HOH M 4 .  ? -8.991  12.372  22.445  1.00 29.22 ? 516 HOH A O   1 
HETATM 1347 O  O   . HOH M 4 .  ? -17.858 7.290   13.978  1.00 19.87 ? 517 HOH A O   1 
HETATM 1348 O  O   . HOH M 4 .  ? -17.857 8.097   11.593  1.00 22.53 ? 518 HOH A O   1 
HETATM 1349 O  O   . HOH M 4 .  ? -16.905 8.804   20.232  1.00 36.17 ? 519 HOH A O   1 
HETATM 1350 O  O   . HOH M 4 .  ? -14.636 8.212   10.060  1.00 19.45 ? 520 HOH A O   1 
HETATM 1351 O  O   . HOH M 4 .  ? -6.058  -4.795  1.500   1.00 22.22 ? 521 HOH A O   1 
HETATM 1352 O  O   . HOH M 4 .  ? -8.606  -10.866 2.427   1.00 39.55 ? 522 HOH A O   1 
HETATM 1353 O  O   . HOH M 4 .  ? -4.541  -17.193 6.461   0.50 31.56 ? 523 HOH A O   1 
HETATM 1354 O  O   . HOH M 4 .  ? -9.873  -13.311 22.747  1.00 31.84 ? 524 HOH A O   1 
HETATM 1355 O  O   . HOH M 4 .  ? 6.071   -10.012 9.393   1.00 31.68 ? 525 HOH A O   1 
HETATM 1356 O  O   . HOH M 4 .  ? -4.613  4.653   -3.865  1.00 39.81 ? 526 HOH A O   1 
HETATM 1357 O  O   . HOH M 4 .  ? 3.077   0.652   0.315   1.00 32.69 ? 527 HOH A O   1 
HETATM 1358 O  O   . HOH M 4 .  ? -2.117  -3.511  -1.150  1.00 23.84 ? 528 HOH A O   1 
HETATM 1359 O  O   . HOH M 4 .  ? -3.067  -1.342  0.779   1.00 26.76 ? 529 HOH A O   1 
HETATM 1360 O  O   . HOH M 4 .  ? -6.956  7.940   -3.331  1.00 30.82 ? 530 HOH A O   1 
HETATM 1361 O  O   . HOH M 4 .  ? -5.677  10.269  -2.071  1.00 29.35 ? 531 HOH A O   1 
HETATM 1362 O  O   . HOH M 4 .  ? 1.938   17.394  14.735  1.00 27.62 ? 532 HOH A O   1 
HETATM 1363 O  O   . HOH M 4 .  ? -8.377  9.861   23.762  1.00 32.65 ? 533 HOH A O   1 
HETATM 1364 O  O   . HOH M 4 .  ? -6.093  14.225  12.609  1.00 28.52 ? 534 HOH A O   1 
HETATM 1365 O  O   . HOH M 4 .  ? -19.176 8.444   9.326   1.00 29.02 ? 535 HOH A O   1 
HETATM 1366 O  O   . HOH M 4 .  ? -19.291 7.385   23.464  1.00 30.39 ? 536 HOH A O   1 
HETATM 1367 O  O   . HOH M 4 .  ? -18.698 9.166   24.886  1.00 31.93 ? 537 HOH A O   1 
HETATM 1368 O  O   . HOH M 4 .  ? -13.237 -5.213  24.594  1.00 30.19 ? 538 HOH A O   1 
HETATM 1369 O  O   . HOH M 4 .  ? 7.341   8.562   7.278   1.00 32.58 ? 539 HOH A O   1 
HETATM 1370 O  O   . HOH M 4 .  ? 0.620   10.303  1.699   1.00 26.55 ? 540 HOH A O   1 
HETATM 1371 O  O   . HOH M 4 .  ? -12.321 4.993   8.692   1.00 29.92 ? 541 HOH A O   1 
HETATM 1372 O  O   . HOH M 4 .  ? -14.552 8.695   7.884   1.00 31.50 ? 542 HOH A O   1 
HETATM 1373 O  O   . HOH M 4 .  ? -11.052 12.318  24.930  1.00 27.60 ? 543 HOH A O   1 
HETATM 1374 O  O   . HOH M 4 .  ? -11.372 11.451  27.926  1.00 26.09 ? 544 HOH A O   1 
HETATM 1375 O  O   . HOH M 4 .  ? -8.669  2.286   14.029  1.00 40.00 ? 545 HOH A O   1 
HETATM 1376 O  O   . HOH M 4 .  ? -4.932  -16.379 4.222   1.00 23.63 ? 546 HOH A O   1 
HETATM 1377 O  O   . HOH M 4 .  ? -2.136  -15.705 9.763   1.00 32.92 ? 547 HOH A O   1 
HETATM 1378 O  O   . HOH M 4 .  ? -9.683  -9.541  27.883  1.00 31.75 ? 548 HOH A O   1 
HETATM 1379 O  O   . HOH M 4 .  ? -3.692  -6.238  24.938  1.00 31.32 ? 549 HOH A O   1 
HETATM 1380 O  O   . HOH M 4 .  ? 1.828   1.296   22.985  1.00 22.84 ? 550 HOH A O   1 
HETATM 1381 O  O   . HOH M 4 .  ? 11.080  3.290   13.593  1.00 11.18 ? 551 HOH A O   1 
HETATM 1382 O  O   . HOH M 4 .  ? 4.765   1.940   1.571   1.00 32.29 ? 552 HOH A O   1 
HETATM 1383 O  O   . HOH M 4 .  ? -5.910  -0.936  2.681   1.00 32.30 ? 553 HOH A O   1 
HETATM 1384 O  O   . HOH M 4 .  ? -8.173  4.054   0.414   1.00 36.14 ? 554 HOH A O   1 
HETATM 1385 O  O   . HOH M 4 .  ? 3.002   14.889  0.573   1.00 37.62 ? 555 HOH A O   1 
HETATM 1386 O  O   . HOH M 4 .  ? -13.044 -8.400  26.447  1.00 30.44 ? 556 HOH A O   1 
HETATM 1387 O  O   . HOH M 4 .  ? -4.902  0.546   26.663  1.00 26.89 ? 557 HOH A O   1 
HETATM 1388 O  O   . HOH M 4 .  ? 9.763   -5.810  1.508   1.00 28.85 ? 558 HOH A O   1 
HETATM 1389 O  O   . HOH M 4 .  ? -10.883 6.787   4.473   1.00 32.21 ? 559 HOH A O   1 
HETATM 1390 O  O   . HOH M 4 .  ? 8.773   12.746  16.778  1.00 28.58 ? 560 HOH A O   1 
HETATM 1391 O  O   . HOH M 4 .  ? 1.977   13.192  17.863  1.00 31.08 ? 561 HOH A O   1 
HETATM 1392 O  O   . HOH M 4 .  ? -10.643 8.754   24.479  1.00 33.98 ? 562 HOH A O   1 
HETATM 1393 O  O   . HOH M 4 .  ? 0.766   15.129  18.315  1.00 32.35 ? 563 HOH A O   1 
HETATM 1394 O  O   . HOH M 4 .  ? -0.407  -6.709  22.346  1.00 36.29 ? 564 HOH A O   1 
HETATM 1395 O  O   . HOH M 4 .  ? -3.752  6.612   -2.653  1.00 31.44 ? 565 HOH A O   1 
HETATM 1396 O  O   . HOH M 4 .  ? -6.037  2.741   -5.094  1.00 33.72 ? 566 HOH A O   1 
HETATM 1397 O  O   . HOH M 4 .  ? 0.849   -5.193  24.435  1.00 29.18 ? 567 HOH A O   1 
HETATM 1398 O  O   . HOH M 4 .  ? -11.423 3.209   -1.481  1.00 33.73 ? 568 HOH A O   1 
HETATM 1399 O  O   . HOH M 4 .  ? -8.249  -14.011 29.564  1.00 28.28 ? 569 HOH A O   1 
HETATM 1400 O  O   . HOH N 4 .  ? 12.216  4.621   1.233   1.00 14.42 ? 408 HOH B O   1 
HETATM 1401 O  O   . HOH N 4 .  ? 12.904  -0.129  -0.276  1.00 16.53 ? 409 HOH B O   1 
HETATM 1402 O  O   . HOH N 4 .  ? 14.227  -1.481  -1.162  1.00 3.23  ? 410 HOH B O   1 
HETATM 1403 O  O   . HOH N 4 .  ? 2.190   -2.828  -0.886  1.00 19.74 ? 411 HOH B O   1 
HETATM 1404 O  O   . HOH N 4 .  ? 0.054   -1.867  -2.151  1.00 12.16 ? 412 HOH B O   1 
HETATM 1405 O  O   . HOH N 4 .  ? 2.546   -9.994  -0.591  1.00 18.01 ? 413 HOH B O   1 
HETATM 1406 O  O   . HOH N 4 .  ? 0.060   -12.247 -7.228  1.00 15.24 ? 414 HOH B O   1 
HETATM 1407 O  O   . HOH N 4 .  ? 1.499   -13.246 -3.712  1.00 11.84 ? 415 HOH B O   1 
HETATM 1408 O  O   . HOH N 4 .  ? -8.760  7.741   -7.862  1.00 34.36 ? 416 HOH B O   1 
HETATM 1409 O  O   . HOH N 4 .  ? -1.574  -11.684 -12.092 1.00 14.78 ? 417 HOH B O   1 
HETATM 1410 O  O   . HOH N 4 .  ? -4.545  -12.035 -6.301  1.00 13.43 ? 418 HOH B O   1 
HETATM 1411 O  O   . HOH N 4 .  ? -6.378  -12.896 -4.565  1.00 14.72 ? 419 HOH B O   1 
HETATM 1412 O  O   . HOH N 4 .  ? -4.644  -13.644 -11.885 1.00 18.63 ? 420 HOH B O   1 
HETATM 1413 O  O   . HOH N 4 .  ? -4.266  -13.014 -14.653 1.00 18.66 ? 421 HOH B O   1 
HETATM 1414 O  O   . HOH N 4 .  ? -5.668  -4.248  -5.207  1.00 12.82 ? 422 HOH B O   1 
HETATM 1415 O  O   . HOH N 4 .  ? 2.407   10.031  -11.253 1.00 27.27 ? 423 HOH B O   1 
HETATM 1416 O  O   . HOH N 4 .  ? -8.541  -7.581  -17.056 1.00 22.30 ? 424 HOH B O   1 
HETATM 1417 O  O   . HOH N 4 .  ? 0.793   1.819   -21.817 1.00 14.32 ? 425 HOH B O   1 
HETATM 1418 O  O   . HOH N 4 .  ? 12.412  4.460   -6.066  1.00 14.81 ? 426 HOH B O   1 
HETATM 1419 O  O   . HOH N 4 .  ? 6.005   3.219   -3.934  1.00 15.29 ? 427 HOH B O   1 
HETATM 1420 O  O   . HOH N 4 .  ? 16.333  3.773   -8.083  1.00 9.54  ? 428 HOH B O   1 
HETATM 1421 O  O   . HOH N 4 .  ? 14.910  3.911   -14.058 1.00 10.00 ? 429 HOH B O   1 
HETATM 1422 O  O   . HOH N 4 .  ? 3.380   -5.024  -22.046 1.00 25.83 ? 430 HOH B O   1 
HETATM 1423 O  O   . HOH N 4 .  ? 3.653   -4.293  -24.793 1.00 17.53 ? 431 HOH B O   1 
HETATM 1424 O  O   . HOH N 4 .  ? 6.497   -8.853  -17.873 1.00 18.68 ? 432 HOH B O   1 
HETATM 1425 O  O   . HOH N 4 .  ? 7.819   -5.917  -0.536  1.00 30.56 ? 433 HOH B O   1 
HETATM 1426 O  O   . HOH N 4 .  ? 7.378   2.928   0.726   1.00 18.57 ? 434 HOH B O   1 
HETATM 1427 O  O   . HOH N 4 .  ? 3.903   13.793  -10.005 1.00 29.09 ? 435 HOH B O   1 
HETATM 1428 O  O   . HOH N 4 .  ? -6.072  -6.870  -0.040  1.00 26.17 ? 436 HOH B O   1 
HETATM 1429 O  O   . HOH N 4 .  ? -7.365  -6.764  -6.614  1.00 18.33 ? 437 HOH B O   1 
HETATM 1430 O  O   . HOH N 4 .  ? -12.179 1.188   -5.147  1.00 32.73 ? 438 HOH B O   1 
HETATM 1431 O  O   . HOH N 4 .  ? -9.492  -0.161  -17.474 1.00 23.83 ? 439 HOH B O   1 
HETATM 1432 O  O   . HOH N 4 .  ? -6.746  -11.737 -15.306 1.00 28.86 ? 440 HOH B O   1 
HETATM 1433 O  O   . HOH N 4 .  ? -4.307  -10.717 -18.012 1.00 27.34 ? 441 HOH B O   1 
HETATM 1434 O  O   . HOH N 4 .  ? -8.854  -7.538  -13.947 1.00 23.15 ? 442 HOH B O   1 
HETATM 1435 O  O   . HOH N 4 .  ? -3.202  0.408   -27.400 1.00 29.40 ? 443 HOH B O   1 
HETATM 1436 O  O   . HOH N 4 .  ? 2.664   8.811   -21.583 1.00 36.47 ? 444 HOH B O   1 
HETATM 1437 O  O   . HOH N 4 .  ? 12.404  5.678   -16.493 1.00 16.73 ? 445 HOH B O   1 
HETATM 1438 O  O   . HOH N 4 .  ? 5.796   5.230   -1.742  1.00 28.39 ? 446 HOH B O   1 
HETATM 1439 O  O   . HOH N 4 .  ? 13.707  -6.803  0.302   0.50 20.45 ? 447 HOH B O   1 
HETATM 1440 O  O   . HOH N 4 .  ? 7.494   -1.754  -13.875 1.00 34.66 ? 448 HOH B O   1 
HETATM 1441 O  O   . HOH N 4 .  ? 20.481  -1.764  -18.570 1.00 31.04 ? 449 HOH B O   1 
HETATM 1442 O  O   . HOH N 4 .  ? 10.521  -6.487  -19.054 1.00 19.73 ? 450 HOH B O   1 
HETATM 1443 O  O   . HOH N 4 .  ? 6.399   -0.100  -15.452 1.00 36.57 ? 451 HOH B O   1 
HETATM 1444 O  O   . HOH N 4 .  ? -0.314  -7.488  -21.250 1.00 22.28 ? 452 HOH B O   1 
HETATM 1445 O  O   . HOH N 4 .  ? 17.014  -1.033  1.255   1.00 32.08 ? 453 HOH B O   1 
HETATM 1446 O  O   . HOH N 4 .  ? 14.664  -2.040  0.950   1.00 25.14 ? 454 HOH B O   1 
HETATM 1447 O  O   . HOH N 4 .  ? -6.696  -8.581  -8.333  1.00 17.24 ? 455 HOH B O   1 
HETATM 1448 O  O   . HOH N 4 .  ? -8.164  -10.887 -7.616  1.00 23.30 ? 456 HOH B O   1 
HETATM 1449 O  O   . HOH N 4 .  ? -8.654  -5.562  -11.358 1.00 37.36 ? 457 HOH B O   1 
HETATM 1450 O  O   . HOH N 4 .  ? -4.138  9.143   -6.481  1.00 38.51 ? 458 HOH B O   1 
HETATM 1451 O  O   . HOH N 4 .  ? -10.108 -3.170  -5.379  1.00 28.58 ? 459 HOH B O   1 
HETATM 1452 O  O   . HOH N 4 .  ? -15.937 4.008   -7.607  1.00 40.07 ? 460 HOH B O   1 
HETATM 1453 O  O   . HOH N 4 .  ? 5.599   2.072   -18.671 1.00 29.95 ? 461 HOH B O   1 
HETATM 1454 O  O   . HOH N 4 .  ? 9.672   3.381   -18.869 1.00 28.53 ? 462 HOH B O   1 
HETATM 1455 O  O   . HOH N 4 .  ? 10.203  -2.073  -11.616 1.00 37.06 ? 463 HOH B O   1 
HETATM 1456 O  O   . HOH N 4 .  ? 12.780  -7.661  -19.245 1.00 37.24 ? 464 HOH B O   1 
HETATM 1457 O  O   . HOH N 4 .  ? 7.894   2.867   -24.150 1.00 33.93 ? 465 HOH B O   1 
HETATM 1458 O  O   . HOH N 4 .  ? 8.135   -7.929  -20.224 1.00 23.06 ? 466 HOH B O   1 
HETATM 1459 O  O   . HOH N 4 .  ? 3.196   -13.473 -11.348 1.00 23.37 ? 467 HOH B O   1 
HETATM 1460 O  O   . HOH N 4 .  ? 3.553   7.767   -11.299 1.00 29.59 ? 468 HOH B O   1 
HETATM 1461 O  O   . HOH N 4 .  ? 7.421   5.571   -3.735  1.00 22.18 ? 469 HOH B O   1 
HETATM 1462 O  O   . HOH N 4 .  ? 3.049   9.326   -3.659  1.00 36.38 ? 470 HOH B O   1 
HETATM 1463 O  O   . HOH N 4 .  ? -9.818  2.762   -22.563 1.00 30.73 ? 471 HOH B O   1 
HETATM 1464 O  O   . HOH N 4 .  ? 6.825   8.302   -24.967 1.00 34.61 ? 472 HOH B O   1 
HETATM 1465 O  O   . HOH N 4 .  ? 3.694   5.883   -25.201 1.00 34.99 ? 473 HOH B O   1 
HETATM 1466 O  O   . HOH N 4 .  ? 3.362   9.877   -9.068  1.00 33.33 ? 474 HOH B O   1 
HETATM 1467 O  O   . HOH N 4 .  ? 14.489  3.261   -12.175 1.00 29.99 ? 475 HOH B O   1 
HETATM 1468 O  O   . HOH N 4 .  ? 13.624  3.434   -17.296 1.00 25.88 ? 476 HOH B O   1 
HETATM 1469 O  O   . HOH N 4 .  ? 5.909   2.216   -0.947  1.00 28.28 ? 477 HOH B O   1 
HETATM 1470 O  O   . HOH N 4 .  ? 3.686   4.838   -4.329  1.00 34.60 ? 478 HOH B O   1 
HETATM 1471 O  O   . HOH N 4 .  ? -7.662  -3.343  -9.127  1.00 29.20 ? 479 HOH B O   1 
HETATM 1472 O  O   . HOH N 4 .  ? -5.099  -4.152  -2.116  1.00 33.42 ? 480 HOH B O   1 
HETATM 1473 O  O   . HOH N 4 .  ? 10.491  12.171  -10.152 1.00 32.21 ? 481 HOH B O   1 
HETATM 1474 O  O   . HOH N 4 .  ? 13.570  -6.876  -27.408 1.00 32.59 ? 482 HOH B O   1 
HETATM 1475 O  O   . HOH N 4 .  ? 4.855   9.724   -2.192  1.00 34.03 ? 483 HOH B O   1 
# 
